data_8XJZ
#
_entry.id   8XJZ
#
_cell.length_a   1.00
_cell.length_b   1.00
_cell.length_c   1.00
_cell.angle_alpha   90.00
_cell.angle_beta   90.00
_cell.angle_gamma   90.00
#
_symmetry.space_group_name_H-M   'P 1'
#
loop_
_entity.id
_entity.type
_entity.pdbx_description
1 polymer 'Polyketide synthase'
2 polymer 'Peptide synthetase'
3 polymer 'polypeptide from ClbH'
#
loop_
_entity_poly.entity_id
_entity_poly.type
_entity_poly.pdbx_seq_one_letter_code
_entity_poly.pdbx_strand_id
1 'polypeptide(L)'
;MAENDFGIAIIGMAGRFPQADTVQAFWENLLASRECISFYSDEELLAMGISPEFVQHPDYVKAKGEVADIDKFDAAFFGI
APREAELMDPQHRVLLETAWAAFEDAGYVAADYPGDVGIFAGKSMDSYLMLNLMPHFKRVFSSGSLQAAIGNDKDSITTT
IAYHLNLRGPAITVQTSSSTSLVAVCVACQSLLTWQCDMAIAGGVTLGPPAKTGYLSQEGGITAADGHCRAFSDNSSGFV
PGTGAGLVVLKRVDEALRDGDNIYAVIKGFAVNNDGSEKISYTAPSVDAQARAIAQAQRLAGLTPQDITYVEAHGTGTRL
GDPVEFSALSQAFAGASQKQYCALGSVKTNIGHLDTAAGVAGLIKTALAVQQGIIPATLHFERPNAQIDLTNSPFYINTT
CQPWQPESGIRRAGVTSLGMGGTNAHVVLEQAPAVDLQARAPVPAYSILPFSAKTDSALSSGLARFADFLQHESLPDRRD
LAWTLSQGRKAFAHRAALVTRDLHAAGTLLQQAATAPFARGVAQTQLGLGLLFSGQGSQYQRMGHQLYQVWPAYADAFDR
CATLLEREYQLDIRHELFRAEVSLAQGERLAQTCLTQPLLFSVEYALAQLWLSWGITPTVMIGHSLGEWVAATLAGVFSL
EDALRLVARRAELMHQAPSGAMLMVALPEAQIRALITAPLAIAAVNAPDYSVIAGPTSEILAVSQRLTEQNIINKRLHTS
HAFHSSMMQDAAQALRQAFENVRLNPPTLTIISTVTGAHVSADTLTTPDYWIEQMLMPVQFSAALQEAQATFDVDFLEIG
PGATLTQLTNGHALGDRLAFSSLPAGARSSDEHKHILDTVAALWVRGHNIDLSAFAGEQPRRVSLPTYAFDKIRYWVDSP
EEQRSAVTPVADAGSKLSSGLEVLFQGPSSGHHHHHHHHHH
;
A,B
2 'polypeptide(L)'
;MGSSHHHHHHSSGLVPRGSHMASMTGGQQMGRGSEFMEQQGIMRQLPTDDQTIVDYLYRIAGEYGEKAAVLMGDAALSYH
DLNARSNQLAHYLRGLGIGEDRVVAIRLPRGMAMLIAIFAIVKAGGAYLPLAYNAPRSRIENILSNSGAVCLIGTDDGDR
WPIPRVEIDSAAVSAMPTTDLRYRPHARQLAYIIYTSGSTGVPKGVATEHAALLNRIVWMQNAYPISSQDVLFQKTVYTF
DVSVWEMFWWAMYGASVVLLPSGLESDPRTLARLIQRHRVSVVHFVPSMLNLFVEYLEMKQDPRLTASLRLVFSSGEKLT
VHSVARFYQSVAQGDLINLYGPTEAAIDVSHHRCLRGYDYDDIPIGQAIDGCRLYVLDDHGNPVADGEEGELYLAGIGLA
RGYLNNVALTDRCFTIHPTLRHLGKPERLYKTGDLVWRDGESQQIHYIGRNDFQIKIRGLRVELGEIEAHAMRFPGVQQA
VVVADQDDPDNQLIYAFVVSSVPLNLAALMDALSKNLPAYMLPNRLLAMSELPLSDNGKCCRKTLLDLARAYSASRVDLR
ETPAVRYLPLSSAQSSMWFMQQLAPHTALYNNPTALLLEGELDRTRMDGAIRQLMSRHTLLRAMAETHNGQPVLAVPQCV
SSQALLTIVPLPSVSDDNALQAMINQRAAHPMPLTSGTPLCRFELLTLDDDRSVLLIHLHHIISDGWSKGVLLRELQAAY
NGESLTPEPLLEYADYMEYQEEWRQSDAYQDAMRYWQNTLAGTLPILDIPTDQPRQKVARYQGAFVAFALSANTCERVLA
AARAQRVSLYNYLLTAFVLLLHRNARQQEYIVGMPIAARLTKEQEHMIAPLVNVLPLRLPLDEAASFSELVQTIRGILFA
AFRHQRLEFTDIVRAVNVDRSAGHFPIYQCMFQLDNMPLASPTLNGVNVTPLLLDTSASQVDISLSMQHIDGRITGTFEY
DAGLYSADRIQHLVAQWRELLDEASSQPTQLVRDLIRFTPREHAWLARHNATEVALPPVDNLLALVLPHCQQRPTQVALR
HADDAMTYGELQQATMQMCTWLRAQGVKRGESVALQLPFCFELIIAQLAILSLGASYVPLDGNAPAARNALILAQATPCM
LLVAQPLESPHGLTIPWVLVPDWRSLLTEIPNLPVSVAPDALDCDAVVIFTSGTTGQPKGVRLSQRNLVNLTASFISSYQ
VTHQDVLLPITSVASASFVGEVLPLLAAGGTLVLAQKAQSLDSDALIALLASQRVTILSTTPSLSASLSVLAQSMGSLRL
FLCGGEALEYEQIAPLLPHMAVVNGYGLTESGICSTYFPVAKRREQETGALPIGRPIQNTQAYVVDAYNRLVPPGACGEL
CFSGLGISPGYLDARQDPERFVELPEYPGVRVLKTGDRARWATDGMLFYLGRQDRQVQIRGYRVELGDIESLLKQHPDIA
DAWVDVRRNAAATPLLVAFYCSVNGVALDAQQLRVWLSLRLPLHMLPLLYVPLSAMPLGVNGKIDPQCLPLVDLRQLEGP
GEYVPPATELEQRLAEIWQQLLGLERVGTTTNFFDLGGHSLLLVQMQQYIGQQCGQHVALVDLLRFTTIKRLAEFLLAPD
AAQGTTGDQTQLRAAKQRLAFGHTRWAATTDSHH
;
C
3 'polypeptide(L)'
;(UNK)(UNK)(UNK)(UNK)(UNK)(UNK)(UNK)(UNK)(UNK)(UNK)(UNK)(UNK)(UNK)(UNK)(UNK)(UNK)
(UNK)(UNK)(UNK)(UNK)(UNK)(UNK)(UNK)(UNK)(UNK)(UNK)
;
D
#
# COMPACT_ATOMS: atom_id res chain seq x y z
N PHE A 6 5.20 -12.28 -14.79
CA PHE A 6 4.88 -12.64 -13.43
C PHE A 6 3.42 -13.08 -13.25
N GLY A 7 2.89 -12.99 -12.05
CA GLY A 7 1.51 -13.39 -11.81
C GLY A 7 1.21 -13.40 -10.33
N ILE A 8 -0.08 -13.44 -10.01
CA ILE A 8 -0.58 -13.63 -8.66
C ILE A 8 -1.77 -14.55 -8.74
N ALA A 9 -1.66 -15.75 -8.20
CA ALA A 9 -2.76 -16.70 -8.24
C ALA A 9 -3.84 -16.32 -7.25
N ILE A 10 -5.06 -16.73 -7.53
CA ILE A 10 -6.17 -16.60 -6.59
C ILE A 10 -6.48 -18.01 -6.12
N ILE A 11 -6.24 -18.30 -4.84
CA ILE A 11 -6.32 -19.68 -4.39
C ILE A 11 -7.46 -19.93 -3.44
N GLY A 12 -8.27 -18.93 -3.13
CA GLY A 12 -9.42 -19.18 -2.29
C GLY A 12 -10.18 -17.90 -2.10
N MET A 13 -11.44 -18.04 -1.74
CA MET A 13 -12.34 -16.90 -1.64
C MET A 13 -13.60 -17.26 -0.90
N ALA A 14 -14.31 -16.25 -0.41
CA ALA A 14 -15.56 -16.47 0.30
C ALA A 14 -16.43 -15.25 0.11
N GLY A 15 -17.51 -15.15 0.86
CA GLY A 15 -18.35 -13.98 0.76
C GLY A 15 -19.70 -14.19 1.42
N ARG A 16 -20.54 -13.16 1.29
CA ARG A 16 -21.91 -13.20 1.77
C ARG A 16 -22.69 -12.12 1.02
N PHE A 17 -23.45 -12.51 0.01
CA PHE A 17 -24.09 -11.61 -0.94
C PHE A 17 -25.59 -11.50 -0.64
N PRO A 18 -26.41 -10.73 -1.38
CA PRO A 18 -27.85 -10.84 -1.18
C PRO A 18 -28.41 -12.17 -1.66
N GLN A 19 -29.28 -12.77 -0.83
CA GLN A 19 -29.88 -14.09 -1.03
C GLN A 19 -28.84 -15.17 -1.32
N ALA A 20 -27.78 -15.17 -0.52
CA ALA A 20 -26.77 -16.21 -0.53
C ALA A 20 -26.03 -16.15 0.80
N ASP A 21 -25.27 -17.19 1.09
CA ASP A 21 -24.43 -17.21 2.26
C ASP A 21 -23.07 -17.81 1.98
N THR A 22 -22.80 -18.23 0.74
CA THR A 22 -21.49 -18.68 0.34
C THR A 22 -21.21 -18.11 -1.04
N VAL A 23 -20.05 -18.47 -1.58
CA VAL A 23 -19.83 -18.29 -3.00
C VAL A 23 -20.46 -19.46 -3.76
N GLN A 24 -20.43 -20.63 -3.15
CA GLN A 24 -20.94 -21.86 -3.75
C GLN A 24 -22.44 -21.83 -3.95
N ALA A 25 -23.17 -21.03 -3.19
CA ALA A 25 -24.61 -20.84 -3.33
C ALA A 25 -24.96 -19.44 -3.81
N PHE A 26 -24.01 -18.75 -4.42
CA PHE A 26 -24.23 -17.55 -5.20
C PHE A 26 -23.94 -17.78 -6.67
N TRP A 27 -23.02 -18.71 -6.96
CA TRP A 27 -22.92 -19.21 -8.32
C TRP A 27 -24.17 -19.95 -8.75
N GLU A 28 -24.88 -20.60 -7.82
CA GLU A 28 -26.11 -21.29 -8.19
C GLU A 28 -27.27 -20.34 -8.43
N ASN A 29 -27.20 -19.10 -7.99
CA ASN A 29 -28.17 -18.09 -8.38
C ASN A 29 -27.74 -17.32 -9.61
N LEU A 30 -26.46 -17.24 -9.91
CA LEU A 30 -26.08 -16.65 -11.19
C LEU A 30 -26.31 -17.58 -12.36
N LEU A 31 -26.13 -18.89 -12.20
CA LEU A 31 -26.39 -19.81 -13.31
C LEU A 31 -27.87 -20.00 -13.57
N ALA A 32 -28.70 -19.89 -12.54
CA ALA A 32 -30.14 -20.06 -12.68
C ALA A 32 -30.85 -18.81 -13.15
N SER A 33 -30.13 -17.68 -13.29
CA SER A 33 -30.63 -16.40 -13.78
C SER A 33 -31.80 -15.88 -12.95
N ARG A 34 -31.51 -15.65 -11.67
CA ARG A 34 -32.50 -15.16 -10.73
C ARG A 34 -32.23 -13.69 -10.40
N GLU A 35 -33.30 -12.97 -10.07
CA GLU A 35 -33.20 -11.61 -9.57
C GLU A 35 -33.32 -11.64 -8.05
N CYS A 36 -32.30 -11.13 -7.36
CA CYS A 36 -32.19 -11.20 -5.92
C CYS A 36 -32.59 -9.91 -5.21
N ILE A 37 -33.06 -8.90 -5.94
CA ILE A 37 -33.56 -7.70 -5.30
C ILE A 37 -34.87 -8.02 -4.62
N SER A 38 -34.96 -7.78 -3.32
CA SER A 38 -36.23 -8.01 -2.66
C SER A 38 -37.19 -6.86 -2.98
N PHE A 39 -38.47 -7.10 -2.75
CA PHE A 39 -39.50 -6.08 -2.93
C PHE A 39 -40.36 -6.06 -1.69
N TYR A 40 -40.28 -4.99 -0.92
CA TYR A 40 -40.93 -4.94 0.37
C TYR A 40 -42.39 -4.55 0.20
N SER A 41 -43.05 -4.28 1.31
CA SER A 41 -44.46 -3.88 1.29
C SER A 41 -44.62 -2.57 2.02
N ASP A 42 -45.85 -2.18 2.29
CA ASP A 42 -46.12 -1.08 3.20
C ASP A 42 -46.42 -1.54 4.61
N GLU A 43 -46.42 -2.85 4.86
CA GLU A 43 -46.56 -3.39 6.20
C GLU A 43 -45.37 -4.24 6.63
N GLU A 44 -44.48 -4.58 5.71
CA GLU A 44 -43.20 -5.20 6.05
C GLU A 44 -42.16 -4.15 6.43
N LEU A 45 -42.54 -2.87 6.41
CA LEU A 45 -41.61 -1.75 6.45
C LEU A 45 -42.02 -0.71 7.47
N LEU A 46 -43.32 -0.56 7.70
CA LEU A 46 -43.83 0.57 8.47
C LEU A 46 -43.61 0.39 9.97
N ALA A 47 -43.70 -0.84 10.46
CA ALA A 47 -43.50 -1.08 11.88
C ALA A 47 -42.02 -1.15 12.26
N MET A 48 -41.12 -1.15 11.29
CA MET A 48 -39.69 -1.28 11.55
C MET A 48 -39.02 0.06 11.84
N GLY A 49 -39.79 1.15 11.92
CA GLY A 49 -39.26 2.44 12.31
C GLY A 49 -39.20 3.46 11.20
N ILE A 50 -39.49 3.08 9.96
CA ILE A 50 -39.43 4.02 8.84
C ILE A 50 -40.58 5.02 8.97
N SER A 51 -40.25 6.31 8.85
CA SER A 51 -41.16 7.39 9.19
C SER A 51 -42.35 7.44 8.23
N PRO A 52 -43.55 7.77 8.72
CA PRO A 52 -44.74 7.71 7.86
C PRO A 52 -44.84 8.85 6.85
N GLU A 53 -43.98 9.86 6.92
CA GLU A 53 -43.98 10.88 5.87
C GLU A 53 -43.29 10.41 4.60
N PHE A 54 -42.55 9.30 4.66
CA PHE A 54 -41.84 8.75 3.52
C PHE A 54 -42.54 7.57 2.87
N VAL A 55 -43.23 6.75 3.64
CA VAL A 55 -44.01 5.67 3.07
C VAL A 55 -45.20 6.23 2.29
N GLN A 56 -45.80 7.30 2.79
CA GLN A 56 -46.91 7.99 2.14
C GLN A 56 -46.46 9.00 1.10
N HIS A 57 -45.22 8.91 0.61
CA HIS A 57 -44.73 9.83 -0.41
C HIS A 57 -45.32 9.46 -1.77
N PRO A 58 -45.46 10.42 -2.68
CA PRO A 58 -45.81 10.08 -4.06
C PRO A 58 -44.76 9.24 -4.76
N ASP A 59 -43.50 9.33 -4.34
CA ASP A 59 -42.45 8.55 -4.98
C ASP A 59 -41.43 8.14 -3.93
N TYR A 60 -41.47 6.85 -3.54
CA TYR A 60 -40.54 6.25 -2.60
C TYR A 60 -40.42 4.78 -3.01
N VAL A 61 -39.41 4.48 -3.82
CA VAL A 61 -39.29 3.15 -4.40
C VAL A 61 -38.82 2.18 -3.33
N LYS A 62 -39.63 1.16 -3.07
CA LYS A 62 -39.40 0.24 -1.96
C LYS A 62 -38.78 -1.04 -2.50
N ALA A 63 -37.47 -1.02 -2.71
CA ALA A 63 -36.75 -2.16 -3.25
C ALA A 63 -35.30 -2.05 -2.86
N LYS A 64 -34.72 -3.13 -2.34
CA LYS A 64 -33.38 -3.07 -1.81
C LYS A 64 -32.80 -4.47 -1.77
N GLY A 65 -31.53 -4.60 -2.17
CA GLY A 65 -30.81 -5.83 -1.88
C GLY A 65 -30.63 -6.01 -0.39
N GLU A 66 -30.49 -7.26 0.05
CA GLU A 66 -30.40 -7.46 1.49
C GLU A 66 -29.57 -8.70 1.79
N VAL A 67 -28.55 -8.53 2.65
CA VAL A 67 -27.87 -9.69 3.24
C VAL A 67 -28.71 -10.18 4.40
N ALA A 68 -28.60 -11.46 4.70
CA ALA A 68 -29.57 -12.14 5.55
C ALA A 68 -29.51 -11.68 7.00
N ASP A 69 -28.44 -12.01 7.69
CA ASP A 69 -28.31 -11.71 9.11
C ASP A 69 -27.06 -10.89 9.33
N ILE A 70 -27.21 -9.76 10.03
CA ILE A 70 -26.10 -8.87 10.26
C ILE A 70 -25.83 -8.81 11.76
N ASP A 71 -26.85 -9.06 12.57
CA ASP A 71 -26.71 -9.01 14.02
C ASP A 71 -26.49 -10.39 14.61
N LYS A 72 -25.73 -11.25 13.94
CA LYS A 72 -25.50 -12.60 14.42
C LYS A 72 -24.00 -12.84 14.47
N PHE A 73 -23.41 -12.58 15.63
CA PHE A 73 -22.00 -12.86 15.89
C PHE A 73 -21.90 -14.15 16.69
N ASP A 74 -20.70 -14.72 16.69
CA ASP A 74 -20.34 -15.83 17.55
C ASP A 74 -19.25 -15.34 18.49
N ALA A 75 -19.67 -14.73 19.60
CA ALA A 75 -18.74 -13.98 20.44
C ALA A 75 -17.75 -14.88 21.16
N ALA A 76 -18.15 -16.10 21.49
CA ALA A 76 -17.29 -16.94 22.31
C ALA A 76 -16.27 -17.74 21.50
N PHE A 77 -16.33 -17.74 20.17
CA PHE A 77 -15.27 -18.38 19.40
C PHE A 77 -13.96 -17.62 19.54
N PHE A 78 -14.01 -16.32 19.34
CA PHE A 78 -12.79 -15.52 19.23
C PHE A 78 -12.31 -15.02 20.58
N GLY A 79 -13.09 -15.20 21.64
CA GLY A 79 -12.75 -14.70 22.94
C GLY A 79 -13.42 -13.40 23.31
N ILE A 80 -14.16 -12.80 22.38
CA ILE A 80 -14.72 -11.47 22.62
C ILE A 80 -15.87 -11.58 23.60
N ALA A 81 -15.82 -10.77 24.66
CA ALA A 81 -16.80 -10.81 25.72
C ALA A 81 -18.18 -10.36 25.22
N PRO A 82 -19.24 -10.70 25.92
CA PRO A 82 -20.59 -10.25 25.53
C PRO A 82 -20.91 -8.80 25.89
N ARG A 83 -19.94 -7.98 26.24
CA ARG A 83 -20.10 -6.53 26.31
C ARG A 83 -19.25 -5.81 25.29
N GLU A 84 -18.05 -6.30 25.03
CA GLU A 84 -17.27 -5.82 23.90
C GLU A 84 -17.89 -6.20 22.56
N ALA A 85 -18.81 -7.16 22.53
CA ALA A 85 -19.44 -7.53 21.26
C ALA A 85 -20.55 -6.57 20.86
N GLU A 86 -21.29 -6.00 21.80
CA GLU A 86 -22.36 -5.08 21.45
C GLU A 86 -21.87 -3.77 20.87
N LEU A 87 -20.59 -3.45 21.03
CA LEU A 87 -20.02 -2.19 20.57
C LEU A 87 -19.04 -2.41 19.42
N MET A 88 -19.43 -3.27 18.49
CA MET A 88 -18.74 -3.40 17.23
C MET A 88 -19.73 -3.07 16.12
N ASP A 89 -19.27 -2.35 15.12
CA ASP A 89 -20.03 -2.15 13.90
C ASP A 89 -20.30 -3.50 13.26
N PRO A 90 -21.49 -3.74 12.68
CA PRO A 90 -21.70 -5.03 12.00
C PRO A 90 -20.89 -5.26 10.75
N GLN A 91 -20.01 -4.36 10.37
CA GLN A 91 -19.08 -4.66 9.30
C GLN A 91 -17.76 -5.21 9.82
N HIS A 92 -17.56 -5.25 11.13
CA HIS A 92 -16.45 -5.97 11.74
C HIS A 92 -16.82 -7.40 12.07
N ARG A 93 -18.00 -7.57 12.69
CA ARG A 93 -18.54 -8.86 13.07
C ARG A 93 -18.82 -9.77 11.89
N VAL A 94 -18.87 -9.24 10.68
CA VAL A 94 -19.06 -10.05 9.49
C VAL A 94 -17.76 -10.23 8.72
N LEU A 95 -16.87 -9.22 8.72
CA LEU A 95 -15.58 -9.43 8.04
C LEU A 95 -14.63 -10.27 8.92
N LEU A 96 -15.00 -10.50 10.18
CA LEU A 96 -14.17 -11.40 11.03
C LEU A 96 -14.51 -12.84 10.67
N GLU A 97 -15.80 -13.13 10.48
CA GLU A 97 -16.23 -14.53 10.17
C GLU A 97 -15.95 -14.84 8.70
N THR A 98 -16.05 -13.85 7.80
CA THR A 98 -15.74 -14.11 6.41
C THR A 98 -14.23 -14.30 6.20
N ALA A 99 -13.38 -13.66 7.01
CA ALA A 99 -11.95 -13.88 6.91
C ALA A 99 -11.54 -15.23 7.47
N TRP A 100 -12.31 -15.79 8.39
CA TRP A 100 -12.01 -17.14 8.83
C TRP A 100 -12.37 -18.15 7.76
N ALA A 101 -13.54 -17.99 7.16
CA ALA A 101 -14.01 -18.90 6.13
C ALA A 101 -13.35 -18.68 4.79
N ALA A 102 -12.58 -17.61 4.61
CA ALA A 102 -11.73 -17.49 3.43
C ALA A 102 -10.43 -18.25 3.57
N PHE A 103 -9.99 -18.51 4.81
CA PHE A 103 -8.76 -19.22 5.06
C PHE A 103 -8.98 -20.71 5.24
N GLU A 104 -10.13 -21.11 5.78
CA GLU A 104 -10.50 -22.53 5.72
C GLU A 104 -10.82 -22.99 4.30
N ASP A 105 -11.05 -22.06 3.36
CA ASP A 105 -11.42 -22.39 2.00
C ASP A 105 -10.21 -22.55 1.09
N ALA A 106 -9.10 -21.91 1.41
CA ALA A 106 -7.89 -22.16 0.64
C ALA A 106 -7.29 -23.52 0.96
N GLY A 107 -7.65 -24.08 2.11
CA GLY A 107 -7.03 -25.27 2.63
C GLY A 107 -6.03 -25.03 3.73
N TYR A 108 -5.88 -23.80 4.21
CA TYR A 108 -4.84 -23.43 5.17
C TYR A 108 -5.46 -23.14 6.52
N VAL A 109 -4.58 -22.88 7.48
CA VAL A 109 -4.94 -22.26 8.75
C VAL A 109 -4.09 -21.01 8.84
N ALA A 110 -4.69 -19.92 9.33
CA ALA A 110 -4.03 -18.63 9.27
C ALA A 110 -2.81 -18.57 10.17
N ALA A 111 -2.98 -18.96 11.43
CA ALA A 111 -2.06 -18.68 12.51
C ALA A 111 -0.81 -19.55 12.50
N ASP A 112 -0.68 -20.48 11.56
CA ASP A 112 0.45 -21.40 11.56
C ASP A 112 1.16 -21.45 10.21
N TYR A 113 1.05 -20.42 9.40
CA TYR A 113 1.75 -20.42 8.13
C TYR A 113 3.24 -20.21 8.36
N PRO A 114 4.11 -20.88 7.58
CA PRO A 114 5.57 -20.66 7.73
C PRO A 114 6.03 -19.24 7.50
N GLY A 115 5.44 -18.53 6.55
CA GLY A 115 5.85 -17.16 6.31
C GLY A 115 4.98 -16.21 7.10
N ASP A 116 4.48 -15.17 6.45
CA ASP A 116 3.62 -14.21 7.13
C ASP A 116 2.57 -13.63 6.19
N VAL A 117 1.48 -13.18 6.78
CA VAL A 117 0.21 -12.95 6.10
C VAL A 117 -0.19 -11.51 6.28
N GLY A 118 -0.55 -10.83 5.19
CA GLY A 118 -0.96 -9.44 5.23
C GLY A 118 -2.43 -9.26 4.87
N ILE A 119 -3.06 -8.28 5.50
CA ILE A 119 -4.46 -7.93 5.30
C ILE A 119 -4.53 -6.54 4.67
N PHE A 120 -5.41 -6.35 3.69
CA PHE A 120 -5.59 -5.05 3.02
C PHE A 120 -7.07 -4.89 2.70
N ALA A 121 -7.85 -4.19 3.53
CA ALA A 121 -9.28 -4.23 3.32
C ALA A 121 -9.91 -2.87 3.49
N GLY A 122 -11.05 -2.68 2.85
CA GLY A 122 -11.78 -1.43 2.89
C GLY A 122 -12.85 -1.43 3.96
N LYS A 123 -13.86 -0.58 3.77
CA LYS A 123 -14.99 -0.44 4.68
C LYS A 123 -16.05 0.40 3.98
N SER A 124 -17.06 0.84 4.73
CA SER A 124 -18.01 1.82 4.24
C SER A 124 -18.37 2.77 5.36
N MET A 125 -19.39 3.59 5.15
CA MET A 125 -19.77 4.59 6.12
C MET A 125 -20.42 3.95 7.34
N ASP A 126 -20.04 4.45 8.51
CA ASP A 126 -20.45 3.90 9.80
C ASP A 126 -21.88 4.35 10.10
N SER A 127 -22.85 3.47 9.88
CA SER A 127 -24.23 3.86 10.15
C SER A 127 -24.78 3.29 11.45
N TYR A 128 -24.15 2.25 12.01
CA TYR A 128 -24.55 1.74 13.31
C TYR A 128 -24.17 2.69 14.41
N LEU A 129 -23.19 3.56 14.17
CA LEU A 129 -22.78 4.52 15.19
C LEU A 129 -23.82 5.63 15.37
N MET A 130 -24.79 5.72 14.45
CA MET A 130 -26.05 6.40 14.71
C MET A 130 -26.86 5.74 15.84
N LEU A 131 -26.76 4.42 16.05
CA LEU A 131 -27.43 3.83 17.21
C LEU A 131 -26.65 4.06 18.50
N ASN A 132 -25.32 4.16 18.40
CA ASN A 132 -24.50 4.30 19.59
C ASN A 132 -24.59 5.69 20.21
N LEU A 133 -25.08 6.69 19.49
CA LEU A 133 -25.24 8.01 20.08
C LEU A 133 -26.54 8.18 20.84
N MET A 134 -27.68 8.09 20.15
CA MET A 134 -28.97 8.46 20.73
C MET A 134 -29.46 7.45 21.76
N ASP A 153 -14.90 3.70 13.75
CA ASP A 153 -13.65 4.30 13.34
C ASP A 153 -12.86 3.40 12.38
N LYS A 154 -12.67 3.89 11.16
CA LYS A 154 -12.25 3.09 10.02
C LYS A 154 -10.80 2.64 10.08
N ASP A 155 -10.04 3.12 11.06
CA ASP A 155 -8.64 2.75 11.16
C ASP A 155 -8.48 1.30 11.58
N SER A 156 -9.42 0.76 12.35
CA SER A 156 -9.24 -0.47 13.08
C SER A 156 -10.11 -1.61 12.59
N ILE A 157 -10.41 -1.66 11.30
CA ILE A 157 -11.06 -2.87 10.80
C ILE A 157 -10.04 -3.94 10.48
N THR A 158 -8.92 -3.58 9.85
CA THR A 158 -7.96 -4.58 9.43
C THR A 158 -6.83 -4.76 10.41
N THR A 159 -6.98 -4.30 11.64
CA THR A 159 -6.10 -4.74 12.71
C THR A 159 -6.77 -5.75 13.61
N THR A 160 -8.09 -5.61 13.84
CA THR A 160 -8.84 -6.60 14.59
C THR A 160 -8.81 -7.95 13.88
N ILE A 161 -8.98 -7.93 12.57
CA ILE A 161 -8.93 -9.13 11.74
C ILE A 161 -7.53 -9.70 11.65
N ALA A 162 -6.51 -8.92 11.96
CA ALA A 162 -5.16 -9.46 11.95
C ALA A 162 -4.61 -9.77 13.33
N TYR A 163 -5.33 -9.37 14.39
CA TYR A 163 -4.96 -9.79 15.73
C TYR A 163 -5.74 -10.99 16.21
N HIS A 164 -7.03 -11.09 15.89
CA HIS A 164 -7.78 -12.27 16.30
C HIS A 164 -7.37 -13.52 15.54
N LEU A 165 -6.67 -13.36 14.43
CA LEU A 165 -6.31 -14.47 13.57
C LEU A 165 -4.81 -14.60 13.41
N ASN A 166 -4.02 -13.78 14.12
CA ASN A 166 -2.56 -13.83 14.17
C ASN A 166 -1.92 -13.65 12.80
N LEU A 167 -2.13 -12.47 12.21
CA LEU A 167 -1.56 -12.14 10.91
C LEU A 167 -0.44 -11.13 11.12
N ARG A 168 0.76 -11.49 10.67
CA ARG A 168 2.00 -10.78 10.96
C ARG A 168 2.63 -10.17 9.71
N GLY A 169 1.83 -9.54 8.88
CA GLY A 169 2.37 -8.79 7.76
C GLY A 169 1.83 -7.38 7.83
N PRO A 170 1.84 -6.67 6.70
CA PRO A 170 1.25 -5.33 6.68
C PRO A 170 -0.23 -5.36 6.99
N ALA A 171 -0.73 -4.29 7.57
CA ALA A 171 -2.15 -4.23 7.89
C ALA A 171 -2.66 -2.83 7.60
N ILE A 172 -3.05 -2.58 6.34
CA ILE A 172 -3.37 -1.24 5.88
C ILE A 172 -4.85 -1.20 5.55
N THR A 173 -5.51 -0.06 5.81
CA THR A 173 -6.91 0.12 5.44
C THR A 173 -6.97 0.99 4.18
N VAL A 174 -6.64 0.39 3.05
CA VAL A 174 -6.71 1.08 1.76
C VAL A 174 -8.16 1.36 1.44
N GLN A 175 -8.48 2.66 1.34
CA GLN A 175 -9.87 3.09 1.06
C GLN A 175 -9.87 4.05 -0.14
N THR A 176 -10.72 3.80 -1.13
CA THR A 176 -10.78 4.68 -2.33
C THR A 176 -12.25 4.93 -2.66
N SER A 177 -12.60 6.18 -3.01
CA SER A 177 -14.02 6.53 -3.31
C SER A 177 -14.63 5.49 -4.24
N SER A 178 -15.67 4.77 -3.81
CA SER A 178 -16.41 3.77 -4.64
C SER A 178 -15.52 2.90 -5.54
N SER A 179 -14.30 2.54 -5.09
CA SER A 179 -13.40 1.65 -5.88
C SER A 179 -12.54 0.91 -4.87
N THR A 180 -12.82 1.10 -3.58
CA THR A 180 -12.05 0.47 -2.48
C THR A 180 -11.75 -1.01 -2.75
N SER A 181 -12.78 -1.82 -2.96
CA SER A 181 -12.60 -3.29 -3.14
C SER A 181 -11.51 -3.61 -4.17
N LEU A 182 -11.62 -3.07 -5.39
CA LEU A 182 -10.64 -3.44 -6.45
C LEU A 182 -9.26 -2.84 -6.15
N VAL A 183 -9.22 -1.64 -5.55
CA VAL A 183 -7.92 -1.02 -5.27
C VAL A 183 -7.16 -1.81 -4.21
N ALA A 184 -7.86 -2.44 -3.27
CA ALA A 184 -7.19 -3.28 -2.28
C ALA A 184 -6.53 -4.51 -2.92
N VAL A 185 -7.14 -5.09 -3.96
CA VAL A 185 -6.51 -6.19 -4.70
C VAL A 185 -5.30 -5.68 -5.47
N CYS A 186 -5.36 -4.45 -5.96
CA CYS A 186 -4.23 -3.88 -6.69
C CYS A 186 -3.16 -3.28 -5.79
N VAL A 187 -3.37 -3.27 -4.47
CA VAL A 187 -2.31 -2.99 -3.52
C VAL A 187 -1.72 -4.29 -2.95
N ALA A 188 -2.55 -5.32 -2.76
CA ALA A 188 -2.03 -6.62 -2.34
C ALA A 188 -1.17 -7.27 -3.41
N CYS A 189 -1.55 -7.14 -4.68
CA CYS A 189 -0.66 -7.63 -5.73
C CYS A 189 0.59 -6.77 -5.90
N GLN A 190 0.57 -5.55 -5.38
CA GLN A 190 1.77 -4.72 -5.36
C GLN A 190 2.70 -5.18 -4.25
N SER A 191 2.15 -5.60 -3.11
CA SER A 191 2.99 -6.11 -2.02
C SER A 191 3.59 -7.46 -2.34
N LEU A 192 2.80 -8.41 -2.82
CA LEU A 192 3.30 -9.78 -2.96
C LEU A 192 4.36 -9.90 -4.04
N LEU A 193 4.36 -9.02 -5.03
CA LEU A 193 5.31 -9.13 -6.13
C LEU A 193 6.69 -8.62 -5.77
N THR A 194 6.79 -7.73 -4.79
CA THR A 194 8.06 -7.20 -4.30
C THR A 194 8.37 -7.70 -2.90
N TRP A 195 7.83 -8.85 -2.52
CA TRP A 195 8.22 -9.65 -1.36
C TRP A 195 7.95 -8.97 -0.02
N GLN A 196 6.95 -8.11 0.08
CA GLN A 196 6.59 -7.53 1.38
C GLN A 196 5.96 -8.55 2.30
N CYS A 197 5.09 -9.41 1.75
CA CYS A 197 4.46 -10.48 2.49
C CYS A 197 4.51 -11.71 1.61
N ASP A 198 3.80 -12.77 1.98
CA ASP A 198 3.86 -14.00 1.19
C ASP A 198 2.54 -14.64 0.87
N MET A 199 1.47 -14.37 1.63
CA MET A 199 0.15 -14.85 1.24
C MET A 199 -0.88 -13.89 1.83
N ALA A 200 -1.55 -13.12 0.99
CA ALA A 200 -2.33 -11.97 1.40
C ALA A 200 -3.82 -12.21 1.28
N ILE A 201 -4.60 -11.23 1.73
CA ILE A 201 -6.05 -11.27 1.75
C ILE A 201 -6.58 -9.86 1.51
N ALA A 202 -7.63 -9.71 0.70
CA ALA A 202 -7.88 -8.39 0.13
C ALA A 202 -9.33 -8.22 -0.28
N GLY A 203 -10.11 -7.47 0.49
CA GLY A 203 -11.53 -7.41 0.20
C GLY A 203 -12.29 -6.12 0.40
N GLY A 204 -13.46 -6.19 1.02
CA GLY A 204 -14.26 -5.02 1.31
C GLY A 204 -15.58 -5.46 1.89
N VAL A 205 -16.32 -4.50 2.44
CA VAL A 205 -17.57 -4.82 3.13
C VAL A 205 -18.53 -3.62 3.16
N THR A 206 -19.80 -3.86 2.82
CA THR A 206 -20.79 -2.76 2.84
C THR A 206 -22.15 -3.25 3.34
N LEU A 207 -22.51 -2.99 4.60
CA LEU A 207 -23.89 -3.35 5.04
C LEU A 207 -24.43 -2.29 6.00
N GLY A 208 -25.76 -2.18 6.12
CA GLY A 208 -26.36 -1.14 6.97
C GLY A 208 -27.28 -1.71 8.03
N PRO A 209 -27.25 -1.18 9.28
CA PRO A 209 -28.11 -1.65 10.38
C PRO A 209 -29.60 -1.95 10.10
N PRO A 210 -30.44 -1.08 9.49
CA PRO A 210 -31.85 -1.41 9.30
C PRO A 210 -32.05 -2.54 8.27
N ALA A 211 -31.49 -2.38 7.06
CA ALA A 211 -31.66 -3.36 5.95
C ALA A 211 -33.13 -3.47 5.54
N LYS A 212 -33.98 -2.53 5.97
CA LYS A 212 -35.42 -2.51 5.61
C LYS A 212 -35.77 -1.09 5.21
N THR A 213 -35.26 -0.61 4.07
CA THR A 213 -35.55 0.74 3.59
C THR A 213 -35.86 0.73 2.11
N GLY A 214 -36.54 1.80 1.68
CA GLY A 214 -36.61 2.17 0.29
C GLY A 214 -35.46 3.10 -0.03
N TYR A 215 -35.56 3.81 -1.16
CA TYR A 215 -34.44 4.67 -1.49
C TYR A 215 -34.75 6.00 -2.16
N LEU A 216 -36.02 6.38 -2.35
CA LEU A 216 -36.44 7.75 -2.69
C LEU A 216 -35.82 8.25 -4.00
N SER A 217 -36.25 7.66 -5.11
CA SER A 217 -35.77 8.10 -6.41
C SER A 217 -36.31 9.47 -6.76
N GLN A 218 -35.45 10.29 -7.38
CA GLN A 218 -35.81 11.64 -7.79
C GLN A 218 -35.46 11.84 -9.25
N GLU A 219 -36.14 12.81 -9.85
CA GLU A 219 -36.03 13.03 -11.29
C GLU A 219 -34.68 13.64 -11.62
N GLY A 220 -33.98 13.01 -12.56
CA GLY A 220 -32.60 13.36 -12.82
C GLY A 220 -31.61 12.71 -11.89
N GLY A 221 -32.07 12.09 -10.81
CA GLY A 221 -31.19 11.38 -9.90
C GLY A 221 -30.76 10.06 -10.48
N ILE A 222 -29.78 9.45 -9.82
CA ILE A 222 -29.09 8.31 -10.39
C ILE A 222 -29.69 6.99 -9.93
N THR A 223 -30.84 7.03 -9.26
CA THR A 223 -31.49 5.85 -8.73
C THR A 223 -32.74 5.54 -9.54
N ALA A 224 -32.90 4.27 -9.93
CA ALA A 224 -34.00 3.86 -10.81
C ALA A 224 -35.33 3.89 -10.08
N ALA A 225 -36.39 4.28 -10.80
CA ALA A 225 -37.68 4.57 -10.18
C ALA A 225 -38.69 3.44 -10.31
N ASP A 226 -38.32 2.30 -10.90
CA ASP A 226 -39.18 1.13 -10.91
C ASP A 226 -38.67 0.01 -10.01
N GLY A 227 -37.37 -0.24 -10.00
CA GLY A 227 -36.82 -1.16 -9.04
C GLY A 227 -35.73 -2.06 -9.57
N HIS A 228 -35.45 -1.99 -10.86
CA HIS A 228 -34.47 -2.89 -11.46
C HIS A 228 -33.36 -2.09 -12.09
N CYS A 229 -32.14 -2.57 -11.96
CA CYS A 229 -31.08 -2.12 -12.84
C CYS A 229 -31.39 -2.64 -14.24
N ARG A 230 -31.05 -1.86 -15.25
CA ARG A 230 -31.12 -2.29 -16.65
C ARG A 230 -29.83 -1.84 -17.31
N ALA A 231 -28.80 -2.67 -17.25
CA ALA A 231 -27.48 -2.25 -17.69
C ALA A 231 -27.39 -2.30 -19.21
N PHE A 232 -26.90 -1.20 -19.80
CA PHE A 232 -26.66 -1.05 -21.24
C PHE A 232 -27.92 -1.21 -22.09
N SER A 233 -29.06 -0.70 -21.61
CA SER A 233 -30.30 -0.90 -22.34
C SER A 233 -31.09 0.39 -22.47
N ASP A 234 -32.09 0.32 -23.36
CA ASP A 234 -32.86 1.49 -23.80
C ASP A 234 -33.66 2.08 -22.64
N ASN A 235 -34.22 1.23 -21.79
CA ASN A 235 -35.09 1.68 -20.71
C ASN A 235 -34.34 1.95 -19.42
N SER A 236 -33.08 2.35 -19.50
CA SER A 236 -32.24 2.61 -18.33
C SER A 236 -32.76 3.81 -17.57
N SER A 237 -32.79 3.70 -16.25
CA SER A 237 -33.10 4.89 -15.47
C SER A 237 -32.29 5.06 -14.20
N GLY A 238 -31.45 4.11 -13.83
CA GLY A 238 -30.70 4.23 -12.59
C GLY A 238 -30.23 2.86 -12.12
N PHE A 239 -29.79 2.82 -10.88
CA PHE A 239 -29.42 1.57 -10.23
C PHE A 239 -30.34 1.34 -9.03
N VAL A 240 -30.00 0.32 -8.24
CA VAL A 240 -30.73 0.00 -7.00
C VAL A 240 -29.68 -0.32 -5.95
N PRO A 241 -29.79 0.20 -4.72
CA PRO A 241 -28.71 0.01 -3.74
C PRO A 241 -28.67 -1.40 -3.19
N GLY A 242 -27.56 -1.73 -2.54
CA GLY A 242 -27.37 -3.08 -2.06
C GLY A 242 -26.50 -3.15 -0.83
N THR A 243 -26.29 -4.37 -0.34
CA THR A 243 -25.40 -4.67 0.78
C THR A 243 -24.63 -5.94 0.44
N GLY A 244 -23.47 -6.15 1.05
CA GLY A 244 -22.67 -7.33 0.70
C GLY A 244 -21.46 -7.49 1.60
N ALA A 245 -20.56 -8.38 1.19
CA ALA A 245 -19.25 -8.56 1.81
C ALA A 245 -18.36 -9.27 0.79
N GLY A 246 -17.24 -9.82 1.23
CA GLY A 246 -16.52 -10.69 0.33
C GLY A 246 -15.03 -10.46 0.16
N LEU A 247 -14.21 -11.48 0.38
CA LEU A 247 -12.76 -11.37 0.43
C LEU A 247 -12.13 -12.45 -0.45
N VAL A 248 -10.94 -12.21 -0.97
CA VAL A 248 -10.19 -13.21 -1.72
C VAL A 248 -8.84 -13.41 -1.05
N VAL A 249 -8.07 -14.39 -1.54
CA VAL A 249 -6.79 -14.80 -0.96
C VAL A 249 -5.80 -15.05 -2.09
N LEU A 250 -4.62 -14.45 -2.01
CA LEU A 250 -3.70 -14.37 -3.14
C LEU A 250 -2.39 -15.05 -2.76
N LYS A 251 -1.51 -15.28 -3.73
CA LYS A 251 -0.22 -15.95 -3.57
C LYS A 251 0.51 -15.92 -4.90
N ARG A 252 1.83 -16.03 -4.87
CA ARG A 252 2.60 -16.10 -6.10
C ARG A 252 2.32 -17.37 -6.87
N VAL A 253 2.35 -17.27 -8.21
CA VAL A 253 2.02 -18.46 -9.05
C VAL A 253 3.13 -19.50 -8.84
N ASP A 254 4.29 -19.07 -8.33
CA ASP A 254 5.43 -19.99 -8.10
C ASP A 254 5.07 -20.95 -6.95
N GLU A 255 4.78 -20.40 -5.77
CA GLU A 255 4.48 -21.25 -4.59
C GLU A 255 3.14 -21.99 -4.81
N ALA A 256 2.22 -21.38 -5.56
CA ALA A 256 0.91 -22.02 -5.83
C ALA A 256 1.13 -23.35 -6.56
N LEU A 257 2.03 -23.39 -7.56
CA LEU A 257 2.16 -24.61 -8.33
C LEU A 257 3.07 -25.63 -7.63
N ARG A 258 3.66 -25.25 -6.51
CA ARG A 258 4.55 -26.12 -5.75
C ARG A 258 3.87 -26.69 -4.52
N ASP A 259 3.10 -25.88 -3.80
CA ASP A 259 2.31 -26.39 -2.69
C ASP A 259 1.12 -27.20 -3.16
N GLY A 260 0.74 -27.07 -4.42
CA GLY A 260 -0.40 -27.80 -4.96
C GLY A 260 -1.71 -27.33 -4.39
N ASP A 261 -2.11 -26.11 -4.71
CA ASP A 261 -3.40 -25.58 -4.27
C ASP A 261 -4.39 -25.66 -5.42
N ASN A 262 -5.58 -25.10 -5.21
CA ASN A 262 -6.51 -24.93 -6.31
C ASN A 262 -6.42 -23.48 -6.77
N ILE A 263 -6.12 -23.29 -8.04
CA ILE A 263 -5.98 -21.98 -8.61
C ILE A 263 -7.28 -21.69 -9.34
N TYR A 264 -7.94 -20.59 -8.99
CA TYR A 264 -9.08 -20.19 -9.79
C TYR A 264 -8.63 -19.44 -11.03
N ALA A 265 -7.80 -18.41 -10.86
CA ALA A 265 -7.35 -17.57 -11.96
C ALA A 265 -6.01 -16.96 -11.58
N VAL A 266 -5.29 -16.47 -12.58
CA VAL A 266 -3.95 -15.93 -12.41
C VAL A 266 -3.98 -14.47 -12.82
N ILE A 267 -4.02 -13.57 -11.83
CA ILE A 267 -4.10 -12.13 -12.12
C ILE A 267 -2.79 -11.68 -12.76
N LYS A 268 -2.88 -11.22 -14.00
CA LYS A 268 -1.67 -10.92 -14.76
C LYS A 268 -1.37 -9.43 -14.92
N GLY A 269 -2.33 -8.55 -14.71
CA GLY A 269 -2.08 -7.14 -14.89
C GLY A 269 -3.03 -6.31 -14.07
N PHE A 270 -2.62 -5.09 -13.78
CA PHE A 270 -3.40 -4.20 -12.94
C PHE A 270 -2.91 -2.78 -13.13
N ALA A 271 -3.81 -1.80 -12.96
CA ALA A 271 -3.49 -0.40 -13.14
C ALA A 271 -4.52 0.46 -12.41
N VAL A 272 -4.06 1.53 -11.78
CA VAL A 272 -4.91 2.49 -11.08
C VAL A 272 -4.47 3.89 -11.50
N ASN A 273 -5.42 4.77 -11.82
CA ASN A 273 -5.12 6.19 -11.94
C ASN A 273 -6.36 6.99 -11.61
N ASN A 274 -6.40 8.26 -12.06
CA ASN A 274 -7.54 9.15 -11.74
C ASN A 274 -7.77 10.15 -12.87
N ASP A 275 -8.96 10.74 -12.95
CA ASP A 275 -9.26 11.77 -13.99
C ASP A 275 -9.36 13.13 -13.29
N GLY A 276 -8.38 13.47 -12.46
CA GLY A 276 -8.41 14.74 -11.72
C GLY A 276 -8.49 15.94 -12.65
N SER A 277 -9.48 16.83 -12.48
CA SER A 277 -9.62 18.09 -13.26
C SER A 277 -10.07 17.91 -14.71
N GLU A 278 -9.95 16.71 -15.31
CA GLU A 278 -10.47 16.53 -16.69
C GLU A 278 -11.95 16.09 -16.61
N LYS A 279 -12.68 16.59 -15.61
CA LYS A 279 -14.12 16.27 -15.47
C LYS A 279 -14.88 17.60 -15.42
N ILE A 280 -16.04 17.68 -16.08
CA ILE A 280 -16.84 18.95 -16.13
C ILE A 280 -17.02 19.45 -14.70
N SER A 281 -17.67 18.65 -13.84
CA SER A 281 -17.81 19.03 -12.44
C SER A 281 -17.06 17.98 -11.62
N TYR A 282 -17.37 17.88 -10.33
CA TYR A 282 -16.70 16.90 -9.49
C TYR A 282 -17.09 15.47 -9.89
N THR A 283 -18.35 15.23 -10.17
CA THR A 283 -18.89 13.88 -10.23
C THR A 283 -19.02 13.30 -11.64
N ALA A 284 -18.93 14.12 -12.68
CA ALA A 284 -19.17 13.61 -14.03
C ALA A 284 -17.99 12.76 -14.51
N PRO A 285 -18.25 11.62 -15.14
CA PRO A 285 -17.15 10.73 -15.55
C PRO A 285 -16.40 11.27 -16.75
N SER A 286 -15.30 10.59 -17.06
CA SER A 286 -14.46 10.95 -18.20
C SER A 286 -14.18 9.73 -19.05
N VAL A 287 -13.52 9.97 -20.18
CA VAL A 287 -13.32 8.96 -21.21
C VAL A 287 -11.85 8.62 -21.40
N ASP A 288 -10.93 9.53 -21.12
CA ASP A 288 -9.52 9.26 -21.35
C ASP A 288 -8.86 8.50 -20.21
N ALA A 289 -9.22 8.77 -18.97
CA ALA A 289 -8.59 8.07 -17.86
C ALA A 289 -9.16 6.67 -17.67
N GLN A 290 -10.30 6.36 -18.29
CA GLN A 290 -10.77 4.99 -18.41
C GLN A 290 -10.29 4.32 -19.67
N ALA A 291 -9.40 4.95 -20.40
CA ALA A 291 -8.71 4.31 -21.50
C ALA A 291 -7.25 4.10 -21.24
N ARG A 292 -6.63 4.99 -20.47
CA ARG A 292 -5.24 4.77 -20.05
C ARG A 292 -5.13 3.53 -19.16
N ALA A 293 -6.10 3.33 -18.26
CA ALA A 293 -6.11 2.14 -17.40
C ALA A 293 -6.26 0.86 -18.20
N ILE A 294 -7.19 0.84 -19.17
CA ILE A 294 -7.41 -0.36 -19.98
C ILE A 294 -6.25 -0.61 -20.94
N ALA A 295 -5.54 0.42 -21.39
CA ALA A 295 -4.36 0.12 -22.21
C ALA A 295 -3.19 -0.34 -21.37
N GLN A 296 -3.00 0.25 -20.19
CA GLN A 296 -1.86 -0.10 -19.34
C GLN A 296 -2.01 -1.49 -18.74
N ALA A 297 -3.22 -1.86 -18.31
CA ALA A 297 -3.46 -3.16 -17.71
C ALA A 297 -3.23 -4.30 -18.66
N GLN A 298 -3.29 -4.06 -19.96
CA GLN A 298 -2.97 -5.11 -20.92
C GLN A 298 -1.59 -4.96 -21.54
N ARG A 299 -0.98 -3.78 -21.49
CA ARG A 299 0.41 -3.66 -21.90
C ARG A 299 1.35 -4.20 -20.84
N LEU A 300 0.88 -4.25 -19.58
CA LEU A 300 1.66 -4.85 -18.50
C LEU A 300 1.62 -6.37 -18.54
N ALA A 301 0.48 -6.95 -18.90
CA ALA A 301 0.29 -8.39 -18.86
C ALA A 301 0.69 -9.08 -20.16
N GLY A 302 1.25 -8.35 -21.11
CA GLY A 302 1.68 -8.93 -22.36
C GLY A 302 0.57 -9.41 -23.27
N LEU A 303 -0.52 -8.66 -23.36
CA LEU A 303 -1.66 -9.04 -24.18
C LEU A 303 -2.02 -7.92 -25.14
N THR A 304 -2.80 -8.28 -26.16
CA THR A 304 -3.35 -7.26 -27.10
C THR A 304 -4.87 -7.33 -26.91
N PRO A 305 -5.66 -6.29 -27.22
CA PRO A 305 -7.13 -6.36 -27.11
C PRO A 305 -7.80 -7.63 -27.67
N GLN A 306 -7.26 -8.21 -28.74
CA GLN A 306 -7.90 -9.39 -29.38
C GLN A 306 -7.90 -10.63 -28.47
N ASP A 307 -6.99 -10.69 -27.50
CA ASP A 307 -6.87 -11.92 -26.66
C ASP A 307 -7.92 -11.93 -25.55
N ILE A 308 -8.56 -10.80 -25.26
CA ILE A 308 -9.53 -10.72 -24.18
C ILE A 308 -10.91 -11.06 -24.72
N THR A 309 -11.63 -11.94 -24.02
CA THR A 309 -12.90 -12.46 -24.52
C THR A 309 -14.11 -12.06 -23.68
N TYR A 310 -14.07 -12.16 -22.37
CA TYR A 310 -15.10 -11.62 -21.51
C TYR A 310 -14.58 -10.31 -20.95
N VAL A 311 -15.45 -9.31 -20.82
CA VAL A 311 -15.08 -8.06 -20.18
C VAL A 311 -16.23 -7.65 -19.28
N GLU A 312 -16.01 -7.72 -17.97
CA GLU A 312 -16.95 -7.15 -17.04
C GLU A 312 -16.91 -5.64 -17.20
N ALA A 313 -18.05 -4.99 -17.06
CA ALA A 313 -18.05 -3.54 -17.04
C ALA A 313 -18.55 -3.10 -15.69
N HIS A 314 -18.45 -1.81 -15.42
CA HIS A 314 -19.13 -1.28 -14.25
C HIS A 314 -20.63 -1.43 -14.41
N GLY A 315 -21.16 -0.92 -15.53
CA GLY A 315 -22.53 -1.18 -15.96
C GLY A 315 -23.60 -0.73 -15.00
N THR A 316 -23.44 0.45 -14.41
CA THR A 316 -24.34 0.85 -13.35
C THR A 316 -25.69 1.33 -13.86
N GLY A 317 -25.90 1.39 -15.16
CA GLY A 317 -27.20 1.67 -15.73
C GLY A 317 -27.72 3.06 -15.46
N THR A 318 -26.87 4.08 -15.62
CA THR A 318 -27.23 5.47 -15.43
C THR A 318 -27.04 6.19 -16.75
N ARG A 319 -27.64 7.37 -16.88
CA ARG A 319 -27.77 8.02 -18.18
C ARG A 319 -26.43 8.53 -18.71
N LEU A 320 -25.66 9.21 -17.87
CA LEU A 320 -24.36 9.69 -18.32
C LEU A 320 -23.31 8.59 -18.35
N GLY A 321 -23.40 7.62 -17.43
CA GLY A 321 -22.30 6.69 -17.24
C GLY A 321 -22.21 5.58 -18.26
N ASP A 322 -23.26 5.33 -19.02
CA ASP A 322 -23.25 4.23 -19.98
C ASP A 322 -22.67 4.51 -21.37
N PRO A 323 -22.92 5.66 -22.04
CA PRO A 323 -22.22 5.86 -23.31
C PRO A 323 -20.75 6.17 -23.13
N VAL A 324 -20.35 6.72 -21.99
CA VAL A 324 -18.94 6.98 -21.75
C VAL A 324 -18.17 5.69 -21.49
N GLU A 325 -18.82 4.70 -20.86
CA GLU A 325 -18.16 3.42 -20.61
C GLU A 325 -17.98 2.65 -21.91
N PHE A 326 -19.00 2.64 -22.76
CA PHE A 326 -18.86 2.00 -24.07
C PHE A 326 -17.86 2.74 -24.96
N SER A 327 -17.80 4.08 -24.85
CA SER A 327 -16.82 4.85 -25.62
C SER A 327 -15.41 4.53 -25.20
N ALA A 328 -15.15 4.46 -23.89
CA ALA A 328 -13.83 4.12 -23.38
C ALA A 328 -13.44 2.70 -23.77
N LEU A 329 -14.40 1.76 -23.71
CA LEU A 329 -14.12 0.39 -24.11
C LEU A 329 -13.81 0.29 -25.59
N SER A 330 -14.55 1.01 -26.44
CA SER A 330 -14.31 0.94 -27.89
C SER A 330 -12.99 1.59 -28.26
N GLN A 331 -12.65 2.71 -27.62
CA GLN A 331 -11.37 3.36 -27.90
C GLN A 331 -10.19 2.54 -27.42
N ALA A 332 -10.32 1.89 -26.25
CA ALA A 332 -9.22 1.07 -25.74
C ALA A 332 -9.09 -0.23 -26.50
N PHE A 333 -10.19 -0.76 -27.03
CA PHE A 333 -10.21 -2.03 -27.77
C PHE A 333 -10.14 -1.81 -29.27
N ALA A 334 -9.90 -0.58 -29.72
CA ALA A 334 -9.95 -0.24 -31.14
C ALA A 334 -8.88 -0.90 -32.00
N GLY A 335 -7.95 -1.65 -31.43
CA GLY A 335 -6.91 -2.26 -32.23
C GLY A 335 -7.19 -3.66 -32.75
N ALA A 336 -8.46 -4.06 -32.75
CA ALA A 336 -8.84 -5.40 -33.16
C ALA A 336 -9.37 -5.41 -34.59
N SER A 337 -9.14 -6.51 -35.29
CA SER A 337 -9.51 -6.65 -36.70
C SER A 337 -10.73 -7.56 -36.90
N GLN A 338 -11.51 -7.81 -35.86
CA GLN A 338 -12.75 -8.57 -35.96
C GLN A 338 -13.90 -7.71 -35.47
N LYS A 339 -15.13 -8.21 -35.63
CA LYS A 339 -16.31 -7.53 -35.15
C LYS A 339 -17.17 -8.50 -34.38
N GLN A 340 -17.64 -8.07 -33.20
CA GLN A 340 -18.58 -8.78 -32.33
C GLN A 340 -18.07 -10.17 -31.95
N TYR A 341 -17.00 -10.17 -31.16
CA TYR A 341 -16.49 -11.39 -30.54
C TYR A 341 -16.43 -11.33 -29.03
N CYS A 342 -16.06 -10.19 -28.46
CA CYS A 342 -15.91 -10.08 -27.02
C CYS A 342 -17.26 -9.95 -26.36
N ALA A 343 -17.44 -10.57 -25.21
CA ALA A 343 -18.73 -10.57 -24.56
C ALA A 343 -18.84 -9.34 -23.68
N LEU A 344 -19.92 -9.24 -22.92
CA LEU A 344 -20.09 -8.14 -21.98
C LEU A 344 -21.08 -8.58 -20.93
N GLY A 345 -21.15 -7.80 -19.85
CA GLY A 345 -22.14 -8.05 -18.83
C GLY A 345 -21.83 -7.28 -17.57
N SER A 346 -22.78 -7.28 -16.66
CA SER A 346 -22.58 -6.59 -15.40
C SER A 346 -23.39 -7.27 -14.31
N VAL A 347 -22.74 -7.52 -13.18
CA VAL A 347 -23.36 -8.26 -12.08
C VAL A 347 -24.37 -7.42 -11.31
N LYS A 348 -24.45 -6.12 -11.58
CA LYS A 348 -25.32 -5.29 -10.77
C LYS A 348 -26.78 -5.41 -11.15
N THR A 349 -27.11 -6.15 -12.22
CA THR A 349 -28.51 -6.45 -12.50
C THR A 349 -29.07 -7.45 -11.49
N ASN A 350 -28.29 -8.49 -11.16
CA ASN A 350 -28.75 -9.52 -10.21
C ASN A 350 -28.80 -9.00 -8.78
N ILE A 351 -27.73 -8.37 -8.31
CA ILE A 351 -27.62 -8.01 -6.91
C ILE A 351 -27.78 -6.50 -6.65
N GLY A 352 -27.26 -5.65 -7.51
CA GLY A 352 -27.33 -4.22 -7.30
C GLY A 352 -25.96 -3.63 -7.01
N HIS A 353 -25.91 -2.29 -7.04
CA HIS A 353 -24.62 -1.57 -6.85
C HIS A 353 -24.53 -1.04 -5.42
N LEU A 354 -23.32 -1.09 -4.86
CA LEU A 354 -23.02 -0.60 -3.49
C LEU A 354 -21.50 -0.40 -3.46
N ASP A 355 -21.01 0.64 -2.78
CA ASP A 355 -19.55 0.95 -2.77
C ASP A 355 -18.79 -0.16 -2.05
N THR A 356 -17.46 -0.19 -2.17
CA THR A 356 -16.62 -1.23 -1.50
C THR A 356 -17.16 -2.63 -1.80
N ALA A 357 -17.79 -2.81 -2.96
CA ALA A 357 -18.25 -4.15 -3.38
C ALA A 357 -18.55 -4.08 -4.88
N ALA A 358 -19.04 -5.18 -5.48
CA ALA A 358 -19.31 -5.25 -6.94
C ALA A 358 -18.01 -5.25 -7.74
N GLY A 359 -16.88 -4.87 -7.12
CA GLY A 359 -15.57 -4.95 -7.78
C GLY A 359 -14.91 -6.23 -7.31
N VAL A 360 -15.07 -6.57 -6.01
CA VAL A 360 -14.55 -7.86 -5.49
C VAL A 360 -15.66 -8.90 -5.73
N ALA A 361 -16.93 -8.47 -5.75
CA ALA A 361 -18.04 -9.39 -6.08
C ALA A 361 -17.99 -9.68 -7.58
N GLY A 362 -17.67 -8.65 -8.39
CA GLY A 362 -17.55 -8.83 -9.81
C GLY A 362 -16.20 -9.38 -10.16
N LEU A 363 -15.36 -9.60 -9.15
CA LEU A 363 -14.13 -10.37 -9.33
C LEU A 363 -14.32 -11.84 -9.00
N ILE A 364 -15.16 -12.12 -8.02
CA ILE A 364 -15.56 -13.49 -7.70
C ILE A 364 -16.31 -14.13 -8.86
N LYS A 365 -17.25 -13.41 -9.48
CA LYS A 365 -18.03 -13.95 -10.59
C LYS A 365 -17.16 -14.24 -11.80
N THR A 366 -16.26 -13.33 -12.12
CA THR A 366 -15.35 -13.58 -13.24
C THR A 366 -14.33 -14.66 -12.91
N ALA A 367 -13.90 -14.74 -11.64
CA ALA A 367 -12.88 -15.73 -11.27
C ALA A 367 -13.46 -17.13 -11.28
N LEU A 368 -14.74 -17.28 -10.92
CA LEU A 368 -15.41 -18.56 -11.09
C LEU A 368 -15.56 -18.90 -12.56
N ALA A 369 -16.09 -17.96 -13.36
CA ALA A 369 -16.38 -18.23 -14.77
C ALA A 369 -15.14 -18.51 -15.60
N VAL A 370 -13.95 -18.08 -15.16
CA VAL A 370 -12.74 -18.50 -15.86
C VAL A 370 -12.43 -19.97 -15.55
N GLN A 371 -12.61 -20.38 -14.29
CA GLN A 371 -12.26 -21.75 -13.88
C GLN A 371 -13.22 -22.78 -14.47
N GLN A 372 -14.52 -22.49 -14.46
CA GLN A 372 -15.50 -23.43 -15.00
C GLN A 372 -15.45 -23.48 -16.53
N GLY A 373 -15.81 -22.37 -17.17
CA GLY A 373 -15.94 -22.30 -18.61
C GLY A 373 -17.33 -21.88 -19.04
N ILE A 374 -18.07 -21.25 -18.15
CA ILE A 374 -19.45 -20.86 -18.38
C ILE A 374 -19.61 -19.38 -18.14
N ILE A 375 -20.07 -18.65 -19.15
CA ILE A 375 -20.39 -17.23 -19.02
C ILE A 375 -21.84 -17.12 -18.60
N PRO A 376 -22.14 -16.54 -17.44
CA PRO A 376 -23.53 -16.51 -17.01
C PRO A 376 -24.38 -15.48 -17.75
N ALA A 377 -25.62 -15.30 -17.33
CA ALA A 377 -26.56 -14.52 -18.10
C ALA A 377 -26.46 -13.04 -17.77
N THR A 378 -27.38 -12.25 -18.34
CA THR A 378 -27.50 -10.82 -18.05
C THR A 378 -28.97 -10.46 -18.10
N LEU A 379 -29.54 -10.09 -16.97
CA LEU A 379 -30.96 -9.80 -16.93
C LEU A 379 -31.27 -8.46 -17.59
N HIS A 380 -32.56 -8.28 -17.92
CA HIS A 380 -33.16 -6.99 -18.26
C HIS A 380 -32.53 -6.35 -19.49
N PHE A 381 -32.63 -7.00 -20.63
CA PHE A 381 -31.98 -6.48 -21.84
C PHE A 381 -32.75 -6.92 -23.08
N GLU A 382 -33.46 -5.99 -23.71
CA GLU A 382 -34.13 -6.26 -24.97
C GLU A 382 -33.55 -5.45 -26.12
N ARG A 383 -33.54 -4.12 -26.01
CA ARG A 383 -33.06 -3.23 -27.07
C ARG A 383 -31.88 -2.41 -26.55
N PRO A 384 -30.88 -2.13 -27.39
CA PRO A 384 -29.74 -1.33 -26.94
C PRO A 384 -30.12 0.12 -26.73
N ASN A 385 -29.17 0.87 -26.18
CA ASN A 385 -29.35 2.30 -25.92
C ASN A 385 -29.26 3.09 -27.22
N ALA A 386 -29.62 4.37 -27.14
CA ALA A 386 -29.58 5.24 -28.31
C ALA A 386 -28.14 5.55 -28.71
N GLN A 387 -27.30 5.94 -27.75
CA GLN A 387 -25.93 6.34 -28.03
C GLN A 387 -24.95 5.17 -28.06
N ILE A 388 -25.45 3.94 -28.24
CA ILE A 388 -24.60 2.76 -28.27
C ILE A 388 -24.93 1.99 -29.55
N ASP A 389 -23.92 1.75 -30.37
CA ASP A 389 -24.05 0.87 -31.54
C ASP A 389 -23.12 -0.34 -31.45
N LEU A 390 -23.71 -1.49 -31.13
CA LEU A 390 -22.90 -2.67 -30.82
C LEU A 390 -22.29 -3.28 -32.08
N THR A 391 -23.00 -3.22 -33.20
CA THR A 391 -22.73 -4.08 -34.35
C THR A 391 -21.40 -3.75 -35.02
N ASN A 392 -20.97 -2.50 -34.98
CA ASN A 392 -19.67 -2.14 -35.52
C ASN A 392 -18.52 -2.37 -34.54
N SER A 393 -18.81 -2.56 -33.26
CA SER A 393 -17.84 -2.71 -32.18
C SER A 393 -17.65 -4.18 -31.86
N PRO A 394 -16.54 -4.57 -31.23
CA PRO A 394 -16.34 -5.98 -30.91
C PRO A 394 -17.13 -6.51 -29.72
N PHE A 395 -18.15 -5.82 -29.23
CA PHE A 395 -18.88 -6.29 -28.07
C PHE A 395 -20.23 -6.86 -28.46
N TYR A 396 -20.79 -7.68 -27.57
CA TYR A 396 -22.18 -8.08 -27.63
C TYR A 396 -22.62 -8.41 -26.22
N ILE A 397 -23.92 -8.63 -26.05
CA ILE A 397 -24.47 -8.88 -24.73
C ILE A 397 -25.32 -10.15 -24.79
N ASN A 398 -25.07 -11.07 -23.85
CA ASN A 398 -25.82 -12.30 -23.71
C ASN A 398 -27.15 -12.06 -23.01
N THR A 399 -28.04 -13.04 -23.11
CA THR A 399 -29.18 -13.13 -22.20
C THR A 399 -29.37 -14.55 -21.67
N THR A 400 -28.83 -15.56 -22.33
CA THR A 400 -28.89 -16.93 -21.87
C THR A 400 -27.50 -17.44 -21.50
N CYS A 401 -27.46 -18.34 -20.52
CA CYS A 401 -26.24 -18.77 -19.85
C CYS A 401 -25.41 -19.66 -20.76
N GLN A 402 -24.66 -19.03 -21.65
CA GLN A 402 -24.00 -19.78 -22.70
C GLN A 402 -22.70 -20.41 -22.22
N PRO A 403 -22.25 -21.48 -22.87
CA PRO A 403 -20.89 -21.97 -22.61
C PRO A 403 -19.84 -21.08 -23.24
N TRP A 404 -18.56 -21.35 -22.96
CA TRP A 404 -17.49 -20.47 -23.36
C TRP A 404 -16.33 -21.31 -23.86
N GLN A 405 -15.96 -21.10 -25.11
CA GLN A 405 -14.79 -21.71 -25.73
C GLN A 405 -14.18 -20.71 -26.71
N PRO A 406 -13.00 -20.17 -26.43
CA PRO A 406 -12.38 -19.25 -27.37
C PRO A 406 -11.84 -19.98 -28.59
N GLU A 407 -11.48 -19.20 -29.61
CA GLU A 407 -10.93 -19.78 -30.83
C GLU A 407 -9.50 -20.25 -30.62
N SER A 408 -8.73 -19.57 -29.78
CA SER A 408 -7.53 -20.16 -29.22
C SER A 408 -7.92 -20.97 -27.98
N GLY A 409 -6.95 -21.64 -27.37
CA GLY A 409 -7.31 -22.55 -26.30
C GLY A 409 -7.60 -21.91 -24.97
N ILE A 410 -7.13 -20.69 -24.73
CA ILE A 410 -7.02 -20.11 -23.40
C ILE A 410 -8.11 -19.06 -23.20
N ARG A 411 -8.68 -18.99 -22.00
CA ARG A 411 -9.77 -18.09 -21.69
C ARG A 411 -9.27 -16.97 -20.79
N ARG A 412 -9.44 -15.72 -21.24
CA ARG A 412 -9.00 -14.54 -20.52
C ARG A 412 -10.20 -13.67 -20.19
N ALA A 413 -9.99 -12.58 -19.46
CA ALA A 413 -11.14 -11.84 -18.94
C ALA A 413 -10.75 -10.40 -18.65
N GLY A 414 -11.57 -9.70 -17.87
CA GLY A 414 -11.24 -8.36 -17.43
C GLY A 414 -12.32 -7.77 -16.54
N VAL A 415 -11.97 -7.10 -15.45
CA VAL A 415 -12.94 -6.55 -14.51
C VAL A 415 -12.65 -5.07 -14.30
N THR A 416 -13.67 -4.23 -14.34
CA THR A 416 -13.49 -2.80 -14.20
C THR A 416 -14.44 -2.26 -13.14
N SER A 417 -13.93 -1.45 -12.22
CA SER A 417 -14.75 -0.69 -11.30
C SER A 417 -14.26 0.75 -11.27
N LEU A 418 -15.20 1.69 -11.25
CA LEU A 418 -14.91 3.11 -11.31
C LEU A 418 -15.42 3.79 -10.06
N GLY A 419 -14.58 4.66 -9.48
CA GLY A 419 -14.96 5.33 -8.21
C GLY A 419 -15.63 6.67 -8.43
N MET A 420 -16.15 7.28 -7.35
CA MET A 420 -16.81 8.60 -7.44
C MET A 420 -15.79 9.64 -7.92
N GLY A 421 -14.66 9.77 -7.21
CA GLY A 421 -13.60 10.71 -7.63
C GLY A 421 -13.06 10.35 -8.99
N GLY A 422 -13.26 9.11 -9.42
CA GLY A 422 -12.82 8.66 -10.76
C GLY A 422 -11.60 7.77 -10.68
N THR A 423 -11.51 6.94 -9.64
CA THR A 423 -10.38 5.99 -9.54
C THR A 423 -10.71 4.76 -10.40
N ASN A 424 -10.03 4.62 -11.55
CA ASN A 424 -10.34 3.51 -12.49
C ASN A 424 -9.37 2.35 -12.26
N ALA A 425 -9.89 1.15 -12.02
CA ALA A 425 -9.04 -0.04 -11.77
C ALA A 425 -9.40 -1.15 -12.77
N HIS A 426 -8.43 -1.62 -13.55
CA HIS A 426 -8.68 -2.73 -14.52
C HIS A 426 -7.80 -3.93 -14.16
N VAL A 427 -8.39 -5.12 -13.98
CA VAL A 427 -7.64 -6.30 -13.58
C VAL A 427 -7.77 -7.38 -14.64
N VAL A 428 -6.72 -7.57 -15.43
CA VAL A 428 -6.73 -8.62 -16.48
C VAL A 428 -6.62 -9.99 -15.80
N LEU A 429 -7.61 -10.86 -16.03
CA LEU A 429 -7.59 -12.22 -15.43
C LEU A 429 -7.17 -13.22 -16.50
N GLU A 430 -6.35 -14.20 -16.13
CA GLU A 430 -5.97 -15.26 -17.10
C GLU A 430 -6.45 -16.62 -16.56
N GLN A 431 -6.38 -17.67 -17.37
CA GLN A 431 -6.85 -18.98 -16.95
C GLN A 431 -5.77 -19.72 -16.22
N ALA A 432 -6.15 -20.50 -15.22
CA ALA A 432 -5.21 -21.30 -14.43
C ALA A 432 -4.59 -22.38 -15.31
N PRO A 433 -3.29 -22.62 -15.17
CA PRO A 433 -2.66 -23.63 -16.02
C PRO A 433 -3.04 -25.04 -15.59
N ALA A 434 -3.26 -25.90 -16.58
CA ALA A 434 -3.78 -27.24 -16.33
C ALA A 434 -2.67 -28.16 -15.82
N VAL A 435 -3.09 -29.21 -15.11
CA VAL A 435 -2.18 -30.14 -14.45
C VAL A 435 -2.43 -31.56 -14.93
N ASP A 436 -1.39 -32.39 -14.81
CA ASP A 436 -1.40 -33.77 -15.29
C ASP A 436 -1.62 -34.68 -14.09
N LEU A 437 -2.90 -34.97 -13.79
CA LEU A 437 -3.25 -35.73 -12.60
C LEU A 437 -3.20 -37.24 -12.80
N GLN A 438 -2.88 -37.70 -14.01
CA GLN A 438 -2.90 -39.13 -14.29
C GLN A 438 -1.64 -39.85 -13.84
N ALA A 439 -0.56 -39.12 -13.59
CA ALA A 439 0.70 -39.75 -13.19
C ALA A 439 0.77 -40.07 -11.71
N ARG A 440 -0.25 -39.71 -10.94
CA ARG A 440 -0.26 -40.02 -9.51
C ARG A 440 -0.50 -41.51 -9.30
N ALA A 441 0.12 -42.05 -8.25
CA ALA A 441 -0.15 -43.41 -7.82
C ALA A 441 -1.59 -43.49 -7.29
N PRO A 442 -2.23 -44.66 -7.38
CA PRO A 442 -3.64 -44.77 -6.99
C PRO A 442 -3.88 -44.53 -5.50
N VAL A 443 -5.14 -44.23 -5.21
CA VAL A 443 -5.67 -43.80 -3.91
C VAL A 443 -5.42 -44.87 -2.84
N PRO A 444 -5.17 -44.49 -1.58
CA PRO A 444 -5.14 -45.49 -0.51
C PRO A 444 -6.48 -46.17 -0.34
N ALA A 445 -6.44 -47.41 0.16
CA ALA A 445 -7.65 -48.23 0.19
C ALA A 445 -8.67 -47.75 1.21
N TYR A 446 -8.24 -47.10 2.29
CA TYR A 446 -9.15 -46.49 3.24
C TYR A 446 -8.61 -45.13 3.65
N SER A 447 -9.44 -44.34 4.32
CA SER A 447 -9.02 -43.02 4.76
C SER A 447 -9.89 -42.55 5.91
N ILE A 448 -9.27 -41.82 6.84
CA ILE A 448 -9.96 -41.29 8.00
C ILE A 448 -10.45 -39.90 7.64
N LEU A 449 -11.71 -39.58 7.96
CA LEU A 449 -12.22 -38.25 7.71
C LEU A 449 -12.49 -37.56 9.05
N PRO A 450 -11.62 -36.70 9.54
CA PRO A 450 -11.83 -36.08 10.85
C PRO A 450 -12.55 -34.74 10.85
N PHE A 451 -13.58 -34.55 11.67
CA PHE A 451 -14.23 -33.26 11.85
C PHE A 451 -14.10 -32.85 13.30
N SER A 452 -14.08 -31.54 13.55
CA SER A 452 -13.74 -31.04 14.88
C SER A 452 -14.25 -29.62 15.07
N ALA A 453 -14.83 -29.34 16.23
CA ALA A 453 -15.51 -28.08 16.44
C ALA A 453 -15.56 -27.72 17.91
N LYS A 454 -15.60 -26.42 18.18
CA LYS A 454 -15.44 -25.89 19.53
C LYS A 454 -16.62 -26.15 20.44
N THR A 455 -17.80 -26.39 19.90
CA THR A 455 -19.00 -26.55 20.72
C THR A 455 -19.74 -27.76 20.16
N ASP A 456 -20.61 -28.35 20.98
CA ASP A 456 -21.38 -29.51 20.52
C ASP A 456 -22.30 -29.15 19.36
N SER A 457 -22.96 -28.00 19.44
CA SER A 457 -23.90 -27.60 18.39
C SER A 457 -23.17 -27.29 17.08
N ALA A 458 -21.99 -26.71 17.15
CA ALA A 458 -21.23 -26.40 15.95
C ALA A 458 -20.56 -27.62 15.35
N LEU A 459 -20.65 -28.78 15.99
CA LEU A 459 -20.37 -30.04 15.34
C LEU A 459 -21.64 -30.72 14.82
N SER A 460 -22.73 -30.64 15.58
CA SER A 460 -23.98 -31.25 15.14
C SER A 460 -24.59 -30.55 13.94
N SER A 461 -24.27 -29.28 13.70
CA SER A 461 -24.76 -28.60 12.52
C SER A 461 -23.77 -28.57 11.37
N GLY A 462 -22.48 -28.61 11.65
CA GLY A 462 -21.50 -28.74 10.61
C GLY A 462 -21.20 -30.15 10.18
N LEU A 463 -21.86 -31.13 10.79
CA LEU A 463 -21.84 -32.48 10.24
C LEU A 463 -22.74 -32.64 9.03
N ALA A 464 -23.87 -31.92 9.00
CA ALA A 464 -24.86 -32.10 7.94
C ALA A 464 -24.45 -31.46 6.63
N ARG A 465 -23.66 -30.40 6.69
CA ARG A 465 -23.17 -29.75 5.47
C ARG A 465 -22.21 -30.64 4.71
N PHE A 466 -21.54 -31.58 5.37
CA PHE A 466 -20.83 -32.60 4.62
C PHE A 466 -21.71 -33.75 4.16
N ALA A 467 -22.99 -33.77 4.50
CA ALA A 467 -23.90 -34.65 3.78
C ALA A 467 -24.39 -33.98 2.51
N ASP A 468 -24.81 -32.72 2.63
CA ASP A 468 -25.30 -31.98 1.47
C ASP A 468 -24.20 -31.69 0.46
N PHE A 469 -22.94 -31.60 0.90
CA PHE A 469 -21.86 -31.52 -0.07
C PHE A 469 -21.65 -32.85 -0.76
N LEU A 470 -21.81 -33.96 -0.05
CA LEU A 470 -21.46 -35.26 -0.58
C LEU A 470 -22.60 -35.92 -1.37
N GLN A 471 -23.77 -35.29 -1.44
CA GLN A 471 -24.85 -35.78 -2.28
C GLN A 471 -24.88 -35.14 -3.67
N HIS A 472 -23.72 -34.79 -4.20
CA HIS A 472 -23.56 -34.35 -5.57
C HIS A 472 -23.07 -35.51 -6.43
N GLU A 473 -22.63 -35.20 -7.64
CA GLU A 473 -21.90 -36.15 -8.47
C GLU A 473 -20.60 -35.48 -8.93
N SER A 474 -19.66 -36.33 -9.36
CA SER A 474 -18.26 -35.97 -9.63
C SER A 474 -17.65 -35.26 -8.42
N LEU A 475 -17.56 -36.01 -7.32
CA LEU A 475 -17.08 -35.50 -6.06
C LEU A 475 -15.56 -35.35 -6.10
N PRO A 476 -14.98 -34.54 -5.20
CA PRO A 476 -13.52 -34.46 -5.13
C PRO A 476 -12.89 -35.76 -4.68
N ASP A 477 -11.61 -35.91 -5.00
CA ASP A 477 -10.86 -37.14 -4.78
C ASP A 477 -10.81 -37.49 -3.30
N ARG A 478 -10.78 -38.79 -3.00
CA ARG A 478 -10.79 -39.19 -1.59
C ARG A 478 -9.42 -38.97 -0.95
N ARG A 479 -8.36 -39.01 -1.73
CA ARG A 479 -7.05 -38.66 -1.21
C ARG A 479 -6.98 -37.18 -0.84
N ASP A 480 -7.56 -36.31 -1.67
CA ASP A 480 -7.59 -34.88 -1.45
C ASP A 480 -8.75 -34.44 -0.58
N LEU A 481 -9.33 -35.34 0.19
CA LEU A 481 -10.38 -34.98 1.12
C LEU A 481 -10.00 -35.31 2.55
N ALA A 482 -8.94 -36.09 2.77
CA ALA A 482 -8.35 -36.22 4.09
C ALA A 482 -7.27 -35.19 4.34
N TRP A 483 -6.51 -34.81 3.30
CA TRP A 483 -5.43 -33.84 3.43
C TRP A 483 -5.91 -32.42 3.21
N THR A 484 -7.15 -32.15 3.55
CA THR A 484 -7.68 -30.81 3.65
C THR A 484 -8.44 -30.74 4.95
N LEU A 485 -8.83 -31.90 5.47
CA LEU A 485 -9.53 -31.94 6.74
C LEU A 485 -8.61 -32.19 7.91
N SER A 486 -7.47 -32.83 7.65
CA SER A 486 -6.43 -33.01 8.71
C SER A 486 -5.38 -31.95 8.45
N GLN A 487 -5.42 -31.33 7.26
CA GLN A 487 -4.46 -30.26 6.90
C GLN A 487 -5.24 -29.04 6.39
N GLY A 488 -5.87 -28.29 7.29
CA GLY A 488 -6.65 -27.11 6.90
C GLY A 488 -7.70 -26.78 7.93
N ARG A 489 -8.61 -27.73 8.20
CA ARG A 489 -9.63 -27.51 9.27
C ARG A 489 -8.91 -27.57 10.61
N LYS A 490 -8.93 -26.46 11.37
CA LYS A 490 -8.19 -26.39 12.67
C LYS A 490 -8.74 -27.45 13.63
N ALA A 491 -7.84 -28.10 14.40
CA ALA A 491 -8.28 -29.10 15.40
C ALA A 491 -8.86 -28.39 16.61
N PHE A 492 -9.96 -28.91 17.17
CA PHE A 492 -10.62 -28.29 18.31
C PHE A 492 -10.96 -29.34 19.35
N ALA A 493 -11.84 -28.98 20.30
CA ALA A 493 -12.14 -29.83 21.44
C ALA A 493 -13.05 -31.01 21.05
N HIS A 494 -14.30 -30.74 20.70
CA HIS A 494 -15.24 -31.80 20.37
C HIS A 494 -14.88 -32.37 19.00
N ARG A 495 -14.74 -33.69 18.89
CA ARG A 495 -14.35 -34.30 17.62
C ARG A 495 -15.30 -35.43 17.24
N ALA A 496 -15.09 -35.95 16.03
CA ALA A 496 -15.71 -37.15 15.47
C ALA A 496 -14.84 -37.57 14.31
N ALA A 497 -14.95 -38.84 13.90
CA ALA A 497 -14.08 -39.33 12.85
C ALA A 497 -14.67 -40.58 12.23
N LEU A 498 -14.63 -40.66 10.90
CA LEU A 498 -15.17 -41.78 10.15
C LEU A 498 -14.08 -42.46 9.34
N VAL A 499 -14.27 -43.74 9.08
CA VAL A 499 -13.36 -44.53 8.25
C VAL A 499 -14.16 -45.05 7.06
N THR A 500 -14.13 -44.34 5.94
CA THR A 500 -14.96 -44.66 4.79
C THR A 500 -14.10 -45.11 3.62
N ARG A 501 -14.75 -45.72 2.64
CA ARG A 501 -14.09 -46.09 1.39
C ARG A 501 -14.83 -45.63 0.13
N ASP A 502 -16.14 -45.46 0.19
CA ASP A 502 -16.89 -44.79 -0.87
C ASP A 502 -17.62 -43.60 -0.27
N LEU A 503 -17.53 -42.45 -0.94
CA LEU A 503 -18.10 -41.23 -0.40
C LEU A 503 -19.61 -41.25 -0.38
N HIS A 504 -20.24 -41.93 -1.35
CA HIS A 504 -21.69 -41.97 -1.41
C HIS A 504 -22.29 -42.75 -0.24
N ALA A 505 -21.58 -43.76 0.26
CA ALA A 505 -22.01 -44.41 1.49
C ALA A 505 -21.83 -43.51 2.70
N ALA A 506 -20.76 -42.71 2.68
CA ALA A 506 -20.51 -41.77 3.77
C ALA A 506 -21.56 -40.68 3.83
N GLY A 507 -22.18 -40.36 2.70
CA GLY A 507 -23.28 -39.40 2.72
C GLY A 507 -24.48 -39.88 3.53
N THR A 508 -24.91 -41.11 3.28
CA THR A 508 -26.03 -41.67 4.05
C THR A 508 -25.62 -41.99 5.48
N LEU A 509 -24.32 -42.24 5.70
CA LEU A 509 -23.83 -42.42 7.05
C LEU A 509 -23.93 -41.13 7.87
N LEU A 510 -23.46 -40.02 7.30
CA LEU A 510 -23.48 -38.74 7.99
C LEU A 510 -24.88 -38.12 8.02
N GLN A 511 -25.81 -38.62 7.21
CA GLN A 511 -27.17 -38.07 7.18
C GLN A 511 -27.90 -38.26 8.50
N GLN A 512 -27.62 -39.36 9.21
CA GLN A 512 -28.22 -39.64 10.51
C GLN A 512 -27.19 -39.35 11.60
N ALA A 513 -27.60 -38.60 12.62
CA ALA A 513 -26.63 -38.08 13.58
C ALA A 513 -26.46 -38.99 14.78
N ALA A 514 -27.52 -39.22 15.54
CA ALA A 514 -27.45 -39.97 16.79
C ALA A 514 -27.42 -41.48 16.59
N THR A 515 -27.57 -41.96 15.36
CA THR A 515 -27.52 -43.38 15.04
C THR A 515 -26.15 -43.71 14.45
N ALA A 516 -25.12 -43.19 15.08
CA ALA A 516 -23.79 -43.13 14.49
C ALA A 516 -23.04 -44.44 14.71
N PRO A 517 -22.55 -45.09 13.65
CA PRO A 517 -21.44 -46.05 13.78
C PRO A 517 -20.07 -45.42 13.53
N PHE A 518 -19.78 -44.31 14.21
CA PHE A 518 -18.47 -43.70 14.13
C PHE A 518 -18.11 -43.11 15.48
N ALA A 519 -16.80 -42.94 15.69
CA ALA A 519 -16.27 -42.58 17.00
C ALA A 519 -16.53 -41.12 17.31
N ARG A 520 -17.39 -40.85 18.29
CA ARG A 520 -17.78 -39.49 18.63
C ARG A 520 -17.57 -39.23 20.11
N GLY A 521 -16.85 -38.17 20.44
CA GLY A 521 -16.62 -37.83 21.84
C GLY A 521 -15.87 -36.52 21.97
N VAL A 522 -15.72 -36.09 23.22
CA VAL A 522 -14.99 -34.90 23.63
C VAL A 522 -13.52 -35.30 23.72
N ALA A 523 -12.60 -34.33 23.85
CA ALA A 523 -11.16 -34.63 23.87
C ALA A 523 -10.55 -34.28 25.23
N GLN A 524 -9.51 -35.00 25.63
CA GLN A 524 -8.83 -34.74 26.93
C GLN A 524 -7.34 -34.51 26.66
N THR A 525 -6.51 -34.41 27.70
CA THR A 525 -5.05 -34.23 27.53
C THR A 525 -4.46 -35.47 26.85
N GLN A 526 -4.53 -36.62 27.50
CA GLN A 526 -4.05 -37.91 26.90
C GLN A 526 -2.66 -37.76 26.28
N LEU A 527 -1.64 -37.52 27.10
CA LEU A 527 -0.25 -37.37 26.59
C LEU A 527 0.51 -38.67 26.82
N GLY A 528 -0.15 -39.70 27.36
CA GLY A 528 0.50 -41.00 27.62
C GLY A 528 -0.39 -42.17 27.27
N LEU A 529 0.21 -43.30 26.90
CA LEU A 529 -0.57 -44.52 26.55
C LEU A 529 0.10 -45.73 27.21
N GLY A 530 -0.69 -46.70 27.67
CA GLY A 530 -0.13 -47.88 28.29
C GLY A 530 -0.34 -49.11 27.42
N LEU A 531 0.57 -50.06 27.52
CA LEU A 531 0.69 -51.10 26.51
C LEU A 531 0.56 -52.49 27.14
N LEU A 532 -0.63 -53.06 27.09
CA LEU A 532 -0.73 -54.49 27.34
C LEU A 532 -0.08 -55.27 26.21
N PHE A 533 0.30 -56.50 26.51
CA PHE A 533 0.77 -57.44 25.51
C PHE A 533 0.00 -58.74 25.72
N SER A 534 -0.06 -59.57 24.69
CA SER A 534 -0.99 -60.68 24.71
C SER A 534 -0.32 -62.00 25.06
N GLY A 535 -1.16 -63.03 25.24
CA GLY A 535 -0.73 -64.33 25.71
C GLY A 535 -0.14 -65.21 24.63
N GLN A 536 -0.64 -66.44 24.49
CA GLN A 536 -0.09 -67.36 23.50
C GLN A 536 -1.14 -68.17 22.74
N GLY A 537 -2.39 -68.23 23.19
CA GLY A 537 -3.32 -69.15 22.57
C GLY A 537 -4.45 -68.57 21.76
N SER A 538 -4.20 -67.53 20.97
CA SER A 538 -5.31 -66.88 20.25
C SER A 538 -4.98 -66.44 18.83
N GLN A 539 -3.93 -66.97 18.21
CA GLN A 539 -3.51 -66.50 16.89
C GLN A 539 -4.33 -67.16 15.78
N TYR A 540 -3.95 -66.91 14.53
CA TYR A 540 -4.60 -67.48 13.36
C TYR A 540 -3.62 -67.43 12.19
N GLN A 541 -4.07 -67.90 11.04
CA GLN A 541 -3.25 -67.88 9.82
C GLN A 541 -3.67 -66.72 8.94
N ARG A 542 -2.78 -66.40 7.98
CA ARG A 542 -2.81 -65.16 7.20
C ARG A 542 -2.84 -63.94 8.11
N MET A 543 -2.11 -64.01 9.22
CA MET A 543 -2.19 -63.02 10.28
C MET A 543 -1.08 -62.00 10.08
N GLY A 544 -1.45 -60.72 10.11
CA GLY A 544 -0.51 -59.67 9.77
C GLY A 544 -0.10 -59.68 8.32
N HIS A 545 -1.06 -59.86 7.40
CA HIS A 545 -0.80 -59.85 5.97
C HIS A 545 -1.16 -58.54 5.31
N GLN A 546 -2.25 -57.90 5.76
CA GLN A 546 -2.64 -56.60 5.20
C GLN A 546 -1.63 -55.52 5.52
N LEU A 547 -1.05 -55.55 6.72
CA LEU A 547 -0.13 -54.51 7.15
C LEU A 547 1.25 -54.65 6.56
N TYR A 548 1.61 -55.82 6.02
CA TYR A 548 2.97 -56.02 5.59
C TYR A 548 3.27 -55.30 4.29
N GLN A 549 2.28 -55.19 3.42
CA GLN A 549 2.47 -54.62 2.10
C GLN A 549 2.07 -53.15 2.02
N VAL A 550 1.12 -52.71 2.85
CA VAL A 550 0.63 -51.35 2.76
C VAL A 550 1.57 -50.39 3.48
N TRP A 551 1.92 -50.70 4.72
CA TRP A 551 2.81 -49.87 5.52
C TRP A 551 4.25 -50.35 5.37
N PRO A 552 5.24 -49.45 5.35
CA PRO A 552 6.62 -49.89 5.15
C PRO A 552 7.40 -50.16 6.43
N ALA A 553 6.96 -49.60 7.55
CA ALA A 553 7.68 -49.82 8.80
C ALA A 553 7.48 -51.24 9.30
N TYR A 554 6.29 -51.81 9.08
CA TYR A 554 6.04 -53.20 9.42
C TYR A 554 6.85 -54.14 8.54
N ALA A 555 7.06 -53.74 7.29
CA ALA A 555 7.89 -54.56 6.40
C ALA A 555 9.37 -54.39 6.70
N ASP A 556 9.75 -53.31 7.37
CA ASP A 556 11.14 -53.11 7.74
C ASP A 556 11.45 -53.67 9.13
N ALA A 557 10.40 -53.93 9.91
CA ALA A 557 10.56 -54.50 11.27
C ALA A 557 10.25 -56.00 11.22
N PHE A 558 9.52 -56.45 10.20
CA PHE A 558 9.32 -57.91 10.05
C PHE A 558 10.67 -58.44 9.55
N ASP A 559 11.40 -57.59 8.83
CA ASP A 559 12.76 -57.97 8.37
C ASP A 559 13.71 -57.93 9.57
N ARG A 560 14.92 -58.51 9.46
CA ARG A 560 15.89 -58.62 10.59
C ARG A 560 15.38 -59.67 11.58
N CYS A 561 14.12 -59.58 12.03
CA CYS A 561 13.53 -60.61 12.92
C CYS A 561 13.43 -61.92 12.12
N ALA A 562 12.77 -61.88 10.96
CA ALA A 562 12.66 -63.08 10.10
C ALA A 562 14.04 -63.42 9.52
N THR A 563 14.81 -62.40 9.13
CA THR A 563 16.14 -62.62 8.51
C THR A 563 17.03 -63.45 9.44
N LEU A 564 17.01 -63.17 10.74
CA LEU A 564 17.87 -63.91 11.66
C LEU A 564 17.52 -65.39 11.70
N LEU A 565 16.23 -65.70 11.64
CA LEU A 565 15.78 -67.08 11.74
C LEU A 565 15.82 -67.80 10.41
N GLU A 566 16.14 -67.12 9.32
CA GLU A 566 16.50 -67.78 8.07
C GLU A 566 17.99 -67.63 7.76
N ARG A 567 18.79 -67.25 8.76
CA ARG A 567 20.23 -67.23 8.61
C ARG A 567 20.93 -68.05 9.69
N GLU A 568 20.28 -68.31 10.83
CA GLU A 568 20.93 -69.09 11.87
C GLU A 568 20.18 -70.36 12.27
N TYR A 569 19.14 -70.76 11.55
CA TYR A 569 18.40 -71.99 11.84
C TYR A 569 17.93 -72.61 10.53
N GLN A 570 17.25 -73.76 10.66
CA GLN A 570 16.72 -74.42 9.46
C GLN A 570 15.51 -73.69 8.88
N LEU A 571 14.71 -73.04 9.74
CA LEU A 571 13.38 -72.60 9.34
C LEU A 571 13.45 -71.26 8.60
N ASP A 572 12.26 -70.76 8.27
CA ASP A 572 12.10 -69.48 7.59
C ASP A 572 10.70 -68.95 7.89
N ILE A 573 10.63 -67.74 8.45
CA ILE A 573 9.40 -67.23 9.03
C ILE A 573 8.37 -66.88 7.96
N ARG A 574 8.80 -66.21 6.88
CA ARG A 574 7.84 -65.57 5.99
C ARG A 574 7.10 -66.53 5.08
N HIS A 575 7.48 -67.81 5.03
CA HIS A 575 6.76 -68.74 4.19
C HIS A 575 5.42 -69.16 4.81
N GLU A 576 5.33 -69.24 6.14
CA GLU A 576 4.14 -69.81 6.76
C GLU A 576 3.01 -68.82 6.94
N LEU A 577 3.18 -67.56 6.52
CA LEU A 577 2.11 -66.58 6.62
C LEU A 577 1.66 -66.08 5.25
N PHE A 578 2.58 -65.53 4.45
CA PHE A 578 2.21 -64.89 3.19
C PHE A 578 2.36 -65.78 1.97
N ARG A 579 2.95 -66.97 2.11
CA ARG A 579 3.13 -67.83 0.96
C ARG A 579 2.72 -69.27 1.21
N ALA A 580 2.24 -69.61 2.40
CA ALA A 580 1.72 -70.94 2.66
C ALA A 580 0.30 -71.06 2.10
N GLU A 581 0.00 -72.21 1.51
CA GLU A 581 -1.34 -72.47 1.00
C GLU A 581 -2.34 -72.58 2.14
N VAL A 582 -3.50 -71.98 1.95
CA VAL A 582 -4.50 -71.94 3.00
C VAL A 582 -5.21 -73.29 3.07
N SER A 583 -5.14 -73.94 4.22
CA SER A 583 -5.78 -75.23 4.42
C SER A 583 -6.03 -75.40 5.92
N LEU A 584 -6.67 -76.51 6.27
CA LEU A 584 -6.92 -76.84 7.67
C LEU A 584 -5.80 -77.69 8.26
N ALA A 585 -4.94 -78.29 7.41
CA ALA A 585 -3.80 -79.02 7.93
C ALA A 585 -2.77 -78.08 8.54
N GLN A 586 -2.43 -77.01 7.83
CA GLN A 586 -1.47 -76.02 8.33
C GLN A 586 -2.15 -74.94 9.17
N GLY A 587 -3.46 -75.05 9.39
CA GLY A 587 -4.11 -74.20 10.37
C GLY A 587 -3.74 -74.53 11.80
N GLU A 588 -3.26 -75.76 12.04
CA GLU A 588 -2.83 -76.19 13.37
C GLU A 588 -1.39 -76.65 13.39
N ARG A 589 -0.62 -76.39 12.32
CA ARG A 589 0.82 -76.61 12.38
C ARG A 589 1.49 -75.66 13.36
N LEU A 590 1.05 -74.40 13.38
CA LEU A 590 1.61 -73.40 14.29
C LEU A 590 0.97 -73.46 15.67
N ALA A 591 0.06 -74.42 15.91
CA ALA A 591 -0.38 -74.70 17.26
C ALA A 591 0.69 -75.44 18.06
N GLN A 592 1.68 -76.02 17.40
CA GLN A 592 2.82 -76.58 18.11
C GLN A 592 3.70 -75.46 18.66
N THR A 593 4.27 -75.70 19.85
CA THR A 593 5.00 -74.68 20.58
C THR A 593 6.33 -74.32 19.90
N CYS A 594 6.87 -75.23 19.08
CA CYS A 594 8.22 -75.12 18.54
C CYS A 594 8.40 -73.92 17.61
N LEU A 595 7.44 -73.68 16.70
CA LEU A 595 7.50 -72.54 15.78
C LEU A 595 6.38 -71.55 16.01
N THR A 596 5.92 -71.40 17.25
CA THR A 596 4.94 -70.38 17.59
C THR A 596 5.54 -69.24 18.37
N GLN A 597 6.46 -69.54 19.28
CA GLN A 597 7.07 -68.49 20.12
C GLN A 597 7.88 -67.46 19.33
N PRO A 598 8.83 -67.80 18.45
CA PRO A 598 9.53 -66.71 17.74
C PRO A 598 8.66 -66.04 16.69
N LEU A 599 7.68 -66.77 16.15
CA LEU A 599 6.74 -66.20 15.19
C LEU A 599 5.92 -65.10 15.84
N LEU A 600 5.34 -65.40 17.00
CA LEU A 600 4.49 -64.42 17.64
C LEU A 600 5.30 -63.33 18.31
N PHE A 601 6.53 -63.62 18.74
CA PHE A 601 7.40 -62.55 19.23
C PHE A 601 7.77 -61.59 18.11
N SER A 602 8.04 -62.12 16.91
CA SER A 602 8.36 -61.28 15.77
C SER A 602 7.18 -60.41 15.37
N VAL A 603 5.97 -60.98 15.36
CA VAL A 603 4.77 -60.20 15.03
C VAL A 603 4.53 -59.11 16.06
N GLU A 604 4.67 -59.42 17.35
CA GLU A 604 4.40 -58.43 18.38
C GLU A 604 5.43 -57.31 18.36
N TYR A 605 6.70 -57.65 18.11
CA TYR A 605 7.72 -56.62 18.02
C TYR A 605 7.55 -55.75 16.78
N ALA A 606 7.14 -56.35 15.65
CA ALA A 606 6.94 -55.56 14.43
C ALA A 606 5.76 -54.63 14.56
N LEU A 607 4.66 -55.10 15.15
CA LEU A 607 3.49 -54.26 15.38
C LEU A 607 3.79 -53.14 16.36
N ALA A 608 4.52 -53.43 17.44
CA ALA A 608 4.87 -52.37 18.36
C ALA A 608 5.96 -51.46 17.80
N GLN A 609 6.68 -51.88 16.79
CA GLN A 609 7.57 -50.95 16.09
C GLN A 609 6.79 -50.00 15.20
N LEU A 610 5.75 -50.52 14.53
CA LEU A 610 4.91 -49.68 13.67
C LEU A 610 4.16 -48.66 14.49
N TRP A 611 3.63 -49.06 15.65
CA TRP A 611 2.87 -48.13 16.46
C TRP A 611 3.72 -46.99 17.03
N LEU A 612 5.05 -47.12 17.04
CA LEU A 612 5.93 -46.03 17.45
C LEU A 612 6.21 -45.04 16.33
N SER A 613 5.90 -45.37 15.09
CA SER A 613 6.13 -44.43 14.00
C SER A 613 4.95 -43.54 13.73
N TRP A 614 3.83 -43.73 14.41
CA TRP A 614 2.71 -42.81 14.35
C TRP A 614 2.68 -41.88 15.53
N GLY A 615 3.77 -41.80 16.28
CA GLY A 615 3.84 -40.89 17.40
C GLY A 615 3.13 -41.37 18.64
N ILE A 616 3.62 -42.46 19.23
CA ILE A 616 3.06 -43.01 20.45
C ILE A 616 4.14 -42.97 21.53
N THR A 617 3.79 -42.38 22.68
CA THR A 617 4.67 -42.33 23.83
C THR A 617 4.19 -43.35 24.85
N PRO A 618 4.89 -44.47 25.05
CA PRO A 618 4.44 -45.46 26.02
C PRO A 618 4.98 -45.16 27.41
N THR A 619 4.13 -45.38 28.41
CA THR A 619 4.53 -45.18 29.80
C THR A 619 4.80 -46.51 30.51
N VAL A 620 3.82 -47.39 30.61
CA VAL A 620 4.01 -48.68 31.25
C VAL A 620 3.89 -49.77 30.20
N MET A 621 4.65 -50.84 30.40
CA MET A 621 4.67 -51.94 29.41
C MET A 621 4.54 -53.27 30.14
N ILE A 622 3.32 -53.63 30.52
CA ILE A 622 3.12 -54.86 31.29
C ILE A 622 3.12 -56.02 30.31
N GLY A 623 3.17 -57.25 30.81
CA GLY A 623 3.12 -58.41 29.96
C GLY A 623 2.12 -59.45 30.45
N HIS A 624 2.01 -60.53 29.69
CA HIS A 624 1.25 -61.69 30.16
C HIS A 624 1.89 -62.93 29.54
N SER A 625 2.88 -63.49 30.26
CA SER A 625 3.58 -64.76 30.06
C SER A 625 4.52 -64.78 28.86
N LEU A 626 4.44 -63.78 27.98
CA LEU A 626 5.47 -63.54 26.97
C LEU A 626 5.76 -62.06 26.79
N GLY A 627 4.84 -61.18 27.17
CA GLY A 627 4.98 -59.76 26.92
C GLY A 627 6.08 -59.10 27.71
N GLU A 628 6.51 -59.71 28.80
CA GLU A 628 7.73 -59.25 29.44
C GLU A 628 8.94 -59.44 28.53
N TRP A 629 8.96 -60.52 27.75
CA TRP A 629 10.13 -60.83 26.96
C TRP A 629 10.28 -59.92 25.75
N VAL A 630 9.23 -59.18 25.38
CA VAL A 630 9.30 -58.21 24.30
C VAL A 630 9.29 -56.77 24.82
N ALA A 631 8.60 -56.50 25.94
CA ALA A 631 8.71 -55.20 26.58
C ALA A 631 10.12 -54.99 27.12
N ALA A 632 10.80 -56.07 27.47
CA ALA A 632 12.21 -55.99 27.84
C ALA A 632 13.08 -55.58 26.65
N THR A 633 12.75 -56.06 25.46
CA THR A 633 13.51 -55.67 24.28
C THR A 633 13.29 -54.21 23.94
N LEU A 634 12.02 -53.77 23.99
CA LEU A 634 11.70 -52.37 23.58
C LEU A 634 12.10 -51.37 24.66
N ALA A 635 12.36 -51.84 25.89
CA ALA A 635 12.84 -50.93 26.95
C ALA A 635 14.32 -50.59 26.67
N GLY A 636 15.15 -51.63 26.49
CA GLY A 636 16.58 -51.41 26.22
C GLY A 636 17.43 -52.40 26.99
N VAL A 637 16.82 -53.16 27.90
CA VAL A 637 17.57 -54.16 28.71
C VAL A 637 18.08 -55.28 27.80
N PHE A 638 17.34 -55.59 26.72
CA PHE A 638 17.72 -56.69 25.81
C PHE A 638 18.04 -56.15 24.42
N SER A 639 19.12 -56.62 23.79
CA SER A 639 19.43 -56.23 22.40
C SER A 639 18.58 -57.08 21.47
N LEU A 640 18.42 -56.69 20.19
CA LEU A 640 17.50 -57.44 19.34
C LEU A 640 17.96 -58.88 19.19
N GLU A 641 19.24 -59.07 18.86
CA GLU A 641 19.76 -60.40 18.57
C GLU A 641 19.90 -61.23 19.83
N ASP A 642 20.23 -60.59 20.96
CA ASP A 642 20.28 -61.29 22.24
C ASP A 642 18.90 -61.82 22.63
N ALA A 643 17.86 -61.00 22.43
CA ALA A 643 16.52 -61.43 22.78
C ALA A 643 15.96 -62.45 21.80
N LEU A 644 16.42 -62.42 20.56
CA LEU A 644 15.87 -63.29 19.54
C LEU A 644 16.58 -64.63 19.44
N ARG A 645 17.86 -64.69 19.84
CA ARG A 645 18.69 -65.88 19.66
C ARG A 645 18.16 -67.07 20.45
N LEU A 646 17.61 -66.82 21.63
CA LEU A 646 17.34 -67.86 22.59
C LEU A 646 15.86 -68.09 22.86
N VAL A 647 14.97 -67.30 22.26
CA VAL A 647 13.53 -67.59 22.34
C VAL A 647 13.23 -68.89 21.61
N ALA A 648 13.87 -69.11 20.46
CA ALA A 648 13.77 -70.38 19.76
C ALA A 648 14.32 -71.53 20.58
N ARG A 649 15.43 -71.29 21.30
CA ARG A 649 16.01 -72.32 22.16
C ARG A 649 15.10 -72.64 23.34
N ARG A 650 14.45 -71.61 23.90
CA ARG A 650 13.47 -71.81 24.97
C ARG A 650 12.28 -72.62 24.47
N ALA A 651 11.82 -72.33 23.26
CA ALA A 651 10.74 -73.09 22.64
C ALA A 651 11.12 -74.53 22.41
N GLU A 652 12.36 -74.76 21.95
CA GLU A 652 12.83 -76.13 21.70
C GLU A 652 12.97 -76.92 23.00
N LEU A 653 13.54 -76.29 24.04
CA LEU A 653 13.66 -76.97 25.32
C LEU A 653 12.31 -77.15 25.99
N MET A 654 11.34 -76.33 25.65
CA MET A 654 10.04 -76.37 26.28
C MET A 654 9.11 -77.36 25.59
N HIS A 655 9.37 -77.65 24.30
CA HIS A 655 8.57 -78.62 23.57
C HIS A 655 8.89 -80.06 23.94
N GLN A 656 10.05 -80.32 24.54
CA GLN A 656 10.47 -81.69 24.85
C GLN A 656 9.87 -82.22 26.14
N ALA A 657 9.03 -81.46 26.81
CA ALA A 657 8.29 -81.93 27.98
C ALA A 657 7.27 -82.99 27.54
N PRO A 658 6.99 -83.99 28.41
CA PRO A 658 6.14 -85.12 27.99
C PRO A 658 4.69 -84.79 27.65
N SER A 659 3.94 -84.25 28.61
CA SER A 659 2.51 -84.04 28.39
C SER A 659 2.02 -82.97 29.36
N GLY A 660 0.84 -82.46 29.06
CA GLY A 660 0.19 -81.49 29.94
C GLY A 660 -1.14 -81.08 29.35
N ALA A 661 -1.96 -80.46 30.21
CA ALA A 661 -3.25 -79.94 29.80
C ALA A 661 -3.66 -78.85 30.77
N MET A 662 -4.58 -77.99 30.33
CA MET A 662 -5.04 -76.88 31.15
C MET A 662 -6.55 -76.93 31.30
N LEU A 663 -7.03 -76.17 32.30
CA LEU A 663 -8.43 -76.20 32.67
C LEU A 663 -8.76 -74.87 33.32
N MET A 664 -9.61 -74.07 32.69
CA MET A 664 -9.95 -72.72 33.17
C MET A 664 -11.14 -72.80 34.10
N VAL A 665 -10.93 -72.52 35.38
CA VAL A 665 -11.97 -72.57 36.39
C VAL A 665 -12.33 -71.15 36.78
N ALA A 666 -13.64 -70.84 36.79
CA ALA A 666 -14.12 -69.50 37.06
C ALA A 666 -14.41 -69.31 38.55
N LEU A 667 -13.35 -69.46 39.36
CA LEU A 667 -13.42 -69.30 40.80
C LEU A 667 -12.21 -68.47 41.23
N PRO A 668 -12.37 -67.60 42.23
CA PRO A 668 -11.25 -66.72 42.63
C PRO A 668 -10.15 -67.50 43.32
N GLU A 669 -9.00 -66.82 43.47
CA GLU A 669 -7.81 -67.47 44.03
C GLU A 669 -7.94 -67.75 45.52
N ALA A 670 -8.89 -67.12 46.22
CA ALA A 670 -9.19 -67.46 47.60
C ALA A 670 -9.95 -68.78 47.73
N GLN A 671 -10.41 -69.35 46.62
CA GLN A 671 -11.21 -70.56 46.63
C GLN A 671 -10.67 -71.68 45.77
N ILE A 672 -9.71 -71.40 44.87
CA ILE A 672 -9.18 -72.46 44.00
C ILE A 672 -8.17 -73.33 44.73
N ARG A 673 -7.70 -72.90 45.90
CA ARG A 673 -6.70 -73.68 46.62
C ARG A 673 -7.29 -74.86 47.38
N ALA A 674 -8.62 -74.98 47.37
CA ALA A 674 -9.33 -76.03 48.09
C ALA A 674 -9.57 -77.27 47.24
N LEU A 675 -8.96 -77.36 46.06
CA LEU A 675 -9.02 -78.60 45.30
C LEU A 675 -7.72 -78.92 44.57
N ILE A 676 -6.61 -78.26 44.89
CA ILE A 676 -5.34 -78.50 44.22
C ILE A 676 -4.53 -79.55 44.97
N THR A 677 -4.05 -80.55 44.25
CA THR A 677 -3.24 -81.62 44.80
C THR A 677 -1.77 -81.26 44.69
N ALA A 678 -0.89 -82.26 44.86
CA ALA A 678 0.55 -81.99 44.85
C ALA A 678 1.12 -81.61 43.48
N PRO A 679 0.91 -82.41 42.36
CA PRO A 679 1.59 -82.02 41.11
C PRO A 679 1.05 -80.75 40.46
N LEU A 680 -0.27 -80.68 40.26
CA LEU A 680 -0.86 -79.52 39.63
C LEU A 680 -0.90 -78.33 40.58
N ALA A 681 -0.96 -77.14 40.00
CA ALA A 681 -0.99 -75.89 40.75
C ALA A 681 -1.70 -74.83 39.92
N ILE A 682 -1.56 -73.58 40.33
CA ILE A 682 -2.10 -72.46 39.59
C ILE A 682 -1.24 -72.22 38.36
N ALA A 683 -1.88 -72.09 37.20
CA ALA A 683 -1.17 -71.71 35.98
C ALA A 683 -1.19 -70.22 35.72
N ALA A 684 -2.35 -69.57 35.86
CA ALA A 684 -2.44 -68.13 35.63
C ALA A 684 -3.61 -67.57 36.40
N VAL A 685 -3.43 -66.37 36.93
CA VAL A 685 -4.49 -65.59 37.56
C VAL A 685 -4.66 -64.32 36.76
N ASN A 686 -5.84 -64.11 36.21
CA ASN A 686 -6.05 -62.98 35.31
C ASN A 686 -7.07 -61.98 35.82
N ALA A 687 -8.16 -62.45 36.40
CA ALA A 687 -9.24 -61.60 36.87
C ALA A 687 -9.75 -62.16 38.18
N PRO A 688 -10.46 -61.34 38.98
CA PRO A 688 -11.10 -61.87 40.20
C PRO A 688 -12.26 -62.83 39.96
N ASP A 689 -12.59 -63.20 38.73
CA ASP A 689 -13.52 -64.27 38.42
C ASP A 689 -12.90 -65.17 37.35
N TYR A 690 -11.61 -65.48 37.52
CA TYR A 690 -10.85 -66.18 36.49
C TYR A 690 -9.61 -66.79 37.11
N SER A 691 -9.34 -68.06 36.79
CA SER A 691 -8.06 -68.70 37.09
C SER A 691 -7.87 -69.88 36.15
N VAL A 692 -6.62 -70.15 35.82
CA VAL A 692 -6.26 -71.24 34.91
C VAL A 692 -5.42 -72.24 35.69
N ILE A 693 -5.74 -73.53 35.54
CA ILE A 693 -5.06 -74.61 36.25
C ILE A 693 -4.46 -75.56 35.22
N ALA A 694 -3.16 -75.83 35.36
CA ALA A 694 -2.43 -76.73 34.47
C ALA A 694 -1.94 -77.95 35.23
N GLY A 695 -1.79 -79.06 34.51
CA GLY A 695 -1.33 -80.29 35.10
C GLY A 695 -1.38 -81.46 34.12
N PRO A 696 -1.10 -82.67 34.60
CA PRO A 696 -1.14 -83.85 33.72
C PRO A 696 -2.56 -84.20 33.33
N THR A 697 -2.69 -84.80 32.13
CA THR A 697 -3.97 -84.86 31.43
C THR A 697 -4.97 -85.76 32.14
N SER A 698 -4.51 -86.90 32.68
CA SER A 698 -5.39 -87.75 33.47
C SER A 698 -5.81 -87.06 34.75
N GLU A 699 -4.86 -86.37 35.41
CA GLU A 699 -5.19 -85.66 36.64
C GLU A 699 -6.08 -84.45 36.37
N ILE A 700 -5.85 -83.75 35.25
CA ILE A 700 -6.69 -82.61 34.89
C ILE A 700 -8.11 -83.08 34.54
N LEU A 701 -8.22 -84.21 33.85
CA LEU A 701 -9.54 -84.77 33.56
C LEU A 701 -10.22 -85.28 34.83
N ALA A 702 -9.45 -85.78 35.79
CA ALA A 702 -10.01 -86.14 37.10
C ALA A 702 -10.53 -84.91 37.85
N VAL A 703 -9.77 -83.82 37.78
CA VAL A 703 -10.20 -82.56 38.41
C VAL A 703 -11.45 -82.02 37.74
N SER A 704 -11.52 -82.13 36.40
CA SER A 704 -12.69 -81.67 35.66
C SER A 704 -13.92 -82.52 35.98
N GLN A 705 -13.74 -83.84 36.11
CA GLN A 705 -14.85 -84.71 36.45
C GLN A 705 -15.29 -84.51 37.90
N ARG A 706 -14.35 -84.10 38.77
CA ARG A 706 -14.74 -83.62 40.09
C ARG A 706 -15.52 -82.31 40.01
N LEU A 707 -15.17 -81.45 39.04
CA LEU A 707 -15.78 -80.15 38.86
C LEU A 707 -17.04 -80.18 38.00
N THR A 708 -17.47 -81.37 37.56
CA THR A 708 -18.69 -81.47 36.77
C THR A 708 -19.92 -81.08 37.58
N GLU A 709 -20.02 -81.57 38.81
CA GLU A 709 -21.19 -81.33 39.65
C GLU A 709 -21.09 -80.03 40.44
N GLN A 710 -20.00 -79.29 40.30
CA GLN A 710 -19.84 -78.03 41.00
C GLN A 710 -20.42 -76.86 40.22
N ASN A 711 -21.07 -77.14 39.08
CA ASN A 711 -21.78 -76.17 38.25
C ASN A 711 -20.85 -75.05 37.77
N ILE A 712 -19.72 -75.47 37.18
CA ILE A 712 -18.75 -74.56 36.58
C ILE A 712 -18.72 -74.82 35.09
N ILE A 713 -18.91 -73.76 34.29
CA ILE A 713 -18.66 -73.87 32.86
C ILE A 713 -17.15 -73.93 32.66
N ASN A 714 -16.66 -75.06 32.19
CA ASN A 714 -15.28 -75.43 32.42
C ASN A 714 -14.68 -75.92 31.11
N LYS A 715 -13.52 -75.39 30.73
CA LYS A 715 -12.97 -75.63 29.40
C LYS A 715 -11.50 -76.00 29.47
N ARG A 716 -11.04 -76.70 28.42
CA ARG A 716 -9.63 -76.98 28.21
C ARG A 716 -9.05 -76.00 27.21
N LEU A 717 -7.84 -75.52 27.48
CA LEU A 717 -7.23 -74.48 26.68
C LEU A 717 -6.41 -75.01 25.51
N HIS A 718 -6.69 -76.25 25.06
CA HIS A 718 -6.29 -76.77 23.75
C HIS A 718 -4.76 -76.88 23.61
N THR A 719 -4.07 -77.03 24.74
CA THR A 719 -2.60 -77.01 24.77
C THR A 719 -2.09 -78.34 25.29
N SER A 720 -1.03 -78.85 24.65
CA SER A 720 -0.48 -80.17 24.94
C SER A 720 0.56 -80.16 26.04
N HIS A 721 0.90 -78.99 26.59
CA HIS A 721 1.82 -78.92 27.71
C HIS A 721 1.11 -78.22 28.88
N ALA A 722 1.80 -78.17 30.03
CA ALA A 722 1.24 -77.58 31.24
C ALA A 722 2.18 -76.48 31.72
N PHE A 723 1.98 -75.27 31.19
CA PHE A 723 2.86 -74.15 31.49
C PHE A 723 2.62 -73.64 32.91
N HIS A 724 3.65 -72.99 33.46
CA HIS A 724 3.61 -72.31 34.75
C HIS A 724 3.23 -73.25 35.90
N SER A 725 3.76 -74.47 35.87
CA SER A 725 3.44 -75.46 36.90
C SER A 725 4.73 -76.16 37.31
N SER A 726 4.60 -77.23 38.08
CA SER A 726 5.75 -77.92 38.66
C SER A 726 6.28 -79.04 37.78
N MET A 727 6.02 -79.01 36.48
CA MET A 727 6.43 -80.08 35.58
C MET A 727 7.59 -79.70 34.69
N MET A 728 8.08 -78.46 34.77
CA MET A 728 9.19 -77.98 33.94
C MET A 728 10.30 -77.38 34.80
N GLN A 729 10.75 -78.14 35.81
CA GLN A 729 11.99 -77.80 36.50
C GLN A 729 13.23 -78.11 35.67
N ASP A 730 13.07 -78.85 34.58
CA ASP A 730 14.18 -79.32 33.76
C ASP A 730 14.40 -78.50 32.50
N ALA A 731 13.41 -77.70 32.09
CA ALA A 731 13.49 -77.02 30.81
C ALA A 731 14.46 -75.85 30.83
N ALA A 732 14.56 -75.15 31.96
CA ALA A 732 15.35 -73.93 32.06
C ALA A 732 16.82 -74.19 32.37
N GLN A 733 17.21 -75.45 32.52
CA GLN A 733 18.59 -75.74 32.89
C GLN A 733 19.54 -75.52 31.72
N ALA A 734 19.10 -75.77 30.49
CA ALA A 734 19.92 -75.42 29.33
C ALA A 734 20.02 -73.92 29.15
N LEU A 735 19.02 -73.17 29.63
CA LEU A 735 19.12 -71.71 29.69
C LEU A 735 20.11 -71.27 30.74
N ARG A 736 20.14 -71.97 31.88
CA ARG A 736 21.05 -71.56 32.99
C ARG A 736 22.50 -71.59 32.51
N GLN A 737 22.83 -72.52 31.60
CA GLN A 737 24.24 -72.66 31.15
C GLN A 737 24.47 -71.88 29.86
N ALA A 738 23.43 -71.72 29.03
CA ALA A 738 23.62 -71.04 27.72
C ALA A 738 23.13 -69.60 27.79
N PHE A 739 23.57 -68.84 28.80
CA PHE A 739 23.22 -67.40 28.86
C PHE A 739 24.37 -66.62 28.23
N GLU A 740 25.50 -67.30 27.95
CA GLU A 740 26.67 -66.67 27.29
C GLU A 740 27.10 -65.40 28.03
N ASN A 741 26.72 -65.27 29.31
CA ASN A 741 27.07 -64.10 30.12
C ASN A 741 26.96 -62.81 29.30
N VAL A 742 25.83 -62.65 28.60
CA VAL A 742 25.68 -61.56 27.64
C VAL A 742 25.53 -60.23 28.36
N ARG A 743 25.99 -59.18 27.72
CA ARG A 743 25.94 -57.82 28.26
C ARG A 743 24.51 -57.33 28.22
N LEU A 744 23.84 -57.32 29.37
CA LEU A 744 22.52 -56.72 29.48
C LEU A 744 22.69 -55.24 29.81
N ASN A 745 21.64 -54.58 30.27
CA ASN A 745 21.65 -53.12 30.29
C ASN A 745 20.59 -52.77 31.31
N PRO A 746 20.73 -51.69 32.08
CA PRO A 746 19.62 -51.25 32.92
C PRO A 746 18.45 -50.80 32.07
N PRO A 747 17.23 -50.92 32.60
CA PRO A 747 16.04 -50.56 31.81
C PRO A 747 15.86 -49.06 31.68
N THR A 748 15.05 -48.68 30.70
CA THR A 748 14.70 -47.29 30.42
C THR A 748 13.22 -46.99 30.62
N LEU A 749 12.34 -47.85 30.11
CA LEU A 749 10.91 -47.60 30.17
C LEU A 749 10.26 -48.38 31.31
N THR A 750 9.21 -47.80 31.87
CA THR A 750 8.68 -48.17 33.19
C THR A 750 7.93 -49.49 33.10
N ILE A 751 8.69 -50.58 33.05
CA ILE A 751 8.10 -51.90 32.99
C ILE A 751 7.48 -52.24 34.33
N ILE A 752 6.26 -52.77 34.33
CA ILE A 752 5.68 -53.43 35.49
C ILE A 752 5.76 -54.92 35.25
N SER A 753 6.32 -55.65 36.24
CA SER A 753 6.43 -57.10 36.15
C SER A 753 5.11 -57.76 36.52
N THR A 754 5.01 -59.06 36.26
CA THR A 754 3.83 -59.82 36.59
C THR A 754 4.07 -61.02 37.49
N VAL A 755 5.33 -61.32 37.84
CA VAL A 755 5.58 -62.41 38.78
C VAL A 755 5.63 -61.93 40.22
N THR A 756 6.03 -60.68 40.47
CA THR A 756 5.98 -60.14 41.82
C THR A 756 4.63 -59.47 42.08
N GLY A 757 4.30 -58.45 41.29
CA GLY A 757 3.06 -57.72 41.48
C GLY A 757 3.27 -56.24 41.74
N ALA A 758 4.48 -55.74 41.52
CA ALA A 758 4.80 -54.34 41.72
C ALA A 758 5.75 -53.91 40.61
N HIS A 759 6.37 -52.74 40.78
CA HIS A 759 7.27 -52.18 39.79
C HIS A 759 8.54 -53.01 39.60
N VAL A 760 9.38 -52.52 38.73
CA VAL A 760 10.68 -53.12 38.49
C VAL A 760 11.68 -52.36 39.33
N SER A 761 12.75 -53.04 39.73
CA SER A 761 13.94 -52.40 40.25
C SER A 761 14.99 -52.38 39.15
N ALA A 762 16.03 -51.58 39.35
CA ALA A 762 17.06 -51.48 38.33
C ALA A 762 17.94 -52.73 38.25
N ASP A 763 17.85 -53.64 39.24
CA ASP A 763 18.66 -54.85 39.26
C ASP A 763 17.85 -56.12 39.47
N THR A 764 16.53 -56.06 39.44
CA THR A 764 15.73 -57.27 39.52
C THR A 764 15.45 -57.89 38.16
N LEU A 765 15.81 -57.19 37.09
CA LEU A 765 15.39 -57.58 35.75
C LEU A 765 16.53 -58.12 34.91
N THR A 766 17.77 -57.78 35.28
CA THR A 766 18.96 -58.15 34.55
C THR A 766 19.77 -59.25 35.23
N THR A 767 19.20 -59.92 36.22
CA THR A 767 19.83 -61.10 36.81
C THR A 767 19.33 -62.36 36.10
N PRO A 768 20.23 -63.26 35.72
CA PRO A 768 19.82 -64.48 35.03
C PRO A 768 18.84 -65.37 35.80
N ASP A 769 18.79 -65.29 37.13
CA ASP A 769 17.79 -66.03 37.90
C ASP A 769 16.36 -65.57 37.63
N TYR A 770 16.16 -64.34 37.16
CA TYR A 770 14.82 -63.78 37.06
C TYR A 770 13.99 -64.44 35.97
N TRP A 771 14.57 -64.66 34.79
CA TRP A 771 13.83 -65.32 33.72
C TRP A 771 13.60 -66.79 34.02
N ILE A 772 14.51 -67.41 34.75
CA ILE A 772 14.35 -68.81 35.12
C ILE A 772 13.23 -68.98 36.14
N GLU A 773 13.18 -68.09 37.14
CA GLU A 773 12.08 -68.10 38.09
C GLU A 773 10.78 -67.72 37.40
N GLN A 774 10.86 -66.84 36.40
CA GLN A 774 9.69 -66.37 35.66
C GLN A 774 9.03 -67.49 34.86
N MET A 775 9.82 -68.48 34.45
CA MET A 775 9.26 -69.57 33.65
C MET A 775 8.39 -70.49 34.49
N LEU A 776 8.71 -70.63 35.78
CA LEU A 776 8.01 -71.56 36.65
C LEU A 776 6.89 -70.91 37.45
N MET A 777 7.11 -69.68 37.91
CA MET A 777 6.14 -69.03 38.77
C MET A 777 4.91 -68.61 37.97
N PRO A 778 3.72 -68.69 38.56
CA PRO A 778 2.50 -68.26 37.85
C PRO A 778 2.41 -66.76 37.61
N VAL A 779 1.36 -66.34 36.91
CA VAL A 779 1.14 -64.95 36.54
C VAL A 779 -0.08 -64.44 37.29
N GLN A 780 0.08 -63.31 37.99
CA GLN A 780 -1.00 -62.69 38.75
C GLN A 780 -1.30 -61.30 38.21
N PHE A 781 -1.51 -61.25 36.89
CA PHE A 781 -1.80 -60.09 36.04
C PHE A 781 -2.80 -59.09 36.62
N SER A 782 -3.80 -59.60 37.35
CA SER A 782 -4.85 -58.73 37.90
C SER A 782 -4.31 -57.74 38.91
N ALA A 783 -3.41 -58.18 39.80
CA ALA A 783 -2.83 -57.25 40.77
C ALA A 783 -1.90 -56.25 40.09
N ALA A 784 -1.27 -56.65 38.98
CA ALA A 784 -0.51 -55.70 38.18
C ALA A 784 -1.40 -54.62 37.59
N LEU A 785 -2.59 -55.00 37.11
CA LEU A 785 -3.53 -54.01 36.60
C LEU A 785 -4.05 -53.10 37.70
N GLN A 786 -4.31 -53.64 38.89
CA GLN A 786 -4.72 -52.78 40.01
C GLN A 786 -3.61 -51.82 40.40
N GLU A 787 -2.34 -52.26 40.34
CA GLU A 787 -1.23 -51.36 40.62
C GLU A 787 -1.12 -50.26 39.57
N ALA A 788 -1.26 -50.62 38.30
CA ALA A 788 -1.16 -49.61 37.23
C ALA A 788 -2.32 -48.64 37.25
N GLN A 789 -3.53 -49.11 37.54
CA GLN A 789 -4.67 -48.22 37.68
C GLN A 789 -4.55 -47.36 38.93
N ALA A 790 -3.85 -47.85 39.97
CA ALA A 790 -3.67 -47.05 41.17
C ALA A 790 -2.67 -45.93 40.95
N THR A 791 -1.55 -46.22 40.31
CA THR A 791 -0.48 -45.23 40.14
C THR A 791 -0.55 -44.47 38.83
N PHE A 792 -1.52 -44.75 37.96
CA PHE A 792 -1.66 -44.04 36.70
C PHE A 792 -3.13 -43.98 36.33
N ASP A 793 -3.48 -43.04 35.46
CA ASP A 793 -4.82 -42.96 34.87
C ASP A 793 -4.64 -42.96 33.36
N VAL A 794 -4.59 -44.15 32.77
CA VAL A 794 -3.98 -44.37 31.48
C VAL A 794 -4.86 -45.32 30.66
N ASP A 795 -5.11 -44.96 29.39
CA ASP A 795 -5.78 -45.88 28.47
C ASP A 795 -4.80 -46.93 27.96
N PHE A 796 -5.32 -48.13 27.71
CA PHE A 796 -4.51 -49.30 27.43
C PHE A 796 -4.66 -49.74 25.99
N LEU A 797 -3.54 -50.12 25.37
CA LEU A 797 -3.53 -50.62 24.00
C LEU A 797 -2.92 -52.01 23.98
N GLU A 798 -3.74 -53.02 23.72
CA GLU A 798 -3.24 -54.38 23.53
C GLU A 798 -2.45 -54.45 22.22
N ILE A 799 -1.38 -55.24 22.22
CA ILE A 799 -0.58 -55.47 21.02
C ILE A 799 -0.49 -56.99 20.86
N GLY A 800 -1.41 -57.56 20.11
CA GLY A 800 -1.45 -58.99 19.96
C GLY A 800 -2.60 -59.46 19.08
N PRO A 801 -2.47 -60.65 18.53
CA PRO A 801 -3.43 -61.08 17.50
C PRO A 801 -4.73 -61.63 18.07
N GLY A 802 -5.51 -60.77 18.69
CA GLY A 802 -6.81 -61.20 19.15
C GLY A 802 -7.41 -60.24 20.15
N ALA A 803 -8.61 -60.60 20.58
CA ALA A 803 -9.39 -59.79 21.50
C ALA A 803 -9.72 -60.57 22.76
N THR A 804 -8.71 -61.14 23.41
CA THR A 804 -8.92 -61.83 24.68
C THR A 804 -8.59 -60.96 25.88
N LEU A 805 -7.53 -60.16 25.83
CA LEU A 805 -7.14 -59.32 26.97
C LEU A 805 -7.68 -57.91 26.88
N THR A 806 -8.87 -57.76 26.30
CA THR A 806 -9.55 -56.47 26.31
C THR A 806 -10.79 -56.49 27.18
N GLN A 807 -11.62 -57.53 27.06
CA GLN A 807 -12.77 -57.67 27.94
C GLN A 807 -12.37 -58.03 29.36
N LEU A 808 -11.21 -58.68 29.52
CA LEU A 808 -10.67 -58.89 30.86
C LEU A 808 -10.24 -57.58 31.50
N THR A 809 -9.68 -56.68 30.71
CA THR A 809 -9.28 -55.38 31.23
C THR A 809 -10.50 -54.50 31.48
N ASN A 810 -11.51 -54.58 30.60
CA ASN A 810 -12.73 -53.80 30.78
C ASN A 810 -13.64 -54.35 31.86
N GLY A 811 -13.49 -55.62 32.24
CA GLY A 811 -14.23 -56.13 33.38
C GLY A 811 -13.50 -55.81 34.68
N HIS A 812 -13.45 -54.53 35.01
CA HIS A 812 -12.66 -54.05 36.13
C HIS A 812 -13.32 -52.77 36.65
N ALA A 813 -12.56 -52.02 37.45
CA ALA A 813 -13.02 -50.75 38.00
C ALA A 813 -12.44 -49.58 37.22
N LEU A 814 -12.23 -49.75 35.92
CA LEU A 814 -11.72 -48.68 35.06
C LEU A 814 -12.83 -47.64 34.88
N GLY A 815 -12.83 -46.63 35.73
CA GLY A 815 -13.80 -45.57 35.62
C GLY A 815 -13.49 -44.67 34.44
N ASP A 816 -14.41 -44.65 33.47
CA ASP A 816 -14.39 -43.92 32.20
C ASP A 816 -13.05 -43.94 31.46
N ARG A 817 -12.32 -45.04 31.56
CA ARG A 817 -11.18 -45.31 30.69
C ARG A 817 -11.42 -46.65 30.02
N LEU A 818 -11.04 -46.77 28.76
CA LEU A 818 -11.28 -47.99 28.02
C LEU A 818 -9.95 -48.60 27.63
N ALA A 819 -10.01 -49.77 27.01
CA ALA A 819 -8.83 -50.41 26.46
C ALA A 819 -9.16 -50.90 25.05
N PHE A 820 -8.27 -50.65 24.11
CA PHE A 820 -8.52 -50.89 22.70
C PHE A 820 -7.62 -52.00 22.18
N SER A 821 -8.11 -52.72 21.18
CA SER A 821 -7.38 -53.83 20.59
C SER A 821 -6.47 -53.33 19.48
N SER A 822 -5.90 -54.24 18.72
CA SER A 822 -5.07 -53.82 17.61
C SER A 822 -5.21 -54.70 16.38
N LEU A 823 -6.02 -55.74 16.43
CA LEU A 823 -6.20 -56.73 15.37
C LEU A 823 -7.57 -57.37 15.63
N PRO A 824 -8.27 -57.87 14.61
CA PRO A 824 -9.64 -58.30 14.85
C PRO A 824 -9.73 -59.69 15.46
N ALA A 825 -10.96 -60.10 15.75
CA ALA A 825 -11.23 -61.24 16.63
C ALA A 825 -11.07 -62.57 15.88
N GLY A 826 -9.83 -62.86 15.51
CA GLY A 826 -9.49 -64.18 15.03
C GLY A 826 -9.80 -64.48 13.58
N ALA A 827 -11.07 -64.71 13.26
CA ALA A 827 -11.47 -65.19 11.95
C ALA A 827 -11.77 -64.07 10.96
N ARG A 828 -11.41 -62.83 11.30
CA ARG A 828 -11.68 -61.67 10.45
C ARG A 828 -10.44 -61.23 9.69
N SER A 829 -9.67 -62.18 9.15
CA SER A 829 -8.35 -61.97 8.59
C SER A 829 -8.32 -61.12 7.32
N SER A 830 -9.45 -60.61 6.85
CA SER A 830 -9.51 -59.64 5.77
C SER A 830 -9.88 -58.25 6.27
N ASP A 831 -9.86 -58.04 7.58
CA ASP A 831 -10.39 -56.80 8.14
C ASP A 831 -9.37 -56.16 9.08
N GLU A 832 -8.11 -56.57 8.95
CA GLU A 832 -7.03 -55.96 9.72
C GLU A 832 -6.88 -54.48 9.40
N HIS A 833 -6.90 -54.16 8.09
CA HIS A 833 -6.60 -52.83 7.60
C HIS A 833 -7.76 -51.87 7.81
N LYS A 834 -8.92 -52.36 8.17
CA LYS A 834 -9.97 -51.47 8.65
C LYS A 834 -10.01 -51.44 10.16
N HIS A 835 -9.61 -52.52 10.84
CA HIS A 835 -9.65 -52.45 12.29
C HIS A 835 -8.52 -51.63 12.89
N ILE A 836 -7.33 -51.63 12.29
CA ILE A 836 -6.27 -50.79 12.82
C ILE A 836 -6.57 -49.31 12.57
N LEU A 837 -7.21 -49.00 11.44
CA LEU A 837 -7.64 -47.64 11.17
C LEU A 837 -8.94 -47.29 11.87
N ASP A 838 -9.59 -48.25 12.50
CA ASP A 838 -10.69 -47.95 13.39
C ASP A 838 -10.26 -47.87 14.85
N THR A 839 -9.07 -48.36 15.17
CA THR A 839 -8.49 -48.07 16.48
C THR A 839 -7.80 -46.71 16.48
N VAL A 840 -7.15 -46.34 15.37
CA VAL A 840 -6.50 -45.04 15.25
C VAL A 840 -7.53 -43.92 15.38
N ALA A 841 -8.66 -44.06 14.71
CA ALA A 841 -9.71 -43.07 14.78
C ALA A 841 -10.51 -43.11 16.07
N ALA A 842 -10.25 -44.08 16.95
CA ALA A 842 -10.85 -44.05 18.27
C ALA A 842 -9.88 -43.57 19.33
N LEU A 843 -8.58 -43.69 19.08
CA LEU A 843 -7.60 -43.04 19.94
C LEU A 843 -7.55 -41.54 19.70
N TRP A 844 -7.72 -41.12 18.43
CA TRP A 844 -7.62 -39.70 18.08
C TRP A 844 -8.72 -38.86 18.69
N VAL A 845 -9.92 -39.42 18.82
CA VAL A 845 -11.07 -38.65 19.32
C VAL A 845 -10.86 -38.26 20.77
N ARG A 846 -10.33 -39.16 21.59
CA ARG A 846 -10.16 -38.88 23.01
C ARG A 846 -9.01 -37.94 23.30
N GLY A 847 -8.11 -37.68 22.35
CA GLY A 847 -7.17 -36.60 22.53
C GLY A 847 -5.71 -36.90 22.30
N HIS A 848 -5.37 -38.15 22.00
CA HIS A 848 -3.97 -38.53 21.89
C HIS A 848 -3.36 -37.92 20.63
N ASN A 849 -2.03 -37.89 20.61
CA ASN A 849 -1.32 -37.22 19.52
C ASN A 849 -0.89 -38.14 18.38
N ILE A 850 -1.85 -38.94 17.92
CA ILE A 850 -1.76 -39.56 16.61
C ILE A 850 -1.78 -38.45 15.58
N ASP A 851 -0.85 -38.48 14.63
CA ASP A 851 -0.84 -37.53 13.52
C ASP A 851 -1.52 -38.16 12.32
N LEU A 852 -2.59 -37.54 11.83
CA LEU A 852 -3.36 -38.11 10.74
C LEU A 852 -2.81 -37.74 9.38
N SER A 853 -1.68 -37.03 9.33
CA SER A 853 -1.10 -36.63 8.06
C SER A 853 -0.39 -37.78 7.36
N ALA A 854 -0.05 -38.82 8.07
CA ALA A 854 0.68 -39.95 7.49
C ALA A 854 -0.23 -41.01 6.91
N PHE A 855 -1.54 -40.79 6.92
CA PHE A 855 -2.50 -41.77 6.41
C PHE A 855 -3.04 -41.42 5.03
N ALA A 856 -2.88 -40.18 4.58
CA ALA A 856 -3.26 -39.81 3.23
C ALA A 856 -2.19 -40.27 2.24
N GLY A 857 -2.45 -40.08 0.96
CA GLY A 857 -1.70 -40.74 -0.09
C GLY A 857 -0.34 -40.15 -0.37
N GLU A 858 0.03 -40.17 -1.65
CA GLU A 858 1.39 -39.79 -2.04
C GLU A 858 1.54 -38.28 -2.20
N GLN A 859 0.87 -37.69 -3.17
CA GLN A 859 1.04 -36.27 -3.49
C GLN A 859 -0.31 -35.58 -3.47
N PRO A 860 -0.88 -35.36 -2.30
CA PRO A 860 -2.21 -34.76 -2.22
C PRO A 860 -2.15 -33.26 -2.46
N ARG A 861 -3.30 -32.71 -2.83
CA ARG A 861 -3.52 -31.29 -3.04
C ARG A 861 -4.68 -30.85 -2.17
N ARG A 862 -5.11 -29.61 -2.34
CA ARG A 862 -6.18 -29.07 -1.53
C ARG A 862 -7.42 -28.86 -2.37
N VAL A 863 -8.56 -28.79 -1.70
CA VAL A 863 -9.87 -28.78 -2.32
C VAL A 863 -10.79 -27.91 -1.45
N SER A 864 -11.66 -27.12 -2.07
CA SER A 864 -12.64 -26.34 -1.35
C SER A 864 -13.74 -27.21 -0.77
N LEU A 865 -14.05 -27.04 0.51
CA LEU A 865 -15.05 -27.80 1.24
C LEU A 865 -15.91 -26.84 2.01
N PRO A 866 -17.06 -27.28 2.51
CA PRO A 866 -17.83 -26.44 3.45
C PRO A 866 -17.05 -26.17 4.72
N THR A 867 -17.13 -24.93 5.20
CA THR A 867 -16.29 -24.44 6.26
C THR A 867 -16.94 -24.63 7.62
N TYR A 868 -16.42 -23.96 8.64
CA TYR A 868 -16.97 -24.00 9.98
C TYR A 868 -18.35 -23.37 9.99
N ALA A 869 -19.18 -23.79 10.92
CA ALA A 869 -20.56 -23.31 11.01
C ALA A 869 -20.76 -22.55 12.32
N PHE A 870 -20.46 -21.26 12.29
CA PHE A 870 -20.59 -20.40 13.46
C PHE A 870 -22.06 -20.27 13.85
N ASP A 871 -22.37 -20.48 15.11
CA ASP A 871 -23.76 -20.37 15.49
C ASP A 871 -24.16 -18.92 15.72
N LYS A 872 -25.45 -18.68 15.85
CA LYS A 872 -26.01 -17.35 15.77
C LYS A 872 -26.63 -16.97 17.10
N ILE A 873 -26.03 -15.98 17.76
CA ILE A 873 -26.62 -15.33 18.92
C ILE A 873 -26.52 -13.83 18.70
N ARG A 874 -27.50 -13.09 19.19
CA ARG A 874 -27.76 -11.72 18.75
C ARG A 874 -27.33 -10.70 19.80
N TYR A 875 -26.50 -9.74 19.39
CA TYR A 875 -26.15 -8.57 20.20
C TYR A 875 -26.46 -7.32 19.40
N TRP A 876 -27.34 -6.48 19.94
CA TRP A 876 -27.81 -5.30 19.22
C TRP A 876 -28.20 -4.24 20.24
N VAL A 877 -27.77 -3.01 20.02
CA VAL A 877 -28.14 -1.88 20.86
C VAL A 877 -29.40 -1.26 20.30
N ASP A 878 -30.41 -1.07 21.14
CA ASP A 878 -31.72 -0.65 20.68
C ASP A 878 -31.71 0.84 20.35
N SER A 879 -32.35 1.19 19.25
CA SER A 879 -32.66 2.56 18.94
C SER A 879 -33.86 3.02 19.78
N PRO A 880 -34.08 4.33 19.89
CA PRO A 880 -35.41 4.81 20.30
C PRO A 880 -36.51 4.48 19.30
N GLU A 881 -36.16 4.17 18.04
CA GLU A 881 -37.11 3.77 17.02
C GLU A 881 -37.21 2.25 16.87
N GLU A 882 -36.09 1.58 16.62
CA GLU A 882 -36.08 0.15 16.29
C GLU A 882 -36.50 -0.73 17.45
N PHE B 6 17.32 1.43 -4.03
CA PHE B 6 18.17 2.43 -4.68
C PHE B 6 18.10 3.74 -3.93
N GLY B 7 16.94 4.39 -3.97
CA GLY B 7 16.72 5.59 -3.19
C GLY B 7 15.51 6.36 -3.61
N ILE B 8 14.91 7.13 -2.70
CA ILE B 8 13.76 7.98 -2.97
C ILE B 8 14.01 9.30 -2.25
N ALA B 9 14.25 10.38 -3.01
CA ALA B 9 14.60 11.65 -2.40
C ALA B 9 13.39 12.30 -1.75
N ILE B 10 13.62 13.21 -0.81
CA ILE B 10 12.56 14.02 -0.22
C ILE B 10 12.83 15.45 -0.65
N ILE B 11 12.10 15.92 -1.65
CA ILE B 11 12.47 17.16 -2.34
C ILE B 11 11.87 18.39 -1.67
N GLY B 12 10.61 18.39 -1.31
CA GLY B 12 10.03 19.57 -0.69
C GLY B 12 9.16 19.16 0.46
N MET B 13 8.99 20.07 1.39
CA MET B 13 8.20 19.78 2.58
C MET B 13 7.33 20.98 2.87
N ALA B 14 6.31 20.77 3.69
CA ALA B 14 5.43 21.86 4.09
C ALA B 14 4.67 21.40 5.32
N GLY B 15 4.09 22.36 6.04
CA GLY B 15 3.40 21.95 7.24
C GLY B 15 2.69 23.13 7.87
N ARG B 16 2.00 22.84 8.97
CA ARG B 16 1.43 23.89 9.79
C ARG B 16 1.32 23.34 11.22
N PHE B 17 2.38 23.53 11.99
CA PHE B 17 2.66 22.87 13.26
C PHE B 17 2.14 23.71 14.43
N PRO B 18 2.21 23.29 15.70
CA PRO B 18 1.78 24.19 16.78
C PRO B 18 2.80 25.28 17.04
N GLN B 19 2.34 26.54 17.06
CA GLN B 19 3.13 27.75 17.30
C GLN B 19 4.30 27.88 16.33
N ALA B 20 4.09 27.42 15.09
CA ALA B 20 5.02 27.54 13.98
C ALA B 20 4.23 27.22 12.72
N ASP B 21 4.28 28.06 11.69
CA ASP B 21 3.40 27.87 10.54
C ASP B 21 4.14 27.71 9.23
N THR B 22 5.40 27.27 9.25
CA THR B 22 6.11 26.94 8.04
C THR B 22 7.00 25.76 8.44
N VAL B 23 7.97 25.37 7.63
CA VAL B 23 9.06 24.55 8.14
C VAL B 23 10.35 25.34 8.24
N GLN B 24 10.27 26.68 8.25
CA GLN B 24 11.34 27.50 8.81
C GLN B 24 10.84 28.35 9.96
N ALA B 25 9.72 28.00 10.57
CA ALA B 25 9.47 28.36 11.94
C ALA B 25 9.49 27.15 12.85
N PHE B 26 9.43 25.96 12.28
CA PHE B 26 9.68 24.73 13.04
C PHE B 26 11.16 24.61 13.34
N TRP B 27 12.01 24.90 12.37
CA TRP B 27 13.44 24.81 12.54
C TRP B 27 14.04 26.03 13.20
N GLU B 28 13.24 27.01 13.59
CA GLU B 28 13.72 28.04 14.49
C GLU B 28 12.94 28.02 15.78
N ASN B 29 12.27 26.92 16.06
CA ASN B 29 11.79 26.65 17.40
C ASN B 29 12.36 25.38 17.97
N LEU B 30 12.89 24.49 17.14
CA LEU B 30 13.72 23.43 17.69
C LEU B 30 15.10 23.94 18.05
N LEU B 31 15.68 24.83 17.24
CA LEU B 31 17.04 25.29 17.49
C LEU B 31 17.11 26.19 18.71
N ALA B 32 16.09 26.99 18.96
CA ALA B 32 16.09 27.79 20.16
C ALA B 32 15.62 27.01 21.38
N SER B 33 15.24 25.74 21.19
CA SER B 33 14.74 24.84 22.23
C SER B 33 13.55 25.43 22.98
N ARG B 34 12.47 25.61 22.25
CA ARG B 34 11.29 26.25 22.81
C ARG B 34 10.21 25.21 23.07
N GLU B 35 9.45 25.44 24.14
CA GLU B 35 8.27 24.64 24.43
C GLU B 35 7.08 25.26 23.72
N CYS B 36 6.47 24.52 22.80
CA CYS B 36 5.41 25.03 21.96
C CYS B 36 4.02 24.77 22.52
N ILE B 37 3.91 24.24 23.72
CA ILE B 37 2.63 23.90 24.30
C ILE B 37 2.05 25.14 24.97
N SER B 38 0.78 25.41 24.73
CA SER B 38 0.15 26.66 25.17
C SER B 38 -0.80 26.38 26.32
N PHE B 39 -0.50 26.93 27.50
CA PHE B 39 -1.36 26.76 28.66
C PHE B 39 -2.46 27.81 28.65
N TYR B 40 -3.59 27.46 29.25
CA TYR B 40 -4.79 28.28 29.21
C TYR B 40 -5.05 28.83 30.61
N SER B 41 -6.23 29.42 30.77
CA SER B 41 -6.68 29.97 32.03
C SER B 41 -8.01 29.35 32.39
N ASP B 42 -8.66 29.95 33.39
CA ASP B 42 -10.01 29.58 33.81
C ASP B 42 -11.09 30.35 33.09
N GLU B 43 -10.74 31.44 32.41
CA GLU B 43 -11.68 32.28 31.68
C GLU B 43 -11.64 32.05 30.19
N GLU B 44 -10.50 31.59 29.66
CA GLU B 44 -10.38 31.21 28.27
C GLU B 44 -11.11 29.92 27.92
N LEU B 45 -11.63 29.20 28.91
CA LEU B 45 -12.48 28.04 28.68
C LEU B 45 -13.95 28.31 28.95
N LEU B 46 -14.30 29.02 30.02
CA LEU B 46 -15.71 29.34 30.23
C LEU B 46 -16.12 30.61 29.50
N ALA B 47 -15.70 30.74 28.26
CA ALA B 47 -16.30 31.59 27.24
C ALA B 47 -16.29 30.93 25.88
N MET B 48 -15.51 29.85 25.70
CA MET B 48 -15.50 29.07 24.48
C MET B 48 -16.47 27.91 24.52
N GLY B 49 -17.49 27.99 25.37
CA GLY B 49 -18.58 27.03 25.38
C GLY B 49 -18.24 25.62 25.78
N ILE B 50 -17.45 25.45 26.83
CA ILE B 50 -17.14 24.12 27.35
C ILE B 50 -17.81 24.00 28.71
N SER B 51 -18.10 22.77 29.12
CA SER B 51 -19.02 22.53 30.22
C SER B 51 -18.42 22.94 31.55
N PRO B 52 -19.24 23.39 32.49
CA PRO B 52 -18.74 23.80 33.81
C PRO B 52 -18.56 22.66 34.81
N GLU B 53 -18.58 21.41 34.36
CA GLU B 53 -18.25 20.28 35.22
C GLU B 53 -16.85 19.75 35.01
N PHE B 54 -16.32 19.95 33.79
CA PHE B 54 -14.93 19.49 33.47
C PHE B 54 -13.96 20.47 34.13
N VAL B 55 -14.22 21.77 33.99
CA VAL B 55 -13.33 22.82 34.58
C VAL B 55 -13.46 22.78 36.11
N GLN B 56 -12.47 23.36 36.81
CA GLN B 56 -12.45 23.39 38.30
C GLN B 56 -12.30 21.96 38.84
N HIS B 57 -11.84 21.02 38.01
CA HIS B 57 -11.58 19.65 38.49
C HIS B 57 -10.08 19.52 38.83
N PRO B 58 -9.72 18.94 39.99
CA PRO B 58 -8.31 18.75 40.38
C PRO B 58 -7.35 18.39 39.23
N ASP B 59 -7.63 17.32 38.49
CA ASP B 59 -6.69 16.87 37.43
C ASP B 59 -7.21 17.23 36.03
N TYR B 60 -7.84 18.39 35.87
CA TYR B 60 -8.25 18.81 34.50
C TYR B 60 -7.12 19.66 33.89
N VAL B 61 -6.14 19.00 33.28
CA VAL B 61 -4.98 19.73 32.69
C VAL B 61 -5.47 20.48 31.45
N LYS B 62 -5.42 21.82 31.46
CA LYS B 62 -5.95 22.63 30.32
C LYS B 62 -4.83 22.96 29.33
N ALA B 63 -3.92 22.01 29.06
CA ALA B 63 -2.92 22.26 28.04
C ALA B 63 -3.25 21.47 26.80
N LYS B 64 -2.77 21.96 25.66
CA LYS B 64 -2.71 21.23 24.40
C LYS B 64 -1.76 21.97 23.47
N GLY B 65 -1.12 21.24 22.55
CA GLY B 65 -0.23 21.89 21.63
C GLY B 65 -0.90 22.23 20.33
N GLU B 66 -1.37 23.47 20.14
CA GLU B 66 -2.42 23.75 19.18
C GLU B 66 -1.97 24.65 18.04
N VAL B 67 -2.71 24.56 16.91
CA VAL B 67 -2.50 25.40 15.74
C VAL B 67 -3.46 26.58 15.81
N ALA B 68 -3.16 27.63 15.04
CA ALA B 68 -3.88 28.89 15.23
C ALA B 68 -5.20 28.92 14.45
N ASP B 69 -5.11 28.88 13.13
CA ASP B 69 -6.24 29.18 12.25
C ASP B 69 -6.74 27.88 11.61
N ILE B 70 -7.79 27.32 12.18
CA ILE B 70 -8.44 26.13 11.62
C ILE B 70 -9.63 26.48 10.76
N ASP B 71 -10.09 27.74 10.78
CA ASP B 71 -11.27 28.18 10.06
C ASP B 71 -10.96 29.31 9.11
N LYS B 72 -9.85 29.22 8.39
CA LYS B 72 -9.45 30.26 7.46
C LYS B 72 -9.15 29.57 6.13
N PHE B 73 -10.10 29.65 5.21
CA PHE B 73 -9.95 29.14 3.87
C PHE B 73 -9.96 30.31 2.90
N ASP B 74 -9.22 30.20 1.82
CA ASP B 74 -9.29 31.15 0.73
C ASP B 74 -10.02 30.46 -0.41
N ALA B 75 -11.34 30.58 -0.41
CA ALA B 75 -12.20 29.77 -1.26
C ALA B 75 -11.99 30.07 -2.73
N ALA B 76 -11.88 31.35 -3.08
CA ALA B 76 -11.93 31.74 -4.48
C ALA B 76 -10.69 31.38 -5.27
N PHE B 77 -9.62 30.93 -4.62
CA PHE B 77 -8.41 30.54 -5.34
C PHE B 77 -8.65 29.28 -6.15
N PHE B 78 -9.50 28.38 -5.67
CA PHE B 78 -9.69 27.09 -6.32
C PHE B 78 -10.99 26.97 -7.10
N GLY B 79 -11.95 27.85 -6.88
CA GLY B 79 -13.21 27.80 -7.58
C GLY B 79 -14.39 27.36 -6.76
N ILE B 80 -14.31 27.48 -5.45
CA ILE B 80 -15.32 26.92 -4.55
C ILE B 80 -16.26 28.03 -4.12
N ALA B 81 -17.56 27.81 -4.29
CA ALA B 81 -18.56 28.77 -3.86
C ALA B 81 -18.60 28.83 -2.33
N PRO B 82 -19.07 29.93 -1.75
CA PRO B 82 -19.11 30.00 -0.29
C PRO B 82 -20.32 29.33 0.34
N ARG B 83 -20.68 28.16 -0.16
CA ARG B 83 -21.55 27.22 0.52
C ARG B 83 -21.01 25.81 0.44
N GLU B 84 -20.16 25.50 -0.53
CA GLU B 84 -19.29 24.33 -0.43
C GLU B 84 -18.03 24.62 0.38
N ALA B 85 -17.89 25.81 0.95
CA ALA B 85 -16.81 26.01 1.90
C ALA B 85 -17.26 25.84 3.33
N GLU B 86 -18.51 26.12 3.66
CA GLU B 86 -18.99 25.83 5.00
C GLU B 86 -19.38 24.39 5.17
N LEU B 87 -19.36 23.59 4.12
CA LEU B 87 -19.71 22.18 4.16
C LEU B 87 -18.50 21.33 3.81
N MET B 88 -17.35 21.70 4.35
CA MET B 88 -16.13 20.92 4.22
C MET B 88 -15.55 20.73 5.61
N ASP B 89 -14.96 19.58 5.82
CA ASP B 89 -14.23 19.30 7.04
C ASP B 89 -13.02 20.22 7.12
N PRO B 90 -12.71 20.81 8.29
CA PRO B 90 -11.54 21.70 8.38
C PRO B 90 -10.19 21.03 8.18
N GLN B 91 -10.17 19.72 8.06
CA GLN B 91 -8.96 19.00 7.69
C GLN B 91 -8.82 18.81 6.19
N HIS B 92 -9.83 19.22 5.41
CA HIS B 92 -9.70 19.22 3.97
C HIS B 92 -9.11 20.53 3.46
N ARG B 93 -9.57 21.66 4.02
CA ARG B 93 -9.09 22.96 3.60
C ARG B 93 -7.60 23.14 3.88
N VAL B 94 -7.18 22.76 5.09
CA VAL B 94 -5.78 22.90 5.48
C VAL B 94 -4.89 21.94 4.70
N LEU B 95 -5.40 20.76 4.35
CA LEU B 95 -4.57 19.90 3.51
C LEU B 95 -4.51 20.39 2.07
N LEU B 96 -5.52 21.12 1.58
CA LEU B 96 -5.37 21.80 0.29
C LEU B 96 -4.31 22.88 0.35
N GLU B 97 -4.39 23.77 1.33
CA GLU B 97 -3.44 24.87 1.40
C GLU B 97 -2.04 24.41 1.80
N THR B 98 -1.88 23.16 2.26
CA THR B 98 -0.56 22.60 2.47
C THR B 98 -0.06 21.82 1.26
N ALA B 99 -0.97 21.19 0.50
CA ALA B 99 -0.56 20.49 -0.71
C ALA B 99 -0.27 21.43 -1.85
N TRP B 100 -0.67 22.70 -1.74
CA TRP B 100 -0.20 23.68 -2.70
C TRP B 100 1.21 24.16 -2.34
N ALA B 101 1.44 24.50 -1.07
CA ALA B 101 2.74 25.00 -0.66
C ALA B 101 3.83 23.94 -0.67
N ALA B 102 3.47 22.65 -0.58
CA ALA B 102 4.47 21.60 -0.75
C ALA B 102 5.00 21.54 -2.17
N PHE B 103 4.12 21.72 -3.16
CA PHE B 103 4.57 21.76 -4.55
C PHE B 103 5.21 23.09 -4.91
N GLU B 104 4.97 24.13 -4.14
CA GLU B 104 5.70 25.37 -4.39
C GLU B 104 7.02 25.48 -3.62
N ASP B 105 7.24 24.68 -2.58
CA ASP B 105 8.56 24.60 -1.96
C ASP B 105 9.51 23.66 -2.68
N ALA B 106 9.07 23.01 -3.74
CA ALA B 106 9.97 22.22 -4.56
C ALA B 106 10.31 22.91 -5.87
N GLY B 107 9.71 24.07 -6.12
CA GLY B 107 9.85 24.76 -7.39
C GLY B 107 9.23 24.04 -8.57
N TYR B 108 8.02 23.51 -8.39
CA TYR B 108 7.31 22.76 -9.42
C TYR B 108 5.90 23.28 -9.51
N VAL B 109 5.21 22.92 -10.58
CA VAL B 109 3.76 23.12 -10.68
C VAL B 109 3.14 21.74 -10.89
N ALA B 110 2.10 21.43 -10.14
CA ALA B 110 1.49 20.11 -10.23
C ALA B 110 0.80 19.91 -11.56
N ALA B 111 0.23 20.98 -12.12
CA ALA B 111 -0.68 20.84 -13.25
C ALA B 111 0.04 20.50 -14.54
N ASP B 112 1.31 20.84 -14.68
CA ASP B 112 1.97 20.68 -15.97
C ASP B 112 3.37 20.08 -15.81
N TYR B 113 3.45 18.97 -15.10
CA TYR B 113 4.58 18.04 -15.06
C TYR B 113 4.41 16.99 -16.15
N PRO B 114 5.51 16.57 -16.81
CA PRO B 114 5.39 15.57 -17.90
C PRO B 114 4.85 14.19 -17.48
N GLY B 115 5.19 13.69 -16.31
CA GLY B 115 4.78 12.38 -15.88
C GLY B 115 3.45 12.39 -15.16
N ASP B 116 3.28 11.44 -14.24
CA ASP B 116 2.11 11.37 -13.38
C ASP B 116 2.47 11.84 -11.99
N VAL B 117 1.47 12.29 -11.24
CA VAL B 117 1.63 12.71 -9.85
C VAL B 117 0.58 12.01 -9.02
N GLY B 118 0.95 11.48 -7.86
CA GLY B 118 0.01 10.75 -7.03
C GLY B 118 0.03 11.20 -5.59
N ILE B 119 -1.15 11.14 -4.95
CA ILE B 119 -1.28 11.61 -3.54
C ILE B 119 -1.75 10.45 -2.66
N PHE B 120 -1.01 10.18 -1.59
CA PHE B 120 -1.37 9.07 -0.66
C PHE B 120 -1.34 9.62 0.76
N ALA B 121 -2.47 10.15 1.23
CA ALA B 121 -2.49 10.78 2.58
C ALA B 121 -3.41 10.00 3.52
N GLY B 122 -3.81 10.62 4.63
CA GLY B 122 -4.72 9.97 5.60
C GLY B 122 -5.42 11.00 6.47
N LYS B 123 -6.73 10.83 6.67
CA LYS B 123 -7.51 11.81 7.47
C LYS B 123 -7.48 11.41 8.94
N SER B 124 -7.85 12.32 9.85
CA SER B 124 -7.95 11.96 11.28
C SER B 124 -9.40 11.60 11.60
N MET B 125 -9.73 11.41 12.88
CA MET B 125 -11.14 11.14 13.26
C MET B 125 -11.99 12.36 12.87
N ASP B 126 -13.02 12.16 12.05
CA ASP B 126 -13.93 13.27 11.67
C ASP B 126 -14.62 13.78 12.94
N SER B 127 -14.27 14.98 13.40
CA SER B 127 -14.89 15.58 14.61
C SER B 127 -15.84 16.70 14.19
N TYR B 128 -16.21 16.75 12.91
CA TYR B 128 -17.19 17.76 12.43
C TYR B 128 -18.59 17.13 12.41
N LEU B 129 -18.71 15.92 12.98
CA LEU B 129 -20.02 15.21 13.03
C LEU B 129 -20.75 15.62 14.31
N MET B 130 -20.30 16.69 14.96
CA MET B 130 -20.99 17.22 16.17
C MET B 130 -21.02 18.75 16.00
N LEU B 131 -20.55 19.23 14.84
CA LEU B 131 -20.48 20.68 14.57
C LEU B 131 -21.42 20.99 13.39
N ASN B 132 -21.39 20.14 12.37
CA ASN B 132 -22.21 20.40 11.14
C ASN B 132 -23.37 19.40 11.09
N LEU B 133 -23.24 18.23 11.72
CA LEU B 133 -24.29 17.19 11.61
C LEU B 133 -25.60 17.69 12.24
N MET B 134 -25.52 18.27 13.44
CA MET B 134 -26.74 18.80 14.12
C MET B 134 -27.42 19.87 13.25
N PRO B 135 -26.80 21.00 12.79
CA PRO B 135 -27.51 21.92 11.87
C PRO B 135 -27.88 21.23 10.54
N HIS B 136 -26.87 20.82 9.76
CA HIS B 136 -27.14 20.20 8.43
C HIS B 136 -26.47 18.82 8.34
N PHE B 137 -25.25 18.77 7.80
CA PHE B 137 -24.53 17.48 7.62
C PHE B 137 -23.01 17.72 7.75
N ILE B 150 -22.91 13.18 4.77
CA ILE B 150 -23.19 12.17 3.78
C ILE B 150 -22.00 12.08 2.85
N GLY B 151 -21.54 13.24 2.37
CA GLY B 151 -20.57 13.33 1.31
C GLY B 151 -19.18 13.76 1.71
N ASN B 152 -18.89 13.89 3.01
CA ASN B 152 -17.52 14.19 3.46
C ASN B 152 -17.10 13.28 4.63
N ASP B 153 -16.59 12.11 4.29
CA ASP B 153 -16.02 11.19 5.26
C ASP B 153 -14.56 10.99 4.91
N LYS B 154 -13.91 10.01 5.56
CA LYS B 154 -12.46 9.79 5.50
C LYS B 154 -11.98 9.28 4.14
N ASP B 155 -12.86 9.20 3.17
CA ASP B 155 -12.66 8.46 1.95
C ASP B 155 -12.29 9.39 0.80
N SER B 156 -12.71 10.66 0.91
CA SER B 156 -12.59 11.65 -0.14
C SER B 156 -11.72 12.84 0.25
N ILE B 157 -10.81 12.69 1.22
CA ILE B 157 -9.78 13.71 1.42
C ILE B 157 -8.87 13.80 0.20
N THR B 158 -8.40 12.67 -0.30
CA THR B 158 -7.36 12.73 -1.28
C THR B 158 -7.88 12.97 -2.69
N THR B 159 -9.15 12.70 -2.99
CA THR B 159 -9.61 13.07 -4.32
C THR B 159 -9.91 14.56 -4.43
N THR B 160 -10.32 15.20 -3.32
CA THR B 160 -10.41 16.66 -3.33
C THR B 160 -9.04 17.30 -3.44
N ILE B 161 -8.02 16.73 -2.77
CA ILE B 161 -6.64 17.19 -2.99
C ILE B 161 -6.19 16.89 -4.42
N ALA B 162 -6.77 15.90 -5.08
CA ALA B 162 -6.29 15.52 -6.40
C ALA B 162 -7.06 16.13 -7.55
N TYR B 163 -8.24 16.70 -7.31
CA TYR B 163 -9.02 17.30 -8.38
C TYR B 163 -8.71 18.77 -8.57
N HIS B 164 -8.53 19.53 -7.49
CA HIS B 164 -8.27 20.96 -7.62
C HIS B 164 -6.86 21.24 -8.10
N LEU B 165 -5.96 20.28 -8.09
CA LEU B 165 -4.60 20.52 -8.54
C LEU B 165 -4.19 19.66 -9.72
N ASN B 166 -5.12 18.93 -10.34
CA ASN B 166 -4.89 18.14 -11.56
C ASN B 166 -3.85 17.05 -11.35
N LEU B 167 -4.15 16.14 -10.42
CA LEU B 167 -3.27 15.02 -10.11
C LEU B 167 -3.79 13.77 -10.79
N ARG B 168 -3.00 13.21 -11.69
CA ARG B 168 -3.42 12.14 -12.59
C ARG B 168 -2.67 10.83 -12.35
N GLY B 169 -2.35 10.54 -11.10
CA GLY B 169 -1.77 9.25 -10.75
C GLY B 169 -2.71 8.54 -9.83
N PRO B 170 -2.24 7.57 -9.06
CA PRO B 170 -3.08 6.94 -8.05
C PRO B 170 -3.50 7.91 -6.98
N ALA B 171 -4.60 7.62 -6.31
CA ALA B 171 -5.04 8.54 -5.28
C ALA B 171 -5.78 7.74 -4.21
N ILE B 172 -5.05 7.31 -3.19
CA ILE B 172 -5.48 6.33 -2.20
C ILE B 172 -5.54 7.05 -0.85
N THR B 173 -6.24 6.46 0.12
CA THR B 173 -6.27 6.98 1.49
C THR B 173 -5.87 5.86 2.43
N VAL B 174 -4.62 5.75 2.78
CA VAL B 174 -4.20 4.71 3.71
C VAL B 174 -4.55 5.18 5.11
N GLN B 175 -4.91 4.27 5.98
CA GLN B 175 -5.62 4.65 7.19
C GLN B 175 -5.23 3.80 8.40
N THR B 176 -3.93 3.57 8.62
CA THR B 176 -3.55 2.91 9.87
C THR B 176 -3.72 3.87 11.05
N SER B 177 -3.55 3.39 12.28
CA SER B 177 -4.19 4.08 13.39
C SER B 177 -3.44 5.34 13.84
N SER B 178 -2.21 5.20 14.33
CA SER B 178 -1.37 6.34 14.70
C SER B 178 -0.11 6.45 13.87
N SER B 179 0.11 5.57 12.92
CA SER B 179 1.25 5.62 12.04
C SER B 179 0.80 5.75 10.60
N THR B 180 -0.31 6.47 10.42
CA THR B 180 -0.84 6.74 9.08
C THR B 180 0.15 7.51 8.24
N SER B 181 0.81 8.47 8.85
CA SER B 181 1.69 9.41 8.18
C SER B 181 3.00 8.79 7.75
N LEU B 182 3.36 7.63 8.27
CA LEU B 182 4.59 6.99 7.92
C LEU B 182 4.34 5.59 7.38
N VAL B 183 3.08 5.18 7.30
CA VAL B 183 2.69 4.11 6.39
C VAL B 183 2.38 4.66 5.00
N ALA B 184 1.90 5.91 4.92
CA ALA B 184 1.69 6.56 3.62
C ALA B 184 2.99 6.75 2.86
N VAL B 185 4.06 7.14 3.55
CA VAL B 185 5.37 7.24 2.93
C VAL B 185 5.85 5.87 2.49
N CYS B 186 5.53 4.84 3.25
CA CYS B 186 6.01 3.50 2.90
C CYS B 186 5.16 2.82 1.84
N VAL B 187 4.00 3.36 1.49
CA VAL B 187 3.31 2.95 0.27
C VAL B 187 3.81 3.75 -0.92
N ALA B 188 3.92 5.07 -0.77
CA ALA B 188 4.38 5.93 -1.85
C ALA B 188 5.84 5.74 -2.21
N CYS B 189 6.64 5.06 -1.39
CA CYS B 189 7.98 4.68 -1.79
C CYS B 189 8.01 3.36 -2.53
N GLN B 190 6.90 2.65 -2.59
CA GLN B 190 6.83 1.44 -3.40
C GLN B 190 6.13 1.68 -4.71
N SER B 191 5.16 2.59 -4.70
CA SER B 191 4.48 3.01 -5.92
C SER B 191 5.46 3.65 -6.89
N LEU B 192 6.39 4.49 -6.40
CA LEU B 192 7.44 5.04 -7.25
C LEU B 192 8.45 4.00 -7.69
N LEU B 193 8.79 3.07 -6.83
CA LEU B 193 9.88 2.17 -7.16
C LEU B 193 9.43 1.02 -8.04
N THR B 194 8.12 0.84 -8.21
CA THR B 194 7.58 -0.05 -9.24
C THR B 194 6.90 0.72 -10.37
N TRP B 195 7.19 2.02 -10.49
CA TRP B 195 6.82 2.88 -11.62
C TRP B 195 5.31 3.02 -11.82
N GLN B 196 4.53 3.03 -10.73
CA GLN B 196 3.13 3.44 -10.84
C GLN B 196 2.99 4.93 -11.15
N CYS B 197 3.92 5.74 -10.69
CA CYS B 197 3.86 7.18 -10.89
C CYS B 197 5.29 7.69 -10.91
N ASP B 198 5.46 9.01 -11.00
CA ASP B 198 6.77 9.60 -11.19
C ASP B 198 7.14 10.64 -10.15
N MET B 199 6.19 11.07 -9.31
CA MET B 199 6.41 12.05 -8.26
C MET B 199 5.25 12.01 -7.29
N ALA B 200 5.46 11.76 -6.02
CA ALA B 200 4.32 11.58 -5.14
C ALA B 200 4.22 12.70 -4.15
N ILE B 201 3.30 12.56 -3.21
CA ILE B 201 3.10 13.45 -2.08
C ILE B 201 2.35 12.69 -1.00
N ALA B 202 2.82 12.74 0.25
CA ALA B 202 2.39 11.74 1.22
C ALA B 202 2.48 12.27 2.64
N GLY B 203 1.34 12.54 3.27
CA GLY B 203 1.36 13.07 4.62
C GLY B 203 0.17 12.73 5.48
N GLY B 204 -0.32 13.66 6.28
CA GLY B 204 -1.47 13.42 7.15
C GLY B 204 -1.94 14.74 7.72
N VAL B 205 -2.97 14.67 8.57
CA VAL B 205 -3.58 15.89 9.12
C VAL B 205 -4.29 15.55 10.42
N THR B 206 -4.36 16.50 11.36
CA THR B 206 -5.12 16.34 12.60
C THR B 206 -5.58 17.71 13.09
N LEU B 207 -6.83 18.08 12.85
CA LEU B 207 -7.39 19.33 13.33
C LEU B 207 -8.82 19.09 13.74
N GLY B 208 -9.27 19.79 14.79
CA GLY B 208 -10.64 19.56 15.30
C GLY B 208 -11.26 20.81 15.86
N PRO B 209 -12.60 20.95 15.82
CA PRO B 209 -13.30 22.11 16.40
C PRO B 209 -12.84 22.57 17.80
N PRO B 210 -12.69 21.72 18.85
CA PRO B 210 -12.19 22.19 20.15
C PRO B 210 -10.67 22.45 20.10
N ALA B 211 -10.27 23.63 19.59
CA ALA B 211 -8.83 23.99 19.60
C ALA B 211 -8.49 24.54 20.99
N LYS B 212 -9.51 24.94 21.75
CA LYS B 212 -9.28 25.43 23.13
C LYS B 212 -9.93 24.44 24.10
N THR B 213 -9.20 23.40 24.51
CA THR B 213 -9.79 22.36 25.38
C THR B 213 -8.73 21.81 26.33
N GLY B 214 -9.16 21.12 27.39
CA GLY B 214 -8.20 20.47 28.29
C GLY B 214 -8.38 18.97 28.25
N TYR B 215 -7.78 18.25 29.20
CA TYR B 215 -7.93 16.78 29.27
C TYR B 215 -7.96 16.34 30.74
N LEU B 216 -8.97 15.56 31.11
CA LEU B 216 -9.04 15.03 32.50
C LEU B 216 -7.99 13.93 32.64
N SER B 217 -6.86 14.24 33.26
CA SER B 217 -5.75 13.25 33.37
C SER B 217 -6.10 12.18 34.41
N GLN B 218 -5.54 10.97 34.25
CA GLN B 218 -5.84 9.86 35.18
C GLN B 218 -4.56 9.36 35.84
N GLU B 219 -4.63 8.97 37.11
CA GLU B 219 -3.45 8.44 37.84
C GLU B 219 -3.29 6.97 37.46
N GLY B 220 -2.41 6.66 36.50
CA GLY B 220 -2.28 5.27 36.01
C GLY B 220 -2.61 5.17 34.54
N GLY B 221 -2.85 6.31 33.88
CA GLY B 221 -3.18 6.31 32.47
C GLY B 221 -2.02 6.66 31.57
N ILE B 222 -2.37 7.17 30.39
CA ILE B 222 -1.42 7.52 29.35
C ILE B 222 -1.26 9.01 29.18
N THR B 223 -1.97 9.82 29.96
CA THR B 223 -1.99 11.26 29.81
C THR B 223 -1.23 11.89 30.95
N ALA B 224 -0.30 12.80 30.63
CA ALA B 224 0.57 13.39 31.63
C ALA B 224 -0.22 14.38 32.48
N ALA B 225 -0.13 14.23 33.79
CA ALA B 225 -1.01 14.93 34.71
C ALA B 225 -0.46 16.27 35.15
N ASP B 226 0.67 16.69 34.61
CA ASP B 226 1.25 17.99 34.91
C ASP B 226 1.14 18.99 33.76
N GLY B 227 1.12 18.51 32.53
CA GLY B 227 1.07 19.37 31.38
C GLY B 227 2.21 19.07 30.42
N HIS B 228 3.35 18.69 30.96
CA HIS B 228 4.54 18.53 30.16
C HIS B 228 4.70 17.06 29.81
N CYS B 229 5.31 16.80 28.67
CA CYS B 229 5.57 15.44 28.21
C CYS B 229 7.07 15.20 28.27
N ARG B 230 7.52 14.53 29.33
CA ARG B 230 8.93 14.17 29.46
C ARG B 230 9.15 12.80 28.86
N ALA B 231 10.14 12.69 27.99
CA ALA B 231 10.40 11.44 27.28
C ALA B 231 11.68 10.84 27.79
N PHE B 232 11.62 9.55 28.16
CA PHE B 232 12.74 8.74 28.67
C PHE B 232 13.32 9.30 29.96
N SER B 233 12.50 9.93 30.77
CA SER B 233 12.93 10.44 32.06
C SER B 233 12.22 9.67 33.16
N ASP B 234 12.83 9.65 34.34
CA ASP B 234 12.25 8.92 35.46
C ASP B 234 11.02 9.59 36.07
N ASN B 235 10.69 10.80 35.65
CA ASN B 235 9.48 11.49 36.10
C ASN B 235 8.35 11.41 35.07
N SER B 236 8.34 10.37 34.23
CA SER B 236 7.40 10.27 33.13
C SER B 236 5.98 10.07 33.63
N SER B 237 5.06 10.78 33.03
CA SER B 237 3.68 10.70 33.47
C SER B 237 2.73 10.32 32.36
N GLY B 238 3.02 10.71 31.12
CA GLY B 238 2.11 10.46 30.00
C GLY B 238 2.52 11.29 28.80
N PHE B 239 1.54 11.63 27.97
CA PHE B 239 1.76 12.58 26.90
C PHE B 239 0.82 13.77 27.06
N VAL B 240 0.78 14.62 26.04
CA VAL B 240 -0.16 15.74 26.01
C VAL B 240 -0.64 15.90 24.57
N PRO B 241 -1.94 16.05 24.33
CA PRO B 241 -2.45 16.00 22.96
C PRO B 241 -2.17 17.26 22.15
N GLY B 242 -1.91 17.06 20.86
CA GLY B 242 -1.58 18.18 20.00
C GLY B 242 -2.07 17.97 18.58
N THR B 243 -2.16 19.07 17.85
CA THR B 243 -2.74 19.10 16.51
C THR B 243 -1.69 19.59 15.51
N GLY B 244 -1.89 19.30 14.23
CA GLY B 244 -0.91 19.70 13.25
C GLY B 244 -1.28 19.25 11.86
N ALA B 245 -0.36 19.46 10.93
CA ALA B 245 -0.51 18.99 9.56
C ALA B 245 0.87 18.71 9.01
N GLY B 246 0.95 18.35 7.73
CA GLY B 246 2.26 18.23 7.14
C GLY B 246 2.36 17.23 6.01
N LEU B 247 3.04 17.57 4.92
CA LEU B 247 3.12 16.75 3.73
C LEU B 247 4.52 16.84 3.17
N VAL B 248 4.98 15.78 2.50
CA VAL B 248 6.30 15.82 1.86
C VAL B 248 6.10 15.61 0.37
N VAL B 249 7.19 15.53 -0.39
CA VAL B 249 7.18 15.31 -1.83
C VAL B 249 8.33 14.39 -2.18
N LEU B 250 8.08 13.32 -2.91
CA LEU B 250 9.05 12.27 -3.13
C LEU B 250 9.28 12.10 -4.61
N LYS B 251 10.46 11.63 -4.99
CA LYS B 251 10.84 11.45 -6.39
C LYS B 251 12.09 10.61 -6.44
N ARG B 252 12.24 9.82 -7.50
CA ARG B 252 13.38 8.92 -7.63
C ARG B 252 14.69 9.69 -7.72
N VAL B 253 15.75 9.08 -7.21
CA VAL B 253 16.98 9.80 -6.98
C VAL B 253 17.83 9.86 -8.26
N ASP B 254 17.44 9.15 -9.30
CA ASP B 254 18.06 9.36 -10.59
C ASP B 254 17.28 10.31 -11.47
N GLU B 255 16.07 10.69 -11.06
CA GLU B 255 15.33 11.80 -11.63
C GLU B 255 15.34 13.05 -10.76
N ALA B 256 16.10 13.05 -9.67
CA ALA B 256 16.37 14.29 -8.97
C ALA B 256 17.83 14.68 -9.02
N LEU B 257 18.59 14.13 -9.95
CA LEU B 257 19.97 14.52 -10.15
C LEU B 257 20.27 14.98 -11.57
N ARG B 258 19.50 14.51 -12.55
CA ARG B 258 19.59 15.03 -13.90
C ARG B 258 18.58 16.14 -14.15
N ASP B 259 17.82 16.55 -13.14
CA ASP B 259 16.99 17.75 -13.23
C ASP B 259 17.49 18.87 -12.35
N GLY B 260 18.31 18.58 -11.35
CA GLY B 260 18.78 19.59 -10.43
C GLY B 260 17.71 20.09 -9.50
N ASP B 261 17.30 19.30 -8.52
CA ASP B 261 16.42 19.77 -7.46
C ASP B 261 17.21 19.93 -6.18
N ASN B 262 16.54 20.36 -5.13
CA ASN B 262 17.15 20.32 -3.81
C ASN B 262 16.76 19.01 -3.15
N ILE B 263 17.74 18.27 -2.67
CA ILE B 263 17.49 16.99 -2.05
C ILE B 263 17.76 17.16 -0.56
N TYR B 264 16.78 16.85 0.26
CA TYR B 264 17.02 16.93 1.70
C TYR B 264 17.71 15.68 2.22
N ALA B 265 17.26 14.51 1.79
CA ALA B 265 17.75 13.23 2.27
C ALA B 265 17.28 12.17 1.30
N VAL B 266 17.94 11.02 1.32
CA VAL B 266 17.68 9.96 0.36
C VAL B 266 17.22 8.74 1.15
N ILE B 267 15.93 8.42 1.09
CA ILE B 267 15.37 7.28 1.81
C ILE B 267 15.93 6.01 1.18
N LYS B 268 16.55 5.16 2.00
CA LYS B 268 17.18 3.95 1.49
C LYS B 268 16.53 2.65 1.95
N GLY B 269 15.61 2.68 2.91
CA GLY B 269 14.96 1.46 3.33
C GLY B 269 13.74 1.74 4.16
N PHE B 270 12.85 0.76 4.20
CA PHE B 270 11.57 0.88 4.88
C PHE B 270 10.99 -0.50 5.12
N ALA B 271 10.16 -0.63 6.15
CA ALA B 271 9.45 -1.88 6.40
C ALA B 271 8.22 -1.59 7.24
N VAL B 272 7.19 -2.40 7.04
CA VAL B 272 5.93 -2.27 7.78
C VAL B 272 5.41 -3.66 8.15
N ASN B 273 5.01 -3.85 9.41
CA ASN B 273 4.73 -5.15 10.00
C ASN B 273 3.50 -5.04 10.88
N ASN B 274 3.26 -6.06 11.72
CA ASN B 274 2.21 -6.05 12.72
C ASN B 274 2.54 -7.07 13.80
N ASP B 275 1.85 -6.98 14.95
CA ASP B 275 2.11 -7.88 16.07
C ASP B 275 1.33 -9.19 15.97
N GLY B 276 0.02 -9.12 16.10
CA GLY B 276 -0.79 -10.30 15.96
C GLY B 276 -0.74 -11.28 17.11
N SER B 277 -1.34 -10.94 18.24
CA SER B 277 -1.67 -11.82 19.37
C SER B 277 -0.46 -12.44 20.05
N GLU B 278 0.74 -11.95 19.77
CA GLU B 278 1.94 -12.32 20.51
C GLU B 278 2.25 -11.28 21.58
N LYS B 279 1.22 -10.78 22.23
CA LYS B 279 1.36 -9.79 23.28
C LYS B 279 0.32 -10.05 24.36
N ILE B 280 0.16 -9.12 25.30
CA ILE B 280 -0.81 -9.30 26.37
C ILE B 280 -2.23 -9.14 25.85
N SER B 281 -2.55 -7.96 25.34
CA SER B 281 -3.92 -7.54 25.14
C SER B 281 -4.05 -6.89 23.77
N TYR B 282 -5.18 -6.21 23.55
CA TYR B 282 -5.36 -5.50 22.29
C TYR B 282 -4.45 -4.28 22.22
N THR B 283 -4.44 -3.47 23.29
CA THR B 283 -3.58 -2.30 23.37
C THR B 283 -2.52 -2.55 24.44
N ALA B 284 -1.41 -3.14 24.01
CA ALA B 284 -0.22 -3.40 24.79
C ALA B 284 0.90 -3.66 23.80
N PRO B 285 2.04 -3.00 23.92
CA PRO B 285 3.06 -3.09 22.88
C PRO B 285 3.78 -4.42 22.89
N SER B 286 4.55 -4.63 21.85
CA SER B 286 5.33 -5.84 21.62
C SER B 286 6.78 -5.46 21.40
N VAL B 287 7.67 -6.44 21.61
CA VAL B 287 9.09 -6.23 21.38
C VAL B 287 9.61 -7.04 20.20
N ASP B 288 9.08 -8.23 19.98
CA ASP B 288 9.61 -9.09 18.94
C ASP B 288 9.23 -8.65 17.53
N ALA B 289 8.30 -7.70 17.39
CA ALA B 289 7.98 -7.13 16.09
C ALA B 289 8.69 -5.82 15.82
N GLN B 290 8.83 -4.99 16.84
CA GLN B 290 9.64 -3.79 16.70
C GLN B 290 11.11 -4.10 16.54
N ALA B 291 11.57 -5.26 16.97
CA ALA B 291 12.94 -5.66 16.65
C ALA B 291 13.07 -6.27 15.27
N ARG B 292 11.95 -6.56 14.59
CA ARG B 292 12.01 -7.04 13.21
C ARG B 292 11.86 -5.93 12.19
N ALA B 293 11.03 -4.91 12.48
CA ALA B 293 10.90 -3.78 11.56
C ALA B 293 12.21 -3.03 11.42
N ILE B 294 12.91 -2.79 12.54
CA ILE B 294 14.18 -2.06 12.55
C ILE B 294 15.26 -2.84 11.80
N ALA B 295 15.36 -4.13 12.08
CA ALA B 295 16.40 -4.92 11.45
C ALA B 295 15.98 -5.47 10.10
N GLN B 296 14.81 -5.12 9.60
CA GLN B 296 14.58 -5.28 8.17
C GLN B 296 14.81 -4.01 7.38
N ALA B 297 14.53 -2.85 7.98
CA ALA B 297 14.89 -1.58 7.35
C ALA B 297 16.39 -1.47 7.15
N GLN B 298 17.17 -1.72 8.21
CA GLN B 298 18.62 -1.56 8.09
C GLN B 298 19.29 -2.62 7.24
N ARG B 299 18.64 -3.74 6.96
CA ARG B 299 19.22 -4.74 6.07
C ARG B 299 18.77 -4.59 4.63
N LEU B 300 17.56 -4.05 4.42
CA LEU B 300 17.16 -3.69 3.06
C LEU B 300 17.97 -2.52 2.56
N ALA B 301 18.31 -1.58 3.45
CA ALA B 301 19.06 -0.39 3.04
C ALA B 301 20.47 -0.73 2.59
N GLY B 302 21.08 -1.74 3.21
CA GLY B 302 22.46 -2.07 2.98
C GLY B 302 23.40 -1.65 4.09
N LEU B 303 22.88 -1.16 5.21
CA LEU B 303 23.70 -0.67 6.29
C LEU B 303 23.90 -1.77 7.32
N THR B 304 24.45 -1.39 8.48
CA THR B 304 24.94 -2.23 9.55
C THR B 304 24.81 -1.31 10.74
N PRO B 305 24.39 -1.79 11.92
CA PRO B 305 24.03 -0.87 13.00
C PRO B 305 25.15 -0.09 13.64
N GLN B 306 26.40 -0.15 13.15
CA GLN B 306 27.39 0.82 13.62
C GLN B 306 27.23 2.17 12.94
N ASP B 307 26.32 2.31 11.99
CA ASP B 307 26.27 3.49 11.17
C ASP B 307 25.11 4.41 11.47
N ILE B 308 24.00 3.91 12.01
CA ILE B 308 22.86 4.76 12.31
C ILE B 308 23.19 5.64 13.51
N THR B 309 23.52 6.89 13.26
CA THR B 309 24.00 7.81 14.29
C THR B 309 22.87 8.54 15.01
N TYR B 310 21.72 8.77 14.38
CA TYR B 310 20.60 9.46 15.02
C TYR B 310 19.35 8.62 14.85
N VAL B 311 18.79 8.12 15.93
CA VAL B 311 17.59 7.30 15.90
C VAL B 311 16.46 8.06 16.57
N GLU B 312 15.36 8.24 15.86
CA GLU B 312 14.23 9.00 16.35
C GLU B 312 13.23 8.02 16.96
N ALA B 313 13.24 7.88 18.27
CA ALA B 313 12.30 6.96 18.88
C ALA B 313 10.91 7.55 18.90
N HIS B 314 9.92 6.68 19.15
CA HIS B 314 8.56 7.16 19.35
C HIS B 314 8.47 8.02 20.60
N GLY B 315 8.94 7.49 21.73
CA GLY B 315 9.20 8.24 22.94
C GLY B 315 8.02 8.96 23.54
N THR B 316 6.88 8.30 23.65
CA THR B 316 5.64 9.01 23.94
C THR B 316 5.54 9.48 25.39
N GLY B 317 6.30 8.90 26.30
CA GLY B 317 6.28 9.35 27.68
C GLY B 317 5.34 8.62 28.62
N THR B 318 4.85 7.45 28.23
CA THR B 318 3.95 6.66 29.07
C THR B 318 4.74 5.75 30.01
N ARG B 319 4.02 5.03 30.87
CA ARG B 319 4.67 4.15 31.88
C ARG B 319 5.35 2.94 31.21
N LEU B 320 4.59 2.05 30.59
CA LEU B 320 5.16 0.80 30.03
C LEU B 320 5.63 1.01 28.58
N GLY B 321 5.07 2.00 27.88
CA GLY B 321 5.43 2.19 26.47
C GLY B 321 6.87 2.62 26.29
N ASP B 322 7.58 2.93 27.37
CA ASP B 322 8.94 3.43 27.25
C ASP B 322 10.07 2.41 27.47
N PRO B 323 10.04 1.52 28.48
CA PRO B 323 11.09 0.49 28.51
C PRO B 323 10.95 -0.56 27.43
N VAL B 324 9.73 -0.75 26.91
CA VAL B 324 9.52 -1.67 25.79
C VAL B 324 10.24 -1.18 24.54
N GLU B 325 10.14 0.11 24.26
CA GLU B 325 10.79 0.69 23.08
C GLU B 325 12.32 0.68 23.22
N PHE B 326 12.83 1.00 24.41
CA PHE B 326 14.28 0.94 24.63
C PHE B 326 14.80 -0.48 24.53
N SER B 327 14.05 -1.45 25.04
CA SER B 327 14.45 -2.85 24.90
C SER B 327 14.45 -3.27 23.43
N ALA B 328 13.46 -2.79 22.66
CA ALA B 328 13.40 -3.10 21.24
C ALA B 328 14.56 -2.48 20.46
N LEU B 329 15.03 -1.31 20.90
CA LEU B 329 16.18 -0.68 20.25
C LEU B 329 17.49 -1.39 20.60
N SER B 330 17.67 -1.73 21.87
CA SER B 330 18.89 -2.42 22.28
C SER B 330 18.95 -3.85 21.74
N GLN B 331 17.80 -4.46 21.46
CA GLN B 331 17.80 -5.78 20.84
C GLN B 331 18.27 -5.72 19.39
N ALA B 332 17.86 -4.68 18.66
CA ALA B 332 18.14 -4.59 17.23
C ALA B 332 19.47 -3.94 16.92
N PHE B 333 20.08 -3.23 17.87
CA PHE B 333 21.44 -2.72 17.71
C PHE B 333 22.48 -3.66 18.33
N ALA B 334 22.25 -4.96 18.29
CA ALA B 334 23.07 -5.92 19.02
C ALA B 334 24.40 -6.20 18.34
N GLY B 335 24.58 -5.84 17.08
CA GLY B 335 25.83 -6.15 16.43
C GLY B 335 26.95 -5.15 16.64
N ALA B 336 26.66 -4.01 17.26
CA ALA B 336 27.62 -2.92 17.34
C ALA B 336 28.44 -3.03 18.61
N SER B 337 29.75 -3.20 18.46
CA SER B 337 30.66 -3.35 19.59
C SER B 337 31.35 -2.02 19.89
N GLN B 338 30.56 -1.06 20.35
CA GLN B 338 31.08 0.25 20.71
C GLN B 338 30.10 0.87 21.68
N LYS B 339 30.56 1.84 22.47
CA LYS B 339 29.82 2.30 23.63
C LYS B 339 29.45 3.76 23.48
N GLN B 340 28.14 4.05 23.53
CA GLN B 340 27.55 5.40 23.58
C GLN B 340 28.01 6.25 22.39
N TYR B 341 27.55 5.83 21.21
CA TYR B 341 27.94 6.44 19.95
C TYR B 341 26.77 6.89 19.10
N CYS B 342 25.52 6.73 19.56
CA CYS B 342 24.34 6.97 18.76
C CYS B 342 23.37 7.83 19.55
N ALA B 343 22.81 8.84 18.92
CA ALA B 343 21.91 9.74 19.64
C ALA B 343 20.56 9.10 19.80
N LEU B 344 19.69 9.76 20.55
CA LEU B 344 18.30 9.33 20.65
C LEU B 344 17.50 10.54 21.07
N GLY B 345 16.27 10.65 20.59
CA GLY B 345 15.53 11.86 20.86
C GLY B 345 14.05 11.67 20.65
N SER B 346 13.34 12.80 20.64
CA SER B 346 11.90 12.82 20.47
C SER B 346 11.48 14.20 20.01
N VAL B 347 10.30 14.28 19.40
CA VAL B 347 9.76 15.57 19.00
C VAL B 347 8.69 15.93 20.02
N LYS B 348 8.09 14.92 20.60
CA LYS B 348 6.87 15.11 21.38
C LYS B 348 7.11 15.81 22.70
N THR B 349 8.36 16.09 23.06
CA THR B 349 8.64 17.02 24.15
C THR B 349 8.40 18.45 23.71
N ASN B 350 8.76 18.79 22.47
CA ASN B 350 8.59 20.15 21.97
C ASN B 350 7.13 20.49 21.71
N ILE B 351 6.50 19.76 20.78
CA ILE B 351 5.19 20.13 20.26
C ILE B 351 4.06 19.30 20.83
N GLY B 352 4.33 18.44 21.79
CA GLY B 352 3.29 17.56 22.29
C GLY B 352 3.10 16.37 21.37
N HIS B 353 2.05 15.60 21.63
CA HIS B 353 1.75 14.42 20.83
C HIS B 353 0.71 14.81 19.80
N LEU B 354 1.10 14.82 18.54
CA LEU B 354 0.12 14.83 17.48
C LEU B 354 -0.43 13.41 17.34
N ASP B 355 -1.59 13.27 16.69
CA ASP B 355 -2.26 11.98 16.71
C ASP B 355 -2.01 11.16 15.45
N THR B 356 -2.40 11.67 14.31
CA THR B 356 -2.27 11.00 13.02
C THR B 356 -1.10 11.54 12.21
N ALA B 357 -0.85 12.84 12.30
CA ALA B 357 0.23 13.51 11.61
C ALA B 357 1.55 13.43 12.35
N ALA B 358 1.69 12.53 13.33
CA ALA B 358 2.86 12.47 14.18
C ALA B 358 3.90 11.48 13.72
N GLY B 359 3.78 10.97 12.51
CA GLY B 359 4.86 10.19 11.97
C GLY B 359 5.65 11.03 11.00
N VAL B 360 4.99 12.05 10.45
CA VAL B 360 5.62 12.92 9.45
C VAL B 360 6.20 14.18 10.10
N ALA B 361 5.75 14.55 11.30
CA ALA B 361 6.40 15.65 12.00
C ALA B 361 7.72 15.24 12.61
N GLY B 362 8.05 13.95 12.61
CA GLY B 362 9.38 13.52 12.97
C GLY B 362 10.22 13.28 11.75
N LEU B 363 9.57 12.92 10.64
CA LEU B 363 10.28 12.75 9.37
C LEU B 363 10.77 14.08 8.85
N ILE B 364 10.00 15.15 9.06
CA ILE B 364 10.46 16.49 8.70
C ILE B 364 11.67 16.90 9.55
N LYS B 365 11.62 16.67 10.86
CA LYS B 365 12.72 17.06 11.74
C LYS B 365 13.99 16.28 11.44
N THR B 366 13.87 14.99 11.20
CA THR B 366 15.07 14.22 10.89
C THR B 366 15.57 14.53 9.47
N ALA B 367 14.68 14.79 8.51
CA ALA B 367 15.12 15.08 7.15
C ALA B 367 15.63 16.49 7.00
N LEU B 368 15.40 17.36 7.98
CA LEU B 368 16.07 18.65 8.01
C LEU B 368 17.41 18.57 8.73
N ALA B 369 17.46 17.86 9.88
CA ALA B 369 18.70 17.70 10.60
C ALA B 369 19.72 16.86 9.87
N VAL B 370 19.30 16.05 8.90
CA VAL B 370 20.27 15.39 8.04
C VAL B 370 20.92 16.41 7.11
N GLN B 371 20.12 17.31 6.53
CA GLN B 371 20.63 18.26 5.54
C GLN B 371 21.52 19.32 6.17
N GLN B 372 21.07 19.93 7.27
CA GLN B 372 21.86 21.01 7.88
C GLN B 372 23.11 20.48 8.57
N GLY B 373 22.96 19.41 9.36
CA GLY B 373 24.04 18.88 10.16
C GLY B 373 24.01 19.39 11.58
N ILE B 374 22.85 19.34 12.24
CA ILE B 374 22.71 19.77 13.62
C ILE B 374 21.55 19.07 14.32
N ILE B 375 21.84 18.44 15.45
CA ILE B 375 20.85 17.65 16.17
C ILE B 375 20.24 18.53 17.25
N PRO B 376 18.97 18.87 17.16
CA PRO B 376 18.37 19.73 18.19
C PRO B 376 18.22 19.08 19.55
N ALA B 377 17.72 19.82 20.51
CA ALA B 377 17.79 19.45 21.91
C ALA B 377 16.49 18.82 22.38
N THR B 378 16.60 17.89 23.31
CA THR B 378 15.44 17.25 23.92
C THR B 378 15.12 17.95 25.23
N LEU B 379 13.90 18.45 25.33
CA LEU B 379 13.45 19.15 26.53
C LEU B 379 13.24 18.17 27.66
N HIS B 380 13.29 18.69 28.88
CA HIS B 380 12.76 18.07 30.09
C HIS B 380 13.43 16.71 30.37
N PHE B 381 14.73 16.75 30.65
CA PHE B 381 15.43 15.49 30.83
C PHE B 381 16.50 15.63 31.90
N GLU B 382 16.33 14.93 33.03
CA GLU B 382 17.32 14.96 34.08
C GLU B 382 17.95 13.59 34.36
N ARG B 383 17.15 12.58 34.71
CA ARG B 383 17.71 11.28 35.03
C ARG B 383 16.95 10.18 34.31
N PRO B 384 17.63 9.10 33.93
CA PRO B 384 16.95 8.01 33.23
C PRO B 384 15.97 7.27 34.12
N ASN B 385 15.12 6.48 33.48
CA ASN B 385 14.09 5.70 34.14
C ASN B 385 14.70 4.58 34.99
N ALA B 386 13.84 3.91 35.75
CA ALA B 386 14.33 2.85 36.61
C ALA B 386 14.69 1.60 35.82
N GLN B 387 14.00 1.33 34.71
CA GLN B 387 14.21 0.12 33.93
C GLN B 387 15.12 0.33 32.73
N ILE B 388 15.86 1.44 32.68
CA ILE B 388 16.71 1.77 31.54
C ILE B 388 18.12 1.97 32.06
N ASP B 389 19.12 1.45 31.33
CA ASP B 389 20.51 1.81 31.59
C ASP B 389 21.10 2.47 30.35
N LEU B 390 21.24 3.79 30.39
CA LEU B 390 21.90 4.48 29.28
C LEU B 390 23.36 4.10 29.20
N THR B 391 24.03 3.98 30.35
CA THR B 391 25.49 3.88 30.39
C THR B 391 25.97 2.55 29.82
N ASN B 392 25.17 1.50 29.95
CA ASN B 392 25.49 0.20 29.38
C ASN B 392 24.73 -0.09 28.08
N SER B 393 24.34 0.95 27.34
CA SER B 393 23.69 0.84 26.06
C SER B 393 24.30 1.87 25.12
N PRO B 394 24.20 1.68 23.79
CA PRO B 394 24.86 2.63 22.90
C PRO B 394 24.14 3.94 22.63
N PHE B 395 23.16 4.34 23.44
CA PHE B 395 22.44 5.58 23.23
C PHE B 395 22.82 6.64 24.26
N TYR B 396 22.48 7.88 23.95
CA TYR B 396 22.55 8.98 24.92
C TYR B 396 21.53 10.04 24.54
N ILE B 397 21.19 10.88 25.49
CA ILE B 397 20.15 11.88 25.32
C ILE B 397 20.77 13.25 25.50
N ASN B 398 20.55 14.14 24.54
CA ASN B 398 21.03 15.51 24.66
C ASN B 398 20.13 16.32 25.58
N THR B 399 20.62 17.49 25.97
CA THR B 399 19.72 18.49 26.55
C THR B 399 19.96 19.88 25.98
N THR B 400 21.15 20.18 25.47
CA THR B 400 21.43 21.40 24.74
C THR B 400 21.58 21.06 23.25
N CYS B 401 21.34 22.08 22.42
CA CYS B 401 21.52 21.95 20.98
C CYS B 401 22.97 21.64 20.66
N GLN B 402 23.20 20.83 19.63
CA GLN B 402 24.48 20.20 19.55
C GLN B 402 24.88 19.86 18.13
N PRO B 403 26.09 20.20 17.69
CA PRO B 403 26.50 19.88 16.33
C PRO B 403 26.67 18.40 16.11
N TRP B 404 26.82 18.04 14.84
CA TRP B 404 26.79 16.64 14.44
C TRP B 404 27.81 16.44 13.33
N GLN B 405 28.74 15.52 13.56
CA GLN B 405 29.65 15.02 12.56
C GLN B 405 30.07 13.64 13.04
N PRO B 406 29.89 12.63 12.22
CA PRO B 406 30.21 11.27 12.67
C PRO B 406 31.65 10.90 12.38
N GLU B 407 32.06 9.71 12.80
CA GLU B 407 33.41 9.23 12.52
C GLU B 407 33.59 8.91 11.05
N SER B 408 32.58 8.34 10.41
CA SER B 408 32.69 7.96 9.01
C SER B 408 32.57 9.14 8.06
N GLY B 409 31.93 10.22 8.48
CA GLY B 409 31.80 11.41 7.67
C GLY B 409 30.47 11.59 6.98
N ILE B 410 29.68 10.52 6.83
CA ILE B 410 28.38 10.57 6.19
C ILE B 410 27.33 10.35 7.26
N ARG B 411 26.33 11.22 7.30
CA ARG B 411 25.31 11.15 8.35
C ARG B 411 24.15 10.30 7.91
N ARG B 412 23.74 9.35 8.74
CA ARG B 412 22.59 8.50 8.49
C ARG B 412 21.62 8.65 9.65
N ALA B 413 20.45 8.05 9.54
CA ALA B 413 19.41 8.36 10.53
C ALA B 413 18.37 7.25 10.57
N GLY B 414 17.24 7.54 11.22
CA GLY B 414 16.12 6.63 11.26
C GLY B 414 14.94 7.16 12.06
N VAL B 415 13.73 7.02 11.54
CA VAL B 415 12.52 7.49 12.20
C VAL B 415 11.63 6.27 12.43
N THR B 416 10.96 6.21 13.57
CA THR B 416 10.06 5.09 13.87
C THR B 416 8.74 5.62 14.39
N SER B 417 7.63 5.08 13.88
CA SER B 417 6.34 5.33 14.49
C SER B 417 5.61 4.02 14.67
N LEU B 418 4.83 3.92 15.76
CA LEU B 418 4.02 2.69 16.00
C LEU B 418 2.54 3.04 15.99
N GLY B 419 1.69 2.12 15.53
CA GLY B 419 0.22 2.34 15.55
C GLY B 419 -0.43 1.54 16.65
N MET B 420 -1.72 1.79 16.93
CA MET B 420 -2.43 1.12 18.05
C MET B 420 -2.44 -0.41 17.84
N GLY B 421 -2.87 -0.86 16.67
CA GLY B 421 -2.85 -2.31 16.38
C GLY B 421 -1.43 -2.80 16.18
N GLY B 422 -0.56 -1.93 15.65
CA GLY B 422 0.85 -2.31 15.40
C GLY B 422 1.19 -2.10 13.94
N THR B 423 2.22 -1.30 13.65
CA THR B 423 2.65 -1.10 12.25
C THR B 423 4.18 -1.03 12.22
N ASN B 424 4.78 -0.53 13.30
CA ASN B 424 6.26 -0.44 13.41
C ASN B 424 6.86 0.06 12.08
N ALA B 425 6.55 1.30 11.70
CA ALA B 425 7.04 1.85 10.42
C ALA B 425 8.44 2.45 10.64
N HIS B 426 9.49 1.72 10.29
CA HIS B 426 10.88 2.24 10.44
C HIS B 426 11.42 2.67 9.06
N VAL B 427 11.92 3.90 8.95
CA VAL B 427 12.48 4.41 7.66
C VAL B 427 13.95 4.78 7.89
N VAL B 428 14.79 4.77 6.84
CA VAL B 428 16.21 5.06 6.99
C VAL B 428 16.65 6.12 5.99
N LEU B 429 17.34 7.18 6.48
CA LEU B 429 17.52 8.46 5.80
C LEU B 429 19.00 8.83 5.61
N GLU B 430 19.65 8.37 4.55
CA GLU B 430 21.02 8.77 4.26
C GLU B 430 21.10 10.21 3.78
N GLN B 431 22.21 10.89 4.10
CA GLN B 431 22.52 12.23 3.58
C GLN B 431 22.52 12.28 2.06
N ALA B 432 21.99 13.38 1.53
CA ALA B 432 22.03 13.64 0.10
C ALA B 432 23.47 13.81 -0.38
N PRO B 433 23.79 13.38 -1.60
CA PRO B 433 25.17 13.46 -2.08
C PRO B 433 25.63 14.90 -2.30
N ALA B 434 26.95 15.08 -2.24
CA ALA B 434 27.54 16.39 -2.45
C ALA B 434 27.47 16.79 -3.91
N VAL B 435 27.56 18.10 -4.15
CA VAL B 435 27.41 18.67 -5.49
C VAL B 435 28.69 19.39 -5.90
N ASP B 436 28.67 20.00 -7.08
CA ASP B 436 29.82 20.68 -7.66
C ASP B 436 29.36 22.07 -8.09
N LEU B 437 29.49 23.05 -7.19
CA LEU B 437 28.95 24.40 -7.41
C LEU B 437 29.98 25.39 -7.91
N GLN B 438 31.19 24.95 -8.25
CA GLN B 438 32.17 25.84 -8.88
C GLN B 438 32.36 25.58 -10.36
N ALA B 439 31.86 24.46 -10.88
CA ALA B 439 31.94 24.18 -12.30
C ALA B 439 30.91 24.93 -13.13
N ARG B 440 29.96 25.60 -12.49
CA ARG B 440 29.02 26.44 -13.23
C ARG B 440 29.73 27.69 -13.74
N ALA B 441 29.44 28.05 -14.98
CA ALA B 441 29.86 29.33 -15.53
C ALA B 441 29.17 30.47 -14.78
N PRO B 442 29.80 31.64 -14.65
CA PRO B 442 29.36 32.62 -13.64
C PRO B 442 28.01 33.23 -13.96
N VAL B 443 27.51 33.95 -12.97
CA VAL B 443 26.15 34.50 -12.94
C VAL B 443 26.00 35.58 -14.01
N PRO B 444 24.85 35.71 -14.67
CA PRO B 444 24.65 36.84 -15.58
C PRO B 444 24.59 38.16 -14.84
N ALA B 445 24.77 39.24 -15.61
CA ALA B 445 24.94 40.57 -15.04
C ALA B 445 23.69 41.08 -14.35
N TYR B 446 22.51 40.78 -14.91
CA TYR B 446 21.25 41.23 -14.35
C TYR B 446 20.20 40.14 -14.54
N SER B 447 19.15 40.18 -13.72
CA SER B 447 18.09 39.19 -13.85
C SER B 447 16.77 39.80 -13.39
N ILE B 448 15.68 39.22 -13.90
CA ILE B 448 14.32 39.72 -13.67
C ILE B 448 13.68 38.85 -12.59
N LEU B 449 12.97 39.48 -11.65
CA LEU B 449 12.36 38.79 -10.52
C LEU B 449 10.85 38.91 -10.56
N PRO B 450 10.13 37.97 -11.17
CA PRO B 450 8.68 38.13 -11.37
C PRO B 450 7.74 37.59 -10.29
N PHE B 451 6.81 38.40 -9.79
CA PHE B 451 5.93 38.04 -8.67
C PHE B 451 4.48 38.18 -9.09
N SER B 452 3.70 37.10 -9.10
CA SER B 452 2.34 37.14 -9.61
C SER B 452 1.35 36.53 -8.63
N ALA B 453 0.16 37.11 -8.53
CA ALA B 453 -0.83 36.69 -7.54
C ALA B 453 -2.23 37.03 -7.99
N LYS B 454 -3.18 36.13 -7.72
CA LYS B 454 -4.51 36.19 -8.31
C LYS B 454 -5.38 37.31 -7.78
N THR B 455 -4.98 38.01 -6.73
CA THR B 455 -5.70 39.18 -6.27
C THR B 455 -4.71 40.13 -5.63
N ASP B 456 -5.14 41.38 -5.44
CA ASP B 456 -4.20 42.43 -5.01
C ASP B 456 -3.71 42.23 -3.58
N SER B 457 -4.63 41.94 -2.66
CA SER B 457 -4.30 41.78 -1.25
C SER B 457 -3.52 40.51 -0.96
N ALA B 458 -3.41 39.59 -1.93
CA ALA B 458 -2.47 38.48 -1.87
C ALA B 458 -1.25 38.73 -2.74
N LEU B 459 -1.11 39.95 -3.27
CA LEU B 459 0.15 40.39 -3.87
C LEU B 459 0.94 41.28 -2.94
N SER B 460 0.28 42.18 -2.21
CA SER B 460 1.01 43.05 -1.30
C SER B 460 1.64 42.25 -0.16
N SER B 461 0.92 41.26 0.35
CA SER B 461 1.45 40.41 1.41
C SER B 461 2.39 39.34 0.90
N GLY B 462 2.57 39.21 -0.40
CA GLY B 462 3.56 38.30 -0.95
C GLY B 462 4.79 39.06 -1.34
N LEU B 463 4.64 40.37 -1.51
CA LEU B 463 5.79 41.26 -1.63
C LEU B 463 6.41 41.62 -0.29
N ALA B 464 5.61 41.68 0.77
CA ALA B 464 6.14 41.90 2.11
C ALA B 464 6.53 40.59 2.80
N ARG B 465 6.83 39.56 2.03
CA ARG B 465 7.28 38.26 2.51
C ARG B 465 8.64 37.87 1.94
N PHE B 466 9.02 38.40 0.78
CA PHE B 466 10.44 38.41 0.43
C PHE B 466 11.22 39.53 1.11
N ALA B 467 10.53 40.51 1.70
CA ALA B 467 11.21 41.53 2.48
C ALA B 467 11.96 40.93 3.65
N ASP B 468 11.31 40.03 4.37
CA ASP B 468 11.97 39.40 5.51
C ASP B 468 12.86 38.25 5.09
N PHE B 469 12.64 37.66 3.92
CA PHE B 469 13.53 36.59 3.47
C PHE B 469 14.85 37.16 2.98
N LEU B 470 14.81 38.24 2.22
CA LEU B 470 16.02 38.69 1.51
C LEU B 470 16.97 39.47 2.39
N GLN B 471 16.52 40.01 3.52
CA GLN B 471 17.39 40.81 4.38
C GLN B 471 18.02 40.00 5.50
N HIS B 472 17.97 38.68 5.42
CA HIS B 472 18.81 37.82 6.23
C HIS B 472 20.19 37.71 5.58
N GLU B 473 21.05 36.87 6.16
CA GLU B 473 22.26 36.41 5.50
C GLU B 473 22.04 35.01 4.93
N SER B 474 20.84 34.45 5.14
CA SER B 474 20.42 33.19 4.56
C SER B 474 19.71 33.48 3.24
N LEU B 475 20.47 33.44 2.14
CA LEU B 475 19.92 33.80 0.84
C LEU B 475 20.71 33.13 -0.28
N PRO B 476 20.01 32.61 -1.31
CA PRO B 476 20.69 31.81 -2.33
C PRO B 476 21.30 32.61 -3.46
N ASP B 477 21.77 31.91 -4.49
CA ASP B 477 22.33 32.52 -5.68
C ASP B 477 21.27 33.27 -6.46
N ARG B 478 21.69 34.25 -7.28
CA ARG B 478 20.69 34.85 -8.16
C ARG B 478 20.45 34.08 -9.43
N ARG B 479 21.22 33.05 -9.69
CA ARG B 479 20.93 32.23 -10.87
C ARG B 479 19.96 31.12 -10.53
N ASP B 480 20.06 30.56 -9.32
CA ASP B 480 19.11 29.54 -8.89
C ASP B 480 17.83 30.15 -8.39
N LEU B 481 17.88 31.34 -7.83
CA LEU B 481 16.67 32.14 -7.76
C LEU B 481 16.45 32.74 -9.14
N ALA B 482 15.21 33.16 -9.42
CA ALA B 482 14.74 33.65 -10.73
C ALA B 482 14.83 32.60 -11.83
N TRP B 483 14.95 31.33 -11.46
CA TRP B 483 14.53 30.20 -12.26
C TRP B 483 13.55 29.36 -11.46
N THR B 484 13.53 29.52 -10.16
CA THR B 484 12.41 29.08 -9.36
C THR B 484 11.23 30.02 -9.46
N LEU B 485 11.45 31.32 -9.63
CA LEU B 485 10.34 32.25 -9.69
C LEU B 485 9.69 32.35 -11.07
N SER B 486 10.32 31.80 -12.11
CA SER B 486 9.80 31.89 -13.46
C SER B 486 9.31 30.56 -14.01
N GLN B 487 10.16 29.53 -13.94
CA GLN B 487 9.79 28.18 -14.35
C GLN B 487 9.05 27.42 -13.25
N GLY B 488 9.20 27.82 -11.99
CA GLY B 488 8.64 27.08 -10.89
C GLY B 488 7.41 27.67 -10.23
N ARG B 489 6.74 28.63 -10.83
CA ARG B 489 5.39 28.93 -10.39
C ARG B 489 4.53 29.21 -11.61
N LYS B 490 3.26 29.48 -11.37
CA LYS B 490 2.32 29.82 -12.43
C LYS B 490 2.10 31.32 -12.42
N ALA B 491 1.93 31.91 -13.60
CA ALA B 491 1.85 33.36 -13.76
C ALA B 491 0.38 33.79 -13.80
N PHE B 492 -0.10 34.34 -12.70
CA PHE B 492 -1.50 34.74 -12.56
C PHE B 492 -1.66 36.18 -13.05
N ALA B 493 -2.75 36.85 -12.67
CA ALA B 493 -3.02 38.17 -13.25
C ALA B 493 -2.13 39.27 -12.68
N HIS B 494 -2.34 39.66 -11.42
CA HIS B 494 -1.76 40.88 -10.86
C HIS B 494 -0.27 40.72 -10.66
N ARG B 495 0.54 41.08 -11.64
CA ARG B 495 1.97 40.77 -11.58
C ARG B 495 2.80 42.03 -11.49
N ALA B 496 3.96 41.90 -10.83
CA ALA B 496 4.96 42.95 -10.69
C ALA B 496 6.34 42.32 -10.79
N ALA B 497 7.32 43.05 -11.33
CA ALA B 497 8.65 42.44 -11.58
C ALA B 497 9.78 43.39 -11.20
N LEU B 498 11.02 42.88 -11.08
CA LEU B 498 12.17 43.72 -10.63
C LEU B 498 13.47 43.29 -11.30
N VAL B 499 14.18 44.23 -11.94
CA VAL B 499 15.53 43.91 -12.51
C VAL B 499 16.58 44.39 -11.51
N THR B 500 17.38 43.49 -10.94
CA THR B 500 18.33 43.90 -9.87
C THR B 500 19.72 43.27 -10.06
N ARG B 501 20.72 43.75 -9.31
CA ARG B 501 22.06 43.17 -9.36
C ARG B 501 22.45 42.47 -8.08
N ASP B 502 22.24 43.10 -6.92
CA ASP B 502 22.46 42.46 -5.63
C ASP B 502 21.16 42.39 -4.84
N LEU B 503 21.08 41.42 -3.95
CA LEU B 503 19.80 41.06 -3.37
C LEU B 503 19.45 41.84 -2.11
N HIS B 504 20.44 42.32 -1.36
CA HIS B 504 20.16 43.09 -0.15
C HIS B 504 19.48 44.41 -0.47
N ALA B 505 19.93 45.08 -1.54
CA ALA B 505 19.29 46.32 -1.97
C ALA B 505 17.87 46.09 -2.44
N ALA B 506 17.62 44.96 -3.10
CA ALA B 506 16.25 44.60 -3.47
C ALA B 506 15.40 44.31 -2.24
N GLY B 507 16.00 43.73 -1.20
CA GLY B 507 15.27 43.56 0.05
C GLY B 507 14.91 44.88 0.71
N THR B 508 15.80 45.88 0.60
CA THR B 508 15.45 47.21 1.09
C THR B 508 14.36 47.85 0.23
N LEU B 509 14.38 47.60 -1.07
CA LEU B 509 13.43 48.23 -1.98
C LEU B 509 12.02 47.68 -1.82
N LEU B 510 11.89 46.38 -1.60
CA LEU B 510 10.58 45.76 -1.53
C LEU B 510 9.80 46.06 -0.26
N GLN B 511 10.40 46.71 0.75
CA GLN B 511 9.71 46.94 2.00
C GLN B 511 9.17 48.37 2.15
N GLN B 512 9.34 49.22 1.15
CA GLN B 512 8.98 50.61 1.30
C GLN B 512 7.52 50.91 0.99
N ALA B 513 6.73 49.88 0.66
CA ALA B 513 5.27 49.90 0.65
C ALA B 513 4.71 50.90 -0.37
N ALA B 514 4.97 50.59 -1.64
CA ALA B 514 4.35 51.24 -2.80
C ALA B 514 4.64 52.73 -2.87
N THR B 515 5.86 53.10 -2.50
CA THR B 515 6.45 54.39 -2.85
C THR B 515 7.78 54.15 -3.52
N ALA B 516 7.80 53.23 -4.47
CA ALA B 516 9.03 52.66 -4.98
C ALA B 516 9.00 52.59 -6.50
N PRO B 517 10.17 52.64 -7.17
CA PRO B 517 10.21 52.58 -8.64
C PRO B 517 10.40 51.21 -9.30
N PHE B 518 9.33 50.42 -9.35
CA PHE B 518 9.38 49.17 -10.09
C PHE B 518 8.01 48.90 -10.69
N ALA B 519 7.97 47.99 -11.67
CA ALA B 519 6.80 47.75 -12.50
C ALA B 519 5.64 47.21 -11.68
N ARG B 520 4.42 47.41 -12.19
CA ARG B 520 3.21 47.11 -11.43
C ARG B 520 2.05 47.09 -12.40
N GLY B 521 0.99 46.36 -12.08
CA GLY B 521 -0.27 46.50 -12.79
C GLY B 521 -0.80 45.18 -13.29
N VAL B 522 -2.10 45.19 -13.58
CA VAL B 522 -2.85 43.99 -13.95
C VAL B 522 -2.45 43.54 -15.35
N ALA B 523 -2.49 42.23 -15.58
CA ALA B 523 -2.21 41.66 -16.88
C ALA B 523 -3.45 41.08 -17.50
N GLN B 524 -3.84 41.61 -18.64
CA GLN B 524 -4.88 41.10 -19.51
C GLN B 524 -4.24 40.44 -20.73
N THR B 525 -5.04 40.18 -21.77
CA THR B 525 -4.64 39.26 -22.83
C THR B 525 -3.50 39.80 -23.68
N GLN B 526 -3.73 40.90 -24.44
CA GLN B 526 -2.73 41.55 -25.31
C GLN B 526 -2.12 40.58 -26.32
N LEU B 527 -2.93 40.15 -27.27
CA LEU B 527 -2.47 39.20 -28.28
C LEU B 527 -1.96 39.96 -29.50
N GLY B 528 -0.71 40.44 -29.41
CA GLY B 528 -0.08 41.15 -30.50
C GLY B 528 0.59 42.45 -30.12
N LEU B 529 1.78 42.71 -30.67
CA LEU B 529 2.57 43.90 -30.36
C LEU B 529 2.91 44.64 -31.64
N GLY B 530 3.02 45.96 -31.55
CA GLY B 530 3.25 46.81 -32.70
C GLY B 530 4.60 47.48 -32.67
N LEU B 531 5.17 47.72 -33.85
CA LEU B 531 6.58 48.06 -34.00
C LEU B 531 6.70 49.43 -34.63
N LEU B 532 7.44 50.32 -33.99
CA LEU B 532 7.75 51.64 -34.53
C LEU B 532 9.22 51.66 -34.88
N PHE B 533 9.55 52.10 -36.08
CA PHE B 533 10.93 52.04 -36.54
C PHE B 533 11.48 53.46 -36.63
N SER B 534 12.71 53.65 -36.19
CA SER B 534 13.20 54.99 -35.95
C SER B 534 13.92 55.55 -37.17
N GLY B 535 14.18 56.85 -37.12
CA GLY B 535 14.84 57.55 -38.18
C GLY B 535 16.17 58.17 -37.78
N GLN B 536 16.72 59.01 -38.66
CA GLN B 536 18.10 59.43 -38.58
C GLN B 536 18.33 60.44 -37.46
N GLY B 537 19.59 60.49 -37.00
CA GLY B 537 20.08 61.58 -36.18
C GLY B 537 20.15 61.34 -34.69
N SER B 538 19.64 60.21 -34.19
CA SER B 538 19.54 59.97 -32.77
C SER B 538 20.61 59.02 -32.24
N GLN B 539 21.55 58.62 -33.11
CA GLN B 539 22.56 57.59 -32.74
C GLN B 539 23.65 58.15 -31.82
N TYR B 540 24.44 57.26 -31.19
CA TYR B 540 25.53 57.69 -30.29
C TYR B 540 26.81 56.88 -30.59
N GLN B 541 27.79 56.88 -29.68
CA GLN B 541 29.08 56.22 -29.97
C GLN B 541 29.11 54.78 -29.45
N ARG B 542 29.11 54.59 -28.13
CA ARG B 542 29.06 53.22 -27.55
C ARG B 542 27.64 52.68 -27.75
N MET B 543 27.23 52.48 -29.01
CA MET B 543 25.87 52.06 -29.30
C MET B 543 25.90 50.67 -29.91
N GLY B 544 25.10 49.77 -29.35
CA GLY B 544 25.08 48.41 -29.83
C GLY B 544 26.28 47.58 -29.43
N HIS B 545 27.06 48.04 -28.45
CA HIS B 545 28.26 47.32 -28.05
C HIS B 545 28.00 46.31 -26.96
N GLN B 546 27.13 46.63 -26.00
CA GLN B 546 26.91 45.75 -24.88
C GLN B 546 26.13 44.51 -25.27
N LEU B 547 25.18 44.64 -26.19
CA LEU B 547 24.40 43.50 -26.61
C LEU B 547 25.17 42.58 -27.55
N TYR B 548 26.31 43.01 -28.08
CA TYR B 548 27.02 42.17 -29.02
C TYR B 548 27.78 41.04 -28.35
N GLN B 549 28.31 41.25 -27.17
CA GLN B 549 29.14 40.24 -26.51
C GLN B 549 28.39 39.48 -25.44
N VAL B 550 27.07 39.63 -25.36
CA VAL B 550 26.25 38.93 -24.38
C VAL B 550 25.32 37.93 -25.06
N TRP B 551 24.42 38.40 -25.92
CA TRP B 551 23.41 37.58 -26.59
C TRP B 551 23.95 37.00 -27.90
N PRO B 552 23.54 35.78 -28.29
CA PRO B 552 24.08 35.19 -29.52
C PRO B 552 23.33 35.55 -30.79
N ALA B 553 22.03 35.83 -30.70
CA ALA B 553 21.25 36.11 -31.90
C ALA B 553 21.58 37.48 -32.48
N TYR B 554 21.71 38.49 -31.61
CA TYR B 554 22.14 39.83 -32.03
C TYR B 554 23.54 39.80 -32.63
N ALA B 555 24.45 39.06 -32.00
CA ALA B 555 25.82 39.00 -32.51
C ALA B 555 25.90 38.24 -33.82
N ASP B 556 25.07 37.20 -33.99
CA ASP B 556 25.10 36.46 -35.24
C ASP B 556 24.49 37.26 -36.37
N ALA B 557 23.32 37.87 -36.14
CA ALA B 557 22.64 38.59 -37.22
C ALA B 557 23.33 39.91 -37.53
N PHE B 558 24.05 40.49 -36.57
CA PHE B 558 24.89 41.63 -36.87
C PHE B 558 26.07 41.24 -37.76
N ASP B 559 26.56 40.01 -37.61
CA ASP B 559 27.79 39.62 -38.28
C ASP B 559 27.57 39.40 -39.77
N ARG B 560 26.39 38.91 -40.15
CA ARG B 560 26.10 38.67 -41.57
C ARG B 560 26.05 39.97 -42.35
N CYS B 561 25.49 41.02 -41.74
CA CYS B 561 25.42 42.32 -42.41
C CYS B 561 26.81 42.93 -42.56
N ALA B 562 27.73 42.63 -41.64
CA ALA B 562 29.07 43.19 -41.77
C ALA B 562 29.90 42.39 -42.76
N THR B 563 29.77 41.06 -42.75
CA THR B 563 30.60 40.21 -43.61
C THR B 563 30.24 40.36 -45.09
N LEU B 564 28.95 40.47 -45.41
CA LEU B 564 28.54 40.70 -46.79
C LEU B 564 29.06 42.05 -47.32
N LEU B 565 28.98 43.09 -46.50
CA LEU B 565 29.43 44.38 -46.99
C LEU B 565 30.96 44.47 -46.98
N GLU B 566 31.65 43.65 -46.18
CA GLU B 566 33.08 43.47 -46.42
C GLU B 566 33.33 42.74 -47.72
N ARG B 567 32.46 41.78 -48.07
CA ARG B 567 32.66 40.97 -49.26
C ARG B 567 32.46 41.79 -50.53
N GLU B 568 31.55 42.75 -50.51
CA GLU B 568 31.18 43.49 -51.71
C GLU B 568 31.44 44.99 -51.61
N TYR B 569 32.08 45.46 -50.55
CA TYR B 569 32.41 46.87 -50.38
C TYR B 569 33.66 46.96 -49.50
N GLN B 570 33.93 48.15 -48.96
CA GLN B 570 35.12 48.37 -48.14
C GLN B 570 34.87 49.05 -46.80
N LEU B 571 33.63 49.25 -46.39
CA LEU B 571 33.39 49.85 -45.08
C LEU B 571 33.46 48.74 -44.02
N ASP B 572 34.37 48.89 -43.06
CA ASP B 572 34.52 47.91 -42.01
C ASP B 572 33.62 48.26 -40.84
N ILE B 573 32.77 47.32 -40.46
CA ILE B 573 31.83 47.48 -39.35
C ILE B 573 32.37 46.63 -38.20
N ARG B 574 32.01 47.02 -36.97
CA ARG B 574 32.47 46.57 -35.64
C ARG B 574 33.81 47.20 -35.31
N HIS B 575 34.40 47.99 -36.21
CA HIS B 575 35.57 48.78 -35.88
C HIS B 575 35.17 50.05 -35.12
N GLU B 576 34.34 50.89 -35.75
CA GLU B 576 34.04 52.21 -35.22
C GLU B 576 33.06 52.14 -34.06
N LEU B 577 32.21 51.12 -34.01
CA LEU B 577 31.25 51.02 -32.92
C LEU B 577 31.87 50.40 -31.67
N PHE B 578 32.77 49.42 -31.84
CA PHE B 578 33.24 48.62 -30.72
C PHE B 578 34.67 48.95 -30.35
N ARG B 579 35.62 48.83 -31.28
CA ARG B 579 37.03 48.85 -30.94
C ARG B 579 37.71 50.20 -31.11
N ALA B 580 37.08 51.15 -31.81
CA ALA B 580 37.73 52.44 -32.03
C ALA B 580 37.70 53.29 -30.76
N GLU B 581 38.67 54.18 -30.65
CA GLU B 581 38.84 54.97 -29.44
C GLU B 581 37.79 56.08 -29.35
N VAL B 582 37.36 56.35 -28.12
CA VAL B 582 36.36 57.39 -27.88
C VAL B 582 37.04 58.74 -27.98
N SER B 583 36.52 59.60 -28.85
CA SER B 583 37.05 60.94 -29.06
C SER B 583 35.94 61.82 -29.58
N LEU B 584 36.27 63.09 -29.82
CA LEU B 584 35.30 64.02 -30.41
C LEU B 584 35.07 63.72 -31.88
N ALA B 585 36.14 63.37 -32.60
CA ALA B 585 36.02 63.15 -34.05
C ALA B 585 35.28 61.86 -34.37
N GLN B 586 35.30 60.89 -33.44
CA GLN B 586 34.51 59.67 -33.63
C GLN B 586 33.01 59.94 -33.55
N GLY B 587 32.61 60.99 -32.85
CA GLY B 587 31.21 61.36 -32.80
C GLY B 587 30.68 61.84 -34.14
N GLU B 588 31.43 62.70 -34.83
CA GLU B 588 31.02 63.23 -36.12
C GLU B 588 31.57 62.46 -37.30
N ARG B 589 32.34 61.40 -37.07
CA ARG B 589 32.70 60.51 -38.16
C ARG B 589 31.51 59.68 -38.63
N LEU B 590 30.68 59.22 -37.71
CA LEU B 590 29.51 58.42 -38.04
C LEU B 590 28.26 59.25 -38.28
N ALA B 591 28.26 60.51 -37.86
CA ALA B 591 27.12 61.39 -38.09
C ALA B 591 27.05 61.86 -39.54
N GLN B 592 28.10 61.65 -40.34
CA GLN B 592 28.04 61.97 -41.74
C GLN B 592 27.14 60.97 -42.46
N THR B 593 26.55 61.42 -43.57
CA THR B 593 25.52 60.65 -44.25
C THR B 593 26.09 59.47 -45.03
N CYS B 594 27.41 59.45 -45.24
CA CYS B 594 28.04 58.34 -45.95
C CYS B 594 27.98 57.04 -45.15
N LEU B 595 28.09 57.15 -43.83
CA LEU B 595 28.10 55.98 -42.94
C LEU B 595 26.81 55.77 -42.17
N THR B 596 25.96 56.78 -42.06
CA THR B 596 24.85 56.71 -41.12
C THR B 596 23.73 55.80 -41.65
N GLN B 597 23.65 55.59 -42.98
CA GLN B 597 22.60 54.72 -43.50
C GLN B 597 22.87 53.23 -43.23
N PRO B 598 24.02 52.61 -43.67
CA PRO B 598 24.10 51.14 -43.56
C PRO B 598 24.31 50.63 -42.13
N LEU B 599 25.03 51.40 -41.30
CA LEU B 599 25.21 51.02 -39.90
C LEU B 599 23.88 50.96 -39.18
N LEU B 600 23.05 51.98 -39.39
CA LEU B 600 21.76 52.03 -38.74
C LEU B 600 20.85 50.94 -39.28
N PHE B 601 20.94 50.62 -40.58
CA PHE B 601 20.15 49.52 -41.11
C PHE B 601 20.55 48.18 -40.51
N SER B 602 21.86 47.93 -40.37
CA SER B 602 22.32 46.67 -39.80
C SER B 602 21.92 46.55 -38.33
N VAL B 603 22.01 47.66 -37.58
CA VAL B 603 21.62 47.65 -36.18
C VAL B 603 20.14 47.37 -36.03
N GLU B 604 19.29 48.01 -36.84
CA GLU B 604 17.86 47.78 -36.70
C GLU B 604 17.46 46.37 -37.13
N TYR B 605 18.13 45.82 -38.15
CA TYR B 605 17.85 44.44 -38.51
C TYR B 605 18.31 43.46 -37.44
N ALA B 606 19.45 43.73 -36.81
CA ALA B 606 20.00 42.81 -35.79
C ALA B 606 19.14 42.88 -34.53
N LEU B 607 18.58 44.05 -34.23
CA LEU B 607 17.70 44.22 -33.04
C LEU B 607 16.35 43.56 -33.34
N ALA B 608 15.86 43.70 -34.58
CA ALA B 608 14.59 43.04 -34.96
C ALA B 608 14.77 41.52 -34.85
N GLN B 609 15.89 41.00 -35.35
CA GLN B 609 16.14 39.56 -35.25
C GLN B 609 16.15 39.10 -33.81
N LEU B 610 16.68 39.94 -32.91
CA LEU B 610 16.78 39.57 -31.49
C LEU B 610 15.40 39.52 -30.84
N TRP B 611 14.59 40.56 -31.07
CA TRP B 611 13.29 40.68 -30.42
C TRP B 611 12.29 39.63 -30.90
N LEU B 612 12.56 38.94 -32.01
CA LEU B 612 11.66 37.88 -32.46
C LEU B 612 11.87 36.60 -31.67
N SER B 613 13.12 36.30 -31.29
CA SER B 613 13.42 35.01 -30.66
C SER B 613 12.92 34.93 -29.23
N TRP B 614 12.55 36.04 -28.62
CA TRP B 614 12.04 36.02 -27.26
C TRP B 614 10.53 35.88 -27.22
N GLY B 615 9.89 35.69 -28.36
CA GLY B 615 8.46 35.43 -28.41
C GLY B 615 7.58 36.63 -28.67
N ILE B 616 7.87 37.37 -29.74
CA ILE B 616 7.08 38.51 -30.16
C ILE B 616 6.56 38.26 -31.56
N THR B 617 5.24 38.31 -31.71
CA THR B 617 4.59 38.23 -33.01
C THR B 617 4.08 39.62 -33.38
N PRO B 618 4.71 40.30 -34.34
CA PRO B 618 4.27 41.65 -34.68
C PRO B 618 2.99 41.65 -35.50
N THR B 619 2.24 42.75 -35.40
CA THR B 619 1.03 42.94 -36.18
C THR B 619 1.13 44.11 -37.14
N VAL B 620 1.58 45.27 -36.68
CA VAL B 620 1.66 46.48 -37.48
C VAL B 620 3.11 46.94 -37.52
N MET B 621 3.55 47.47 -38.66
CA MET B 621 4.96 47.81 -38.88
C MET B 621 5.04 49.13 -39.64
N ILE B 622 5.20 50.24 -38.94
CA ILE B 622 5.30 51.53 -39.60
C ILE B 622 6.77 51.89 -39.73
N GLY B 623 7.05 53.04 -40.34
CA GLY B 623 8.41 53.50 -40.48
C GLY B 623 8.51 55.01 -40.34
N HIS B 624 9.75 55.51 -40.34
CA HIS B 624 9.99 56.95 -40.38
C HIS B 624 11.36 57.17 -41.05
N SER B 625 11.33 57.37 -42.37
CA SER B 625 12.40 57.84 -43.26
C SER B 625 13.53 56.83 -43.50
N LEU B 626 13.62 55.82 -42.66
CA LEU B 626 14.59 54.73 -42.81
C LEU B 626 14.02 53.39 -42.40
N GLY B 627 12.89 53.36 -41.70
CA GLY B 627 12.31 52.11 -41.29
C GLY B 627 11.53 51.44 -42.41
N GLU B 628 11.35 52.13 -43.52
CA GLU B 628 10.76 51.45 -44.66
C GLU B 628 11.72 50.49 -45.31
N TRP B 629 13.02 50.76 -45.26
CA TRP B 629 13.99 49.89 -45.92
C TRP B 629 14.27 48.61 -45.14
N VAL B 630 13.86 48.53 -43.88
CA VAL B 630 14.00 47.30 -43.09
C VAL B 630 12.66 46.73 -42.66
N ALA B 631 11.60 47.53 -42.52
CA ALA B 631 10.26 46.99 -42.35
C ALA B 631 9.76 46.29 -43.59
N ALA B 632 10.29 46.65 -44.76
CA ALA B 632 10.03 45.86 -45.95
C ALA B 632 10.72 44.50 -45.87
N THR B 633 12.01 44.47 -45.52
CA THR B 633 12.74 43.21 -45.55
C THR B 633 12.41 42.30 -44.37
N LEU B 634 11.72 42.80 -43.35
CA LEU B 634 11.10 41.87 -42.40
C LEU B 634 9.82 41.25 -42.92
N ALA B 635 9.25 41.78 -43.99
CA ALA B 635 8.13 41.12 -44.66
C ALA B 635 8.57 40.25 -45.83
N GLY B 636 9.87 40.21 -46.11
CA GLY B 636 10.40 39.37 -47.16
C GLY B 636 10.04 39.78 -48.57
N VAL B 637 10.01 41.08 -48.86
CA VAL B 637 9.74 41.50 -50.23
C VAL B 637 10.98 41.38 -51.09
N PHE B 638 12.17 41.48 -50.51
CA PHE B 638 13.39 41.18 -51.26
C PHE B 638 14.44 40.67 -50.27
N SER B 639 15.54 40.20 -50.83
CA SER B 639 16.57 39.56 -50.04
C SER B 639 17.40 40.61 -49.30
N LEU B 640 18.05 40.16 -48.23
CA LEU B 640 18.90 41.02 -47.42
C LEU B 640 20.12 41.50 -48.20
N GLU B 641 20.70 40.63 -49.02
CA GLU B 641 21.87 40.99 -49.81
C GLU B 641 21.54 42.09 -50.81
N ASP B 642 20.40 41.95 -51.50
CA ASP B 642 19.94 42.99 -52.41
C ASP B 642 19.55 44.26 -51.65
N ALA B 643 19.07 44.13 -50.42
CA ALA B 643 18.71 45.28 -49.61
C ALA B 643 19.93 46.11 -49.27
N LEU B 644 21.01 45.46 -48.86
CA LEU B 644 22.24 46.17 -48.56
C LEU B 644 22.88 46.75 -49.82
N ARG B 645 22.82 46.00 -50.93
CA ARG B 645 23.33 46.49 -52.21
C ARG B 645 22.54 47.69 -52.73
N LEU B 646 21.28 47.81 -52.33
CA LEU B 646 20.51 48.99 -52.69
C LEU B 646 20.81 50.16 -51.77
N VAL B 647 20.90 49.91 -50.45
CA VAL B 647 21.01 51.01 -49.48
C VAL B 647 22.38 51.68 -49.58
N ALA B 648 23.46 50.90 -49.74
CA ALA B 648 24.79 51.50 -49.88
C ALA B 648 24.91 52.32 -51.16
N ARG B 649 24.36 51.78 -52.26
CA ARG B 649 24.30 52.50 -53.53
C ARG B 649 23.52 53.80 -53.42
N ARG B 650 22.36 53.75 -52.74
CA ARG B 650 21.53 54.94 -52.59
C ARG B 650 22.23 56.00 -51.75
N ALA B 651 22.86 55.58 -50.65
CA ALA B 651 23.54 56.53 -49.77
C ALA B 651 24.77 57.13 -50.43
N GLU B 652 25.45 56.39 -51.30
CA GLU B 652 26.55 56.99 -52.04
C GLU B 652 26.05 57.94 -53.12
N LEU B 653 24.98 57.57 -53.82
CA LEU B 653 24.45 58.42 -54.90
C LEU B 653 23.82 59.70 -54.38
N MET B 654 23.32 59.72 -53.14
CA MET B 654 22.67 60.92 -52.64
C MET B 654 23.61 61.74 -51.76
N HIS B 655 24.89 61.38 -51.71
CA HIS B 655 25.84 62.10 -50.88
C HIS B 655 26.49 63.27 -51.60
N GLN B 656 26.72 63.17 -52.90
CA GLN B 656 27.48 64.19 -53.63
C GLN B 656 26.69 65.44 -53.96
N ALA B 657 25.43 65.53 -53.52
CA ALA B 657 24.64 66.73 -53.70
C ALA B 657 25.23 67.88 -52.86
N PRO B 658 25.02 69.15 -53.29
CA PRO B 658 25.62 70.28 -52.57
C PRO B 658 25.00 70.59 -51.21
N SER B 659 25.37 71.75 -50.67
CA SER B 659 25.03 72.15 -49.31
C SER B 659 23.52 72.33 -49.12
N GLY B 660 23.04 71.93 -47.94
CA GLY B 660 21.64 72.06 -47.57
C GLY B 660 21.47 72.44 -46.11
N ALA B 661 20.22 72.44 -45.62
CA ALA B 661 19.94 72.89 -44.26
C ALA B 661 18.69 72.20 -43.75
N MET B 662 18.29 72.57 -42.52
CA MET B 662 17.14 71.99 -41.85
C MET B 662 16.55 73.00 -40.87
N LEU B 663 15.29 72.75 -40.50
CA LEU B 663 14.60 73.54 -39.50
C LEU B 663 13.44 72.72 -38.95
N MET B 664 13.12 72.93 -37.68
CA MET B 664 11.93 72.35 -37.07
C MET B 664 10.98 73.50 -36.81
N VAL B 665 9.74 73.38 -37.29
CA VAL B 665 8.73 74.40 -37.07
C VAL B 665 7.58 73.80 -36.28
N ALA B 666 7.10 74.54 -35.28
CA ALA B 666 6.05 74.07 -34.39
C ALA B 666 4.68 74.59 -34.82
N LEU B 667 4.34 74.32 -36.08
CA LEU B 667 3.07 74.73 -36.65
C LEU B 667 2.51 73.57 -37.46
N PRO B 668 1.18 73.45 -37.57
CA PRO B 668 0.59 72.31 -38.29
C PRO B 668 0.88 72.31 -39.79
N GLU B 669 0.47 71.23 -40.43
CA GLU B 669 0.85 70.98 -41.82
C GLU B 669 0.13 71.91 -42.79
N ALA B 670 -1.15 72.21 -42.53
CA ALA B 670 -1.88 73.14 -43.39
C ALA B 670 -1.35 74.56 -43.25
N GLN B 671 -1.06 74.98 -42.02
CA GLN B 671 -0.56 76.33 -41.78
C GLN B 671 0.81 76.55 -42.39
N ILE B 672 1.69 75.55 -42.29
CA ILE B 672 3.00 75.64 -42.92
C ILE B 672 2.87 75.56 -44.44
N ARG B 673 1.95 74.74 -44.94
CA ARG B 673 1.69 74.68 -46.37
C ARG B 673 1.00 75.93 -46.92
N ALA B 674 0.48 76.80 -46.06
CA ALA B 674 -0.14 78.05 -46.49
C ALA B 674 0.70 79.28 -46.12
N LEU B 675 1.09 79.43 -44.86
CA LEU B 675 1.70 80.66 -44.38
C LEU B 675 3.21 80.71 -44.59
N ILE B 676 3.74 79.94 -45.52
CA ILE B 676 5.16 79.96 -45.82
C ILE B 676 5.49 81.20 -46.64
N THR B 677 6.72 81.69 -46.49
CA THR B 677 7.20 82.85 -47.22
C THR B 677 7.83 82.48 -48.56
N ALA B 678 8.66 81.45 -48.56
CA ALA B 678 9.47 80.99 -49.69
C ALA B 678 8.88 79.72 -50.28
N PRO B 679 9.23 79.39 -51.53
CA PRO B 679 8.91 78.05 -52.04
C PRO B 679 9.81 76.99 -51.43
N LEU B 680 9.50 76.58 -50.20
CA LEU B 680 10.28 75.60 -49.46
C LEU B 680 9.47 74.33 -49.28
N ALA B 681 10.09 73.20 -49.59
CA ALA B 681 9.39 71.92 -49.58
C ALA B 681 9.18 71.42 -48.15
N ILE B 682 8.07 70.72 -47.96
CA ILE B 682 7.76 70.10 -46.67
C ILE B 682 8.61 68.84 -46.56
N ALA B 683 9.39 68.73 -45.49
CA ALA B 683 10.26 67.57 -45.37
C ALA B 683 9.58 66.42 -44.64
N ALA B 684 8.93 66.70 -43.50
CA ALA B 684 8.32 65.63 -42.72
C ALA B 684 7.18 66.21 -41.89
N VAL B 685 6.12 65.42 -41.74
CA VAL B 685 5.00 65.73 -40.84
C VAL B 685 4.97 64.64 -39.78
N ASN B 686 5.08 65.03 -38.51
CA ASN B 686 5.20 64.05 -37.42
C ASN B 686 4.01 64.07 -36.48
N ALA B 687 3.70 65.21 -35.89
CA ALA B 687 2.62 65.37 -34.92
C ALA B 687 1.84 66.61 -35.31
N PRO B 688 0.60 66.80 -34.80
CA PRO B 688 -0.09 68.07 -35.09
C PRO B 688 0.31 69.22 -34.18
N ASP B 689 1.60 69.32 -33.87
CA ASP B 689 2.25 70.52 -33.35
C ASP B 689 3.69 70.60 -33.86
N TYR B 690 4.00 69.94 -34.97
CA TYR B 690 5.38 69.57 -35.26
C TYR B 690 5.52 69.26 -36.75
N SER B 691 6.46 69.92 -37.41
CA SER B 691 6.78 69.64 -38.80
C SER B 691 8.18 70.15 -39.09
N VAL B 692 8.75 69.67 -40.19
CA VAL B 692 10.12 69.96 -40.60
C VAL B 692 10.09 70.53 -42.01
N ILE B 693 10.74 71.69 -42.20
CA ILE B 693 10.89 72.28 -43.51
C ILE B 693 12.36 72.31 -43.88
N ALA B 694 12.63 72.23 -45.18
CA ALA B 694 13.99 72.10 -45.68
C ALA B 694 14.15 72.93 -46.95
N GLY B 695 15.41 73.20 -47.30
CA GLY B 695 15.73 73.96 -48.47
C GLY B 695 17.21 74.26 -48.59
N PRO B 696 17.56 75.26 -49.39
CA PRO B 696 18.97 75.59 -49.58
C PRO B 696 19.58 76.22 -48.34
N THR B 697 20.91 76.39 -48.41
CA THR B 697 21.68 76.78 -47.24
C THR B 697 21.52 78.24 -46.86
N SER B 698 20.89 79.06 -47.71
CA SER B 698 20.66 80.46 -47.41
C SER B 698 19.20 80.83 -47.23
N GLU B 699 18.29 80.19 -47.99
CA GLU B 699 16.87 80.51 -47.88
C GLU B 699 16.30 80.04 -46.53
N ILE B 700 16.78 78.90 -46.05
CA ILE B 700 16.37 78.39 -44.73
C ILE B 700 16.89 79.32 -43.64
N LEU B 701 18.12 79.81 -43.78
CA LEU B 701 18.63 80.80 -42.84
C LEU B 701 17.86 82.11 -42.93
N ALA B 702 17.31 82.43 -44.10
CA ALA B 702 16.49 83.63 -44.24
C ALA B 702 15.17 83.49 -43.50
N VAL B 703 14.49 82.34 -43.66
CA VAL B 703 13.19 82.19 -43.02
C VAL B 703 13.33 81.93 -41.53
N SER B 704 14.45 81.33 -41.09
CA SER B 704 14.64 80.99 -39.69
C SER B 704 14.78 82.22 -38.81
N GLN B 705 15.55 83.21 -39.28
CA GLN B 705 15.78 84.41 -38.48
C GLN B 705 14.54 85.29 -38.41
N ARG B 706 13.76 85.34 -39.49
CA ARG B 706 12.53 86.11 -39.44
C ARG B 706 11.44 85.37 -38.68
N LEU B 707 11.50 84.04 -38.61
CA LEU B 707 10.54 83.31 -37.79
C LEU B 707 10.92 83.34 -36.32
N THR B 708 12.20 83.58 -36.02
CA THR B 708 12.60 83.81 -34.62
C THR B 708 12.02 85.11 -34.10
N GLU B 709 11.91 86.11 -34.97
CA GLU B 709 11.29 87.39 -34.60
C GLU B 709 9.81 87.23 -34.29
N GLN B 710 9.16 86.24 -34.90
CA GLN B 710 7.77 85.89 -34.61
C GLN B 710 7.59 85.29 -33.22
N ASN B 711 8.69 84.84 -32.59
CA ASN B 711 8.69 84.13 -31.30
C ASN B 711 7.85 82.85 -31.36
N ILE B 712 8.02 82.10 -32.45
CA ILE B 712 7.61 80.71 -32.54
C ILE B 712 8.89 79.89 -32.73
N ILE B 713 9.01 78.80 -31.97
CA ILE B 713 10.31 78.13 -31.77
C ILE B 713 10.76 77.43 -33.02
N ASN B 714 12.05 77.53 -33.33
CA ASN B 714 12.65 76.94 -34.53
C ASN B 714 14.10 76.48 -34.33
N LYS B 715 14.27 75.24 -33.89
CA LYS B 715 15.61 74.67 -33.81
C LYS B 715 15.99 74.08 -35.17
N ARG B 716 17.19 73.52 -35.24
CA ARG B 716 17.67 72.85 -36.43
C ARG B 716 17.83 71.35 -36.17
N LEU B 717 18.26 70.64 -37.21
CA LEU B 717 18.53 69.22 -37.11
C LEU B 717 19.99 68.87 -37.33
N HIS B 718 20.83 69.83 -37.74
CA HIS B 718 22.29 69.71 -37.88
C HIS B 718 22.67 68.60 -38.86
N THR B 719 22.31 68.81 -40.12
CA THR B 719 22.67 67.90 -41.19
C THR B 719 23.16 68.70 -42.39
N SER B 720 24.30 68.28 -42.96
CA SER B 720 24.90 68.96 -44.10
C SER B 720 24.06 68.83 -45.36
N HIS B 721 23.23 67.79 -45.48
CA HIS B 721 22.38 67.59 -46.63
C HIS B 721 20.93 67.87 -46.27
N ALA B 722 20.21 68.54 -47.16
CA ALA B 722 18.80 68.87 -46.93
C ALA B 722 17.94 67.78 -47.55
N PHE B 723 17.65 66.74 -46.77
CA PHE B 723 16.82 65.64 -47.23
C PHE B 723 15.39 66.11 -47.49
N HIS B 724 14.70 65.35 -48.34
CA HIS B 724 13.29 65.56 -48.69
C HIS B 724 13.03 66.93 -49.28
N SER B 725 14.00 67.45 -50.03
CA SER B 725 13.90 68.72 -50.73
C SER B 725 13.77 68.46 -52.23
N SER B 726 13.87 69.53 -53.01
CA SER B 726 13.51 69.52 -54.43
C SER B 726 14.73 69.47 -55.34
N MET B 727 15.78 68.72 -54.99
CA MET B 727 16.96 68.66 -55.85
C MET B 727 17.51 67.23 -55.97
N MET B 728 16.64 66.23 -55.84
CA MET B 728 17.05 64.82 -55.83
C MET B 728 16.25 64.00 -56.83
N GLN B 729 16.17 64.49 -58.07
CA GLN B 729 15.58 63.70 -59.14
C GLN B 729 16.61 62.83 -59.85
N ASP B 730 17.81 63.39 -60.08
CA ASP B 730 18.81 62.72 -60.91
C ASP B 730 19.37 61.46 -60.24
N ALA B 731 19.70 61.56 -58.95
CA ALA B 731 20.18 60.39 -58.22
C ALA B 731 19.09 59.34 -58.09
N ALA B 732 17.84 59.79 -57.93
CA ALA B 732 16.71 58.86 -57.84
C ALA B 732 16.51 58.09 -59.14
N GLN B 733 16.66 58.77 -60.29
CA GLN B 733 16.56 58.07 -61.57
C GLN B 733 17.75 57.15 -61.80
N ALA B 734 18.94 57.55 -61.32
CA ALA B 734 20.11 56.69 -61.43
C ALA B 734 19.95 55.41 -60.62
N LEU B 735 19.41 55.52 -59.41
CA LEU B 735 19.15 54.33 -58.62
C LEU B 735 17.92 53.56 -59.10
N ARG B 736 17.02 54.21 -59.85
CA ARG B 736 15.99 53.45 -60.56
C ARG B 736 16.62 52.59 -61.65
N GLN B 737 17.63 53.13 -62.33
CA GLN B 737 18.42 52.30 -63.24
C GLN B 737 19.19 51.23 -62.49
N ALA B 738 19.53 51.47 -61.23
CA ALA B 738 20.15 50.42 -60.42
C ALA B 738 19.09 49.41 -59.94
N PHE B 739 17.82 49.81 -59.89
CA PHE B 739 16.77 48.94 -59.36
C PHE B 739 16.50 47.74 -60.25
N GLU B 740 16.65 47.89 -61.57
CA GLU B 740 16.02 46.93 -62.46
C GLU B 740 16.85 45.68 -62.70
N ASN B 741 18.01 45.54 -62.07
CA ASN B 741 18.69 44.26 -62.09
C ASN B 741 18.01 43.25 -61.18
N VAL B 742 17.61 43.68 -59.99
CA VAL B 742 17.12 42.79 -58.95
C VAL B 742 15.62 42.50 -59.14
N ARG B 743 15.11 41.54 -58.38
CA ARG B 743 13.69 41.20 -58.36
C ARG B 743 13.14 41.36 -56.95
N LEU B 744 11.81 41.41 -56.84
CA LEU B 744 11.11 41.64 -55.58
C LEU B 744 10.06 40.56 -55.37
N ASN B 745 9.27 40.69 -54.30
CA ASN B 745 8.31 39.68 -53.92
C ASN B 745 7.08 40.36 -53.31
N PRO B 746 5.93 39.69 -53.27
CA PRO B 746 4.81 40.20 -52.48
C PRO B 746 5.08 40.07 -50.99
N PRO B 747 4.44 40.90 -50.16
CA PRO B 747 4.78 40.94 -48.73
C PRO B 747 4.16 39.79 -47.95
N THR B 748 4.34 39.85 -46.62
CA THR B 748 3.73 38.92 -45.68
C THR B 748 2.90 39.60 -44.62
N LEU B 749 3.46 40.59 -43.93
CA LEU B 749 2.84 41.21 -42.75
C LEU B 749 2.15 42.52 -43.11
N THR B 750 1.30 42.97 -42.20
CA THR B 750 0.42 44.11 -42.48
C THR B 750 1.18 45.43 -42.28
N ILE B 751 2.08 45.71 -43.21
CA ILE B 751 2.76 47.00 -43.25
C ILE B 751 1.74 48.07 -43.60
N ILE B 752 1.86 49.24 -42.99
CA ILE B 752 1.25 50.42 -43.55
C ILE B 752 2.38 51.35 -43.97
N SER B 753 2.07 52.21 -44.93
CA SER B 753 3.08 53.05 -45.55
C SER B 753 3.15 54.40 -44.85
N THR B 754 3.99 55.28 -45.39
CA THR B 754 4.20 56.61 -44.83
C THR B 754 3.80 57.73 -45.76
N VAL B 755 4.32 57.74 -47.00
CA VAL B 755 3.98 58.81 -47.93
C VAL B 755 2.55 58.67 -48.44
N THR B 756 2.03 57.45 -48.57
CA THR B 756 0.66 57.26 -49.01
C THR B 756 -0.33 57.58 -47.90
N GLY B 757 0.06 57.41 -46.65
CA GLY B 757 -0.82 57.64 -45.52
C GLY B 757 -1.80 56.54 -45.23
N ALA B 758 -1.70 55.40 -45.92
CA ALA B 758 -2.71 54.35 -45.82
C ALA B 758 -2.01 53.00 -45.90
N HIS B 759 -2.81 51.95 -46.12
CA HIS B 759 -2.34 50.56 -46.12
C HIS B 759 -1.46 50.26 -47.33
N VAL B 760 -1.05 49.01 -47.43
CA VAL B 760 -0.16 48.54 -48.49
C VAL B 760 -0.76 47.28 -49.11
N SER B 761 -0.96 47.32 -50.43
CA SER B 761 -1.47 46.20 -51.20
C SER B 761 -0.30 45.34 -51.70
N ALA B 762 -0.58 44.45 -52.66
CA ALA B 762 0.47 43.56 -53.16
C ALA B 762 1.47 44.28 -54.04
N ASP B 763 1.00 45.20 -54.89
CA ASP B 763 1.87 45.92 -55.81
C ASP B 763 2.29 47.29 -55.31
N THR B 764 1.99 47.63 -54.06
CA THR B 764 2.38 48.94 -53.57
C THR B 764 3.89 49.00 -53.33
N LEU B 765 4.47 47.91 -52.82
CA LEU B 765 5.91 47.86 -52.62
C LEU B 765 6.64 47.22 -53.79
N THR B 766 5.94 46.52 -54.67
CA THR B 766 6.57 45.84 -55.78
C THR B 766 6.98 46.84 -56.87
N THR B 767 6.36 48.01 -56.90
CA THR B 767 6.67 49.01 -57.92
C THR B 767 7.99 49.70 -57.61
N PRO B 768 8.93 49.78 -58.56
CA PRO B 768 10.18 50.51 -58.31
C PRO B 768 10.00 52.00 -58.09
N ASP B 769 8.87 52.58 -58.49
CA ASP B 769 8.66 54.01 -58.35
C ASP B 769 8.31 54.43 -56.92
N TYR B 770 7.89 53.48 -56.07
CA TYR B 770 7.58 53.81 -54.69
C TYR B 770 8.84 54.25 -53.93
N TRP B 771 9.97 53.60 -54.21
CA TRP B 771 11.19 53.97 -53.53
C TRP B 771 11.74 55.27 -54.09
N ILE B 772 11.34 55.65 -55.30
CA ILE B 772 11.68 56.95 -55.85
C ILE B 772 10.88 58.04 -55.17
N GLU B 773 9.56 57.85 -55.07
CA GLU B 773 8.73 58.87 -54.41
C GLU B 773 8.90 58.88 -52.91
N GLN B 774 9.56 57.87 -52.34
CA GLN B 774 9.82 57.84 -50.90
C GLN B 774 10.78 58.96 -50.47
N MET B 775 11.77 59.28 -51.30
CA MET B 775 12.78 60.27 -50.96
C MET B 775 12.34 61.71 -51.21
N LEU B 776 11.29 61.91 -52.00
CA LEU B 776 10.84 63.25 -52.39
C LEU B 776 9.57 63.71 -51.69
N MET B 777 8.58 62.83 -51.59
CA MET B 777 7.33 63.20 -50.95
C MET B 777 7.53 63.32 -49.43
N PRO B 778 6.77 64.20 -48.76
CA PRO B 778 6.97 64.36 -47.32
C PRO B 778 6.39 63.19 -46.55
N VAL B 779 7.21 62.60 -45.68
CA VAL B 779 6.73 61.53 -44.83
C VAL B 779 5.79 62.08 -43.77
N GLN B 780 4.64 61.46 -43.63
CA GLN B 780 3.57 61.97 -42.77
C GLN B 780 3.35 60.94 -41.67
N PHE B 781 4.05 61.11 -40.55
CA PHE B 781 3.96 60.16 -39.45
C PHE B 781 2.61 60.23 -38.74
N SER B 782 2.01 61.42 -38.67
CA SER B 782 0.78 61.58 -37.91
C SER B 782 -0.41 60.87 -38.57
N ALA B 783 -0.45 60.83 -39.89
CA ALA B 783 -1.57 60.17 -40.56
C ALA B 783 -1.48 58.65 -40.48
N ALA B 784 -0.31 58.11 -40.16
CA ALA B 784 -0.15 56.68 -39.99
C ALA B 784 -0.43 56.23 -38.57
N LEU B 785 -0.83 57.14 -37.69
CA LEU B 785 -0.95 56.82 -36.28
C LEU B 785 -2.32 57.18 -35.69
N GLN B 786 -3.19 57.87 -36.43
CA GLN B 786 -4.61 57.78 -36.09
C GLN B 786 -5.33 56.69 -36.85
N GLU B 787 -4.66 56.04 -37.81
CA GLU B 787 -5.24 54.92 -38.54
C GLU B 787 -4.79 53.57 -38.01
N ALA B 788 -3.54 53.47 -37.53
CA ALA B 788 -3.06 52.24 -36.91
C ALA B 788 -3.81 51.95 -35.61
N GLN B 789 -4.00 52.96 -34.77
CA GLN B 789 -4.74 52.73 -33.54
C GLN B 789 -6.25 52.67 -33.75
N ALA B 790 -6.73 52.89 -34.98
CA ALA B 790 -8.14 52.75 -35.31
C ALA B 790 -8.46 51.37 -35.87
N THR B 791 -7.66 50.87 -36.81
CA THR B 791 -7.88 49.53 -37.32
C THR B 791 -7.27 48.45 -36.44
N PHE B 792 -6.37 48.79 -35.52
CA PHE B 792 -5.79 47.85 -34.57
C PHE B 792 -5.84 48.48 -33.19
N ASP B 793 -5.82 47.66 -32.15
CA ASP B 793 -5.77 48.16 -30.78
C ASP B 793 -4.52 47.54 -30.15
N VAL B 794 -3.39 48.24 -30.24
CA VAL B 794 -2.08 47.63 -30.03
C VAL B 794 -1.17 48.62 -29.29
N ASP B 795 -0.22 48.08 -28.53
CA ASP B 795 0.87 48.85 -27.94
C ASP B 795 2.06 48.89 -28.90
N PHE B 796 2.91 49.90 -28.69
CA PHE B 796 3.96 50.23 -29.64
C PHE B 796 5.32 50.08 -28.96
N LEU B 797 6.18 49.27 -29.58
CA LEU B 797 7.57 49.07 -29.15
C LEU B 797 8.50 49.65 -30.18
N GLU B 798 9.32 50.61 -29.78
CA GLU B 798 10.32 51.16 -30.69
C GLU B 798 11.39 50.12 -30.98
N ILE B 799 11.96 50.20 -32.18
CA ILE B 799 13.22 49.54 -32.50
C ILE B 799 14.09 50.63 -33.09
N GLY B 800 14.95 51.23 -32.27
CA GLY B 800 15.72 52.37 -32.70
C GLY B 800 16.67 52.88 -31.64
N PRO B 801 17.68 53.64 -32.06
CA PRO B 801 18.75 54.04 -31.14
C PRO B 801 18.43 55.24 -30.26
N GLY B 802 17.19 55.65 -30.13
CA GLY B 802 16.90 56.79 -29.28
C GLY B 802 15.60 56.66 -28.51
N ALA B 803 15.00 57.80 -28.18
CA ALA B 803 13.68 57.80 -27.55
C ALA B 803 12.77 58.89 -28.10
N THR B 804 13.05 59.38 -29.31
CA THR B 804 12.28 60.49 -29.89
C THR B 804 10.85 60.06 -30.20
N LEU B 805 10.71 58.93 -30.91
CA LEU B 805 9.40 58.46 -31.36
C LEU B 805 8.50 58.08 -30.21
N THR B 806 9.08 57.47 -29.18
CA THR B 806 8.29 57.09 -28.01
C THR B 806 7.97 58.27 -27.12
N GLN B 807 8.69 59.39 -27.25
CA GLN B 807 8.26 60.63 -26.63
C GLN B 807 7.13 61.27 -27.43
N LEU B 808 7.13 61.10 -28.75
CA LEU B 808 6.06 61.64 -29.57
C LEU B 808 4.77 60.83 -29.48
N THR B 809 4.89 59.52 -29.34
CA THR B 809 3.72 58.64 -29.49
C THR B 809 2.79 58.70 -28.29
N ASN B 810 3.32 58.86 -27.08
CA ASN B 810 2.46 59.01 -25.92
C ASN B 810 1.99 60.44 -25.72
N GLY B 811 2.45 61.37 -26.54
CA GLY B 811 1.93 62.72 -26.56
C GLY B 811 0.67 62.89 -27.36
N HIS B 812 0.18 61.82 -27.99
CA HIS B 812 -1.08 61.84 -28.72
C HIS B 812 -2.22 61.44 -27.80
N ALA B 813 -3.37 61.11 -28.39
CA ALA B 813 -4.52 60.61 -27.65
C ALA B 813 -4.55 59.08 -27.63
N LEU B 814 -3.45 58.45 -27.22
CA LEU B 814 -3.39 57.01 -27.02
C LEU B 814 -3.94 56.71 -25.64
N GLY B 815 -5.26 56.48 -25.59
CA GLY B 815 -5.91 56.25 -24.31
C GLY B 815 -5.63 54.85 -23.81
N ASP B 816 -5.24 54.76 -22.52
CA ASP B 816 -4.80 53.58 -21.77
C ASP B 816 -3.93 52.60 -22.55
N ARG B 817 -3.01 53.14 -23.34
CA ARG B 817 -1.95 52.41 -24.02
C ARG B 817 -0.69 53.25 -23.92
N LEU B 818 0.47 52.61 -23.99
CA LEU B 818 1.70 53.38 -23.91
C LEU B 818 2.67 53.00 -25.01
N ALA B 819 3.88 53.54 -24.96
CA ALA B 819 4.95 53.17 -25.87
C ALA B 819 6.26 53.08 -25.11
N PHE B 820 7.10 52.10 -25.48
CA PHE B 820 8.34 51.82 -24.79
C PHE B 820 9.49 51.78 -25.79
N SER B 821 10.70 52.01 -25.31
CA SER B 821 11.87 52.07 -26.17
C SER B 821 12.69 50.79 -26.06
N SER B 822 13.88 50.80 -26.67
CA SER B 822 14.80 49.66 -26.61
C SER B 822 16.23 50.02 -26.29
N LEU B 823 16.67 51.25 -26.49
CA LEU B 823 18.04 51.61 -26.17
C LEU B 823 18.06 52.88 -25.34
N PRO B 824 19.11 53.08 -24.55
CA PRO B 824 19.22 54.34 -23.78
C PRO B 824 19.49 55.52 -24.69
N ALA B 825 19.10 56.69 -24.19
CA ALA B 825 19.09 57.93 -24.97
C ALA B 825 20.42 58.65 -24.84
N GLY B 826 21.44 58.07 -25.46
CA GLY B 826 22.73 58.76 -25.63
C GLY B 826 23.59 58.92 -24.40
N ALA B 827 23.06 59.56 -23.36
CA ALA B 827 23.86 59.86 -22.17
C ALA B 827 24.09 58.64 -21.29
N ARG B 828 23.14 57.70 -21.28
CA ARG B 828 23.29 56.48 -20.50
C ARG B 828 23.85 55.34 -21.36
N SER B 829 24.97 55.59 -22.03
CA SER B 829 25.46 54.69 -23.08
C SER B 829 26.00 53.36 -22.55
N SER B 830 26.14 53.20 -21.23
CA SER B 830 26.51 51.92 -20.65
C SER B 830 25.32 51.12 -20.12
N ASP B 831 24.10 51.62 -20.30
CA ASP B 831 22.90 50.94 -19.84
C ASP B 831 22.21 50.16 -20.97
N GLU B 832 22.95 49.67 -21.94
CA GLU B 832 22.35 48.89 -23.01
C GLU B 832 22.04 47.46 -22.59
N HIS B 833 22.43 47.05 -21.39
CA HIS B 833 22.04 45.76 -20.84
C HIS B 833 21.03 45.88 -19.73
N LYS B 834 20.83 47.07 -19.17
CA LYS B 834 19.72 47.27 -18.25
C LYS B 834 18.48 47.80 -18.95
N HIS B 835 18.65 48.57 -20.02
CA HIS B 835 17.51 49.29 -20.58
C HIS B 835 16.59 48.36 -21.35
N ILE B 836 17.15 47.46 -22.16
CA ILE B 836 16.33 46.48 -22.86
C ILE B 836 15.72 45.50 -21.85
N LEU B 837 16.44 45.18 -20.79
CA LEU B 837 15.95 44.23 -19.82
C LEU B 837 14.93 44.85 -18.89
N ASP B 838 14.84 46.17 -18.88
CA ASP B 838 13.73 46.87 -18.25
C ASP B 838 12.52 46.94 -19.16
N THR B 839 12.75 47.07 -20.47
CA THR B 839 11.66 47.00 -21.44
C THR B 839 10.97 45.63 -21.40
N VAL B 840 11.75 44.56 -21.25
CA VAL B 840 11.20 43.20 -21.17
C VAL B 840 10.31 43.05 -19.93
N ALA B 841 10.79 43.53 -18.80
CA ALA B 841 10.01 43.43 -17.58
C ALA B 841 8.86 44.43 -17.52
N ALA B 842 8.85 45.44 -18.39
CA ALA B 842 7.68 46.30 -18.44
C ALA B 842 6.67 45.89 -19.51
N LEU B 843 7.09 45.07 -20.48
CA LEU B 843 6.12 44.43 -21.37
C LEU B 843 5.46 43.24 -20.68
N TRP B 844 6.22 42.49 -19.87
CA TRP B 844 5.67 41.27 -19.28
C TRP B 844 4.57 41.55 -18.26
N VAL B 845 4.63 42.70 -17.58
CA VAL B 845 3.56 43.05 -16.64
C VAL B 845 2.25 43.27 -17.37
N ARG B 846 2.30 43.79 -18.59
CA ARG B 846 1.08 44.07 -19.33
C ARG B 846 0.39 42.79 -19.79
N GLY B 847 1.12 41.74 -20.09
CA GLY B 847 0.49 40.49 -20.42
C GLY B 847 1.05 39.80 -21.63
N HIS B 848 2.19 40.27 -22.12
CA HIS B 848 2.68 39.77 -23.40
C HIS B 848 3.34 38.41 -23.24
N ASN B 849 3.71 37.82 -24.36
CA ASN B 849 4.18 36.44 -24.43
C ASN B 849 5.70 36.36 -24.42
N ILE B 850 6.34 37.06 -23.50
CA ILE B 850 7.77 36.87 -23.24
C ILE B 850 7.91 35.59 -22.43
N ASP B 851 8.87 34.76 -22.76
CA ASP B 851 9.24 33.65 -21.90
C ASP B 851 10.46 34.07 -21.09
N LEU B 852 10.28 34.15 -19.77
CA LEU B 852 11.33 34.66 -18.88
C LEU B 852 12.31 33.59 -18.46
N SER B 853 12.50 32.56 -19.28
CA SER B 853 13.42 31.48 -18.98
C SER B 853 14.74 31.58 -19.75
N ALA B 854 14.80 32.41 -20.77
CA ALA B 854 16.07 32.65 -21.45
C ALA B 854 16.97 33.62 -20.70
N PHE B 855 16.43 34.34 -19.71
CA PHE B 855 17.18 35.24 -18.86
C PHE B 855 17.58 34.58 -17.55
N ALA B 856 17.80 33.26 -17.56
CA ALA B 856 18.07 32.51 -16.34
C ALA B 856 19.56 32.37 -16.06
N GLY B 857 20.29 31.75 -16.97
CA GLY B 857 21.70 31.54 -16.75
C GLY B 857 22.20 30.37 -17.56
N GLU B 858 23.18 29.67 -17.01
CA GLU B 858 23.80 28.57 -17.74
C GLU B 858 23.15 27.22 -17.44
N GLN B 859 23.16 26.81 -16.18
CA GLN B 859 22.48 25.58 -15.77
C GLN B 859 22.01 25.71 -14.32
N PRO B 860 20.74 26.06 -14.12
CA PRO B 860 20.27 26.36 -12.78
C PRO B 860 19.62 25.16 -12.08
N ARG B 861 19.53 25.29 -10.76
CA ARG B 861 18.80 24.39 -9.88
C ARG B 861 17.74 25.19 -9.13
N ARG B 862 16.94 24.52 -8.35
CA ARG B 862 15.89 25.18 -7.60
C ARG B 862 16.32 25.43 -6.17
N VAL B 863 15.55 26.29 -5.49
CA VAL B 863 15.81 26.59 -4.04
C VAL B 863 14.45 26.74 -3.37
N SER B 864 14.38 26.58 -2.05
CA SER B 864 13.10 26.76 -1.32
C SER B 864 12.80 28.25 -1.14
N LEU B 865 11.74 28.75 -1.77
CA LEU B 865 11.41 30.20 -1.70
C LEU B 865 10.04 30.38 -1.03
N PRO B 866 9.74 31.54 -0.39
CA PRO B 866 8.41 31.79 0.20
C PRO B 866 7.25 31.38 -0.72
N THR B 867 6.22 30.75 -0.17
CA THR B 867 5.13 30.24 -1.00
C THR B 867 4.12 31.34 -1.27
N TYR B 868 2.98 30.96 -1.86
CA TYR B 868 1.87 31.88 -2.06
C TYR B 868 1.32 32.35 -0.72
N ALA B 869 0.88 33.60 -0.65
CA ALA B 869 0.38 34.17 0.58
C ALA B 869 -1.13 34.30 0.51
N PHE B 870 -1.83 33.25 0.96
CA PHE B 870 -3.27 33.15 0.82
C PHE B 870 -4.00 34.18 1.67
N ASP B 871 -5.26 34.39 1.36
CA ASP B 871 -6.12 35.25 2.17
C ASP B 871 -6.73 34.43 3.30
N LYS B 872 -7.58 35.07 4.10
CA LYS B 872 -8.06 34.45 5.34
C LYS B 872 -9.49 34.92 5.58
N ILE B 873 -10.46 34.07 5.25
CA ILE B 873 -11.89 34.37 5.38
C ILE B 873 -12.53 33.31 6.28
N ARG B 874 -13.37 33.74 7.21
CA ARG B 874 -13.98 32.81 8.16
C ARG B 874 -15.19 32.10 7.56
N TYR B 875 -15.23 30.77 7.69
CA TYR B 875 -16.36 29.96 7.19
C TYR B 875 -16.70 28.91 8.25
N TRP B 876 -17.72 29.17 9.08
CA TRP B 876 -18.05 28.25 10.21
C TRP B 876 -19.56 28.19 10.39
N VAL B 877 -20.08 27.15 11.06
CA VAL B 877 -21.53 27.07 11.36
C VAL B 877 -21.75 27.74 12.73
N ASP B 878 -20.67 28.25 13.34
CA ASP B 878 -20.75 28.98 14.65
C ASP B 878 -21.13 28.05 15.81
N SER B 879 -21.14 26.73 15.58
CA SER B 879 -21.47 25.74 16.65
C SER B 879 -22.68 26.16 17.49
N PRO B 880 -23.92 26.03 16.97
CA PRO B 880 -25.12 26.46 17.70
C PRO B 880 -25.23 25.76 19.07
N GLU B 881 -24.72 24.54 19.18
CA GLU B 881 -24.77 23.78 20.46
C GLU B 881 -24.13 24.61 21.58
N GLU B 882 -22.91 25.10 21.38
CA GLU B 882 -22.21 25.87 22.44
C GLU B 882 -22.70 27.33 22.43
N GLN B 883 -23.31 27.78 21.32
CA GLN B 883 -23.89 29.14 21.29
C GLN B 883 -25.08 29.16 22.25
N ARG B 884 -25.56 27.97 22.65
CA ARG B 884 -26.67 27.87 23.64
C ARG B 884 -26.15 27.19 24.90
N LEU C 1530 10.28 -24.66 38.42
CA LEU C 1530 9.61 -23.42 38.76
C LEU C 1530 8.11 -23.56 38.46
N GLU C 1531 7.71 -24.73 37.98
CA GLU C 1531 6.36 -24.87 37.42
C GLU C 1531 5.31 -24.99 38.52
N GLN C 1532 5.46 -25.96 39.42
CA GLN C 1532 4.51 -26.09 40.52
C GLN C 1532 4.66 -24.94 41.51
N ARG C 1533 5.86 -24.36 41.60
CA ARG C 1533 6.07 -23.19 42.44
C ARG C 1533 5.25 -22.00 41.94
N LEU C 1534 5.34 -21.69 40.65
CA LEU C 1534 4.55 -20.60 40.09
C LEU C 1534 3.08 -20.93 40.00
N ALA C 1535 2.74 -22.23 39.91
CA ALA C 1535 1.36 -22.66 40.02
C ALA C 1535 0.77 -22.27 41.38
N GLU C 1536 1.46 -22.63 42.46
CA GLU C 1536 1.02 -22.20 43.78
C GLU C 1536 1.18 -20.69 43.99
N ILE C 1537 2.04 -20.03 43.22
CA ILE C 1537 2.17 -18.58 43.32
C ILE C 1537 0.91 -17.90 42.78
N TRP C 1538 0.39 -18.36 41.63
CA TRP C 1538 -0.88 -17.77 41.19
C TRP C 1538 -2.06 -18.37 41.94
N GLN C 1539 -1.85 -19.46 42.69
CA GLN C 1539 -2.82 -19.91 43.69
C GLN C 1539 -2.69 -19.18 45.03
N GLN C 1540 -1.97 -18.06 45.08
CA GLN C 1540 -1.84 -17.29 46.31
C GLN C 1540 -2.69 -16.02 46.28
N LEU C 1556 -6.89 -15.34 34.80
CA LEU C 1556 -6.23 -14.11 35.20
C LEU C 1556 -6.16 -13.16 34.01
N GLY C 1557 -6.65 -11.94 34.21
CA GLY C 1557 -6.48 -10.86 33.26
C GLY C 1557 -5.39 -9.92 33.75
N GLY C 1558 -4.52 -9.54 32.82
CA GLY C 1558 -3.34 -8.76 33.16
C GLY C 1558 -3.60 -7.31 33.51
N HIS C 1559 -3.37 -6.95 34.77
CA HIS C 1559 -3.44 -5.57 35.20
C HIS C 1559 -2.04 -4.96 35.16
N SER C 1560 -1.98 -3.63 35.00
CA SER C 1560 -0.70 -2.95 34.83
C SER C 1560 -0.14 -2.43 36.15
N LEU C 1561 -0.48 -3.08 37.27
CA LEU C 1561 0.15 -2.83 38.55
C LEU C 1561 0.62 -4.10 39.24
N LEU C 1562 0.08 -5.27 38.85
CA LEU C 1562 0.50 -6.57 39.38
C LEU C 1562 1.92 -6.93 38.95
N LEU C 1563 2.43 -6.22 37.95
CA LEU C 1563 3.79 -6.43 37.47
C LEU C 1563 4.80 -6.09 38.55
N VAL C 1564 4.51 -5.08 39.37
CA VAL C 1564 5.35 -4.72 40.51
C VAL C 1564 5.37 -5.84 41.54
N GLN C 1565 4.20 -6.41 41.83
CA GLN C 1565 4.13 -7.50 42.82
C GLN C 1565 4.83 -8.76 42.33
N MET C 1566 4.67 -9.09 41.04
CA MET C 1566 5.31 -10.28 40.51
C MET C 1566 6.80 -10.06 40.29
N GLN C 1567 7.23 -8.82 40.12
CA GLN C 1567 8.65 -8.50 40.10
C GLN C 1567 9.27 -8.65 41.48
N GLN C 1568 8.55 -8.18 42.50
CA GLN C 1568 9.03 -8.20 43.87
C GLN C 1568 9.11 -9.63 44.43
N TYR C 1569 8.15 -10.47 44.06
CA TYR C 1569 8.09 -11.83 44.60
C TYR C 1569 9.26 -12.71 44.16
N ILE C 1570 9.77 -12.48 42.95
CA ILE C 1570 10.85 -13.26 42.37
C ILE C 1570 12.15 -13.05 43.13
N GLY C 1571 12.36 -11.82 43.62
CA GLY C 1571 13.60 -11.40 44.22
C GLY C 1571 14.06 -12.12 45.48
N GLN C 1572 13.14 -12.69 46.27
CA GLN C 1572 13.55 -13.39 47.48
C GLN C 1572 13.66 -14.89 47.30
N GLN C 1573 12.59 -15.53 46.83
CA GLN C 1573 12.51 -16.98 46.73
C GLN C 1573 13.55 -17.55 45.77
N CYS C 1574 13.66 -16.97 44.57
CA CYS C 1574 14.63 -17.50 43.57
C CYS C 1574 15.77 -16.50 43.35
N GLY C 1575 15.67 -15.30 43.92
CA GLY C 1575 16.73 -14.29 43.79
C GLY C 1575 17.15 -14.09 42.34
N GLN C 1576 16.20 -13.84 41.45
CA GLN C 1576 16.52 -13.74 40.00
C GLN C 1576 16.22 -12.31 39.53
N HIS C 1577 15.10 -11.73 39.97
CA HIS C 1577 14.68 -10.37 39.55
C HIS C 1577 14.75 -10.25 38.02
N VAL C 1578 14.01 -11.09 37.30
CA VAL C 1578 14.00 -11.05 35.81
C VAL C 1578 13.42 -9.71 35.36
N ALA C 1579 13.96 -9.08 34.31
CA ALA C 1579 13.52 -7.74 33.83
C ALA C 1579 11.99 -7.62 33.73
N LEU C 1580 11.45 -6.42 33.98
CA LEU C 1580 10.01 -6.22 33.96
C LEU C 1580 9.48 -6.27 32.52
N VAL C 1581 10.31 -5.83 31.57
CA VAL C 1581 10.03 -5.96 30.15
C VAL C 1581 9.95 -7.43 29.76
N ASP C 1582 10.73 -8.30 30.43
CA ASP C 1582 10.62 -9.73 30.17
C ASP C 1582 9.52 -10.37 31.01
N LEU C 1583 8.93 -9.59 31.92
CA LEU C 1583 7.76 -10.10 32.69
C LEU C 1583 6.51 -9.69 31.92
N LEU C 1584 6.67 -8.82 30.92
CA LEU C 1584 5.50 -8.32 30.14
C LEU C 1584 5.33 -9.20 28.89
N ARG C 1585 4.76 -10.40 29.06
CA ARG C 1585 4.60 -11.33 27.90
C ARG C 1585 3.11 -11.54 27.63
N PHE C 1586 2.43 -12.33 28.47
CA PHE C 1586 0.99 -12.64 28.26
C PHE C 1586 0.23 -12.41 29.58
N THR C 1587 -0.93 -13.06 29.72
CA THR C 1587 -1.75 -12.91 30.95
C THR C 1587 -1.76 -14.22 31.74
N THR C 1588 -0.87 -15.15 31.40
CA THR C 1588 -0.88 -16.48 32.06
C THR C 1588 0.22 -16.53 33.13
N ILE C 1589 0.17 -17.51 34.03
CA ILE C 1589 1.22 -17.70 35.02
C ILE C 1589 1.79 -19.10 34.83
N LYS C 1590 0.91 -20.08 34.60
CA LYS C 1590 1.39 -21.43 34.42
C LYS C 1590 2.01 -21.61 33.04
N ARG C 1591 1.33 -21.17 31.98
CA ARG C 1591 1.88 -21.34 30.63
C ARG C 1591 3.00 -20.35 30.38
N LEU C 1592 2.89 -19.13 30.92
CA LEU C 1592 4.01 -18.20 30.91
C LEU C 1592 5.19 -18.71 31.72
N ALA C 1593 4.94 -19.44 32.81
CA ALA C 1593 6.01 -20.09 33.56
C ALA C 1593 6.69 -21.16 32.73
N GLU C 1594 5.91 -21.95 31.99
CA GLU C 1594 6.46 -22.96 31.10
C GLU C 1594 7.33 -22.35 30.00
N PHE C 1595 6.82 -21.31 29.34
CA PHE C 1595 7.55 -20.70 28.23
C PHE C 1595 8.78 -19.95 28.72
N LEU C 1596 8.69 -19.28 29.86
CA LEU C 1596 9.79 -18.47 30.35
C LEU C 1596 10.73 -19.28 31.25
N LEU C 1597 10.40 -20.54 31.52
CA LEU C 1597 11.39 -21.53 31.93
C LEU C 1597 12.16 -22.09 30.74
N ALA C 1598 11.47 -22.49 29.69
CA ALA C 1598 12.17 -22.98 28.51
C ALA C 1598 11.57 -22.46 27.21
N UNK D 1 15.43 -12.47 8.46
CA UNK D 1 15.23 -11.06 8.17
C UNK D 1 16.32 -10.53 7.26
N UNK D 2 17.43 -11.25 7.16
CA UNK D 2 18.49 -10.90 6.23
C UNK D 2 18.49 -11.75 4.97
N UNK D 3 17.42 -12.51 4.72
CA UNK D 3 17.18 -13.18 3.44
C UNK D 3 15.98 -12.62 2.69
N UNK D 4 14.90 -12.30 3.41
CA UNK D 4 13.77 -11.60 2.79
C UNK D 4 14.18 -10.22 2.34
N UNK D 5 15.09 -9.56 3.06
CA UNK D 5 15.57 -8.24 2.67
C UNK D 5 16.37 -8.30 1.38
N UNK D 6 17.22 -9.32 1.22
CA UNK D 6 17.99 -9.45 -0.02
C UNK D 6 17.10 -9.84 -1.19
N UNK D 7 16.07 -10.66 -0.93
CA UNK D 7 15.12 -10.97 -2.00
C UNK D 7 14.30 -9.75 -2.41
N UNK D 8 13.91 -8.92 -1.43
CA UNK D 8 13.22 -7.68 -1.73
C UNK D 8 14.07 -6.74 -2.57
N UNK D 9 15.33 -6.56 -2.19
CA UNK D 9 16.21 -5.69 -2.97
C UNK D 9 16.62 -6.28 -4.30
N UNK D 10 16.40 -7.58 -4.52
CA UNK D 10 16.45 -8.11 -5.88
C UNK D 10 15.11 -8.04 -6.59
N UNK D 11 14.02 -7.69 -5.89
CA UNK D 11 12.73 -7.54 -6.54
C UNK D 11 12.45 -6.11 -6.98
N UNK D 12 12.58 -5.15 -6.06
CA UNK D 12 12.23 -3.75 -6.30
C UNK D 12 13.24 -3.03 -7.18
N UNK D 13 14.37 -3.65 -7.52
CA UNK D 13 15.27 -3.07 -8.53
C UNK D 13 14.98 -3.66 -9.90
N UNK D 14 15.20 -4.99 -10.06
CA UNK D 14 14.83 -5.61 -11.34
C UNK D 14 14.49 -7.09 -11.13
N UNK D 15 13.23 -7.35 -10.75
CA UNK D 15 12.58 -8.63 -11.03
C UNK D 15 11.21 -8.43 -11.63
N UNK D 16 10.36 -7.71 -10.89
CA UNK D 16 9.06 -7.24 -11.35
C UNK D 16 8.98 -5.73 -11.39
N UNK D 17 9.91 -5.02 -10.76
CA UNK D 17 10.06 -3.59 -11.03
C UNK D 17 10.51 -3.35 -12.46
N UNK D 18 11.48 -4.11 -12.96
CA UNK D 18 11.95 -3.93 -14.33
C UNK D 18 10.89 -4.33 -15.34
N UNK D 19 10.10 -5.35 -15.04
CA UNK D 19 8.95 -5.72 -15.86
C UNK D 19 7.79 -4.78 -15.67
N UNK D 20 7.91 -3.79 -14.78
CA UNK D 20 6.85 -2.76 -14.64
C UNK D 20 7.37 -1.47 -15.26
N UNK D 21 8.66 -1.45 -15.62
CA UNK D 21 9.26 -0.26 -16.27
C UNK D 21 9.30 -0.51 -17.78
N UNK D 22 9.77 -1.68 -18.19
CA UNK D 22 9.83 -2.02 -19.64
C UNK D 22 8.40 -2.19 -20.17
N UNK D 23 7.51 -2.70 -19.32
CA UNK D 23 6.11 -2.94 -19.75
C UNK D 23 5.17 -1.99 -19.01
N UNK D 24 4.49 -1.09 -19.74
CA UNK D 24 3.50 -0.16 -19.13
C UNK D 24 4.06 0.61 -17.94
N UNK D 25 5.01 1.52 -18.17
CA UNK D 25 5.52 2.37 -17.06
C UNK D 25 4.61 3.60 -16.94
N UNK D 26 4.48 4.14 -15.72
CA UNK D 26 3.63 5.34 -15.50
C UNK D 26 4.27 6.22 -14.42
#